data_2FKD
#
_entry.id   2FKD
#
_cell.length_a   65.606
_cell.length_b   167.089
_cell.length_c   177.068
_cell.angle_alpha   90.00
_cell.angle_beta   90.00
_cell.angle_gamma   90.00
#
_symmetry.space_group_name_H-M   'P 21 21 21'
#
_entity_poly.entity_id   1
_entity_poly.type   'polypeptide(L)'
_entity_poly.pdbx_seq_one_letter_code
;SDAKRIEGFTLSEEILKSDKQLSVDAQFFTKPLTDGMAIRSEGKIYFVDKQASLSDGLWLVDIEGAISIRELTKLPGRKL
HVAGGKVPFECGIDDIKTLGRVVGVYSEVN
;
_entity_poly.pdbx_strand_id   A,B,C,D,E,F,G,H,I,J,K,L,M,N
#
# COMPACT_ATOMS: atom_id res chain seq x y z
N SER A 1 -6.29 14.90 -49.55
CA SER A 1 -7.13 13.93 -50.33
C SER A 1 -8.63 14.24 -50.19
N ASP A 2 -9.30 13.56 -49.27
CA ASP A 2 -10.73 13.76 -49.05
C ASP A 2 -11.04 14.80 -47.96
N ALA A 3 -11.39 16.01 -48.39
CA ALA A 3 -11.72 17.10 -47.47
C ALA A 3 -13.16 16.99 -46.96
N LYS A 4 -13.33 17.12 -45.65
CA LYS A 4 -14.65 17.03 -45.01
C LYS A 4 -14.83 18.19 -44.07
N ARG A 5 -15.97 18.84 -44.12
CA ARG A 5 -16.20 19.97 -43.24
C ARG A 5 -17.17 19.65 -42.11
N ILE A 6 -16.79 20.07 -40.90
CA ILE A 6 -17.57 19.85 -39.71
C ILE A 6 -17.83 21.21 -39.07
N GLU A 7 -19.05 21.42 -38.59
CA GLU A 7 -19.40 22.66 -37.89
C GLU A 7 -18.51 22.71 -36.63
N GLY A 8 -17.95 23.89 -36.33
CA GLY A 8 -17.10 23.99 -35.16
C GLY A 8 -17.69 24.78 -34.01
N PHE A 9 -17.18 24.54 -32.79
CA PHE A 9 -17.65 25.26 -31.60
C PHE A 9 -16.53 25.32 -30.57
N THR A 10 -16.74 26.07 -29.51
CA THR A 10 -15.77 26.09 -28.44
C THR A 10 -16.60 25.86 -27.19
N LEU A 11 -16.03 25.18 -26.22
CA LEU A 11 -16.71 24.89 -24.95
C LEU A 11 -15.84 25.50 -23.91
N SER A 12 -16.42 26.38 -23.11
CA SER A 12 -15.68 27.10 -22.08
C SER A 12 -16.66 27.55 -20.99
N GLU A 13 -16.20 27.40 -19.74
CA GLU A 13 -16.99 27.78 -18.57
C GLU A 13 -18.37 27.19 -18.69
N GLU A 14 -18.41 26.01 -19.31
CA GLU A 14 -19.60 25.23 -19.52
C GLU A 14 -20.60 25.86 -20.47
N ILE A 15 -20.10 26.70 -21.36
CA ILE A 15 -20.95 27.35 -22.36
C ILE A 15 -20.49 27.01 -23.75
N LEU A 16 -21.39 26.45 -24.56
CA LEU A 16 -21.05 26.05 -25.90
C LEU A 16 -21.25 27.23 -26.83
N LYS A 17 -20.29 27.50 -27.70
CA LYS A 17 -20.41 28.63 -28.61
C LYS A 17 -19.97 28.27 -30.03
N SER A 18 -20.81 28.59 -31.02
CA SER A 18 -20.47 28.30 -32.41
C SER A 18 -19.18 29.01 -32.84
N ASP A 19 -18.43 28.38 -33.76
CA ASP A 19 -17.17 28.93 -34.25
C ASP A 19 -16.87 28.54 -35.71
N LYS A 20 -15.66 28.85 -36.16
CA LYS A 20 -15.22 28.51 -37.51
C LYS A 20 -15.43 27.03 -37.79
N GLN A 21 -15.77 26.73 -39.04
CA GLN A 21 -15.95 25.35 -39.47
C GLN A 21 -14.54 24.73 -39.43
N LEU A 22 -14.49 23.41 -39.29
CA LEU A 22 -13.20 22.73 -39.24
C LEU A 22 -13.11 21.80 -40.41
N SER A 23 -11.95 21.76 -41.06
CA SER A 23 -11.72 20.88 -42.21
C SER A 23 -11.00 19.61 -41.75
N VAL A 24 -11.68 18.48 -41.93
CA VAL A 24 -11.17 17.19 -41.52
C VAL A 24 -11.28 16.15 -42.63
N ASP A 25 -10.47 15.10 -42.58
CA ASP A 25 -10.46 14.04 -43.58
C ASP A 25 -11.38 12.90 -43.12
N ALA A 26 -12.16 12.30 -44.01
CA ALA A 26 -13.07 11.20 -43.64
C ALA A 26 -12.34 9.99 -43.06
N GLN A 27 -11.04 9.94 -43.29
CA GLN A 27 -10.19 8.86 -42.77
C GLN A 27 -10.10 8.91 -41.25
N PHE A 28 -10.53 10.03 -40.67
CA PHE A 28 -10.51 10.17 -39.23
C PHE A 28 -11.55 9.32 -38.53
N PHE A 29 -12.60 8.98 -39.24
CA PHE A 29 -13.69 8.22 -38.66
C PHE A 29 -13.95 6.88 -39.34
N THR A 30 -13.91 5.81 -38.56
CA THR A 30 -14.19 4.47 -39.08
C THR A 30 -15.65 4.44 -39.52
N LYS A 31 -16.57 4.87 -38.66
CA LYS A 31 -17.96 4.90 -39.09
C LYS A 31 -18.16 6.29 -39.69
N PRO A 32 -19.06 6.41 -40.67
CA PRO A 32 -19.26 7.75 -41.26
C PRO A 32 -19.84 8.72 -40.23
N LEU A 33 -19.26 9.91 -40.18
CA LEU A 33 -19.69 10.96 -39.27
C LEU A 33 -20.43 12.00 -40.10
N THR A 34 -21.74 11.82 -40.26
CA THR A 34 -22.56 12.74 -41.06
C THR A 34 -22.91 14.06 -40.33
N ASP A 35 -23.75 14.00 -39.31
CA ASP A 35 -24.07 15.22 -38.60
C ASP A 35 -23.09 15.32 -37.42
N GLY A 36 -21.95 15.99 -37.63
CA GLY A 36 -20.97 16.06 -36.56
C GLY A 36 -20.63 17.44 -36.01
N MET A 37 -20.01 17.42 -34.85
CA MET A 37 -19.57 18.65 -34.22
C MET A 37 -18.08 18.48 -33.91
N ALA A 38 -17.36 19.58 -33.92
CA ALA A 38 -15.94 19.59 -33.60
C ALA A 38 -15.95 20.60 -32.46
N ILE A 39 -15.70 20.10 -31.25
CA ILE A 39 -15.72 20.96 -30.08
C ILE A 39 -14.30 21.21 -29.56
N ARG A 40 -13.88 22.48 -29.61
CA ARG A 40 -12.56 22.89 -29.13
C ARG A 40 -12.73 23.18 -27.62
N SER A 41 -12.11 22.36 -26.77
CA SER A 41 -12.20 22.56 -25.30
C SER A 41 -10.92 22.22 -24.58
N GLU A 42 -10.31 23.21 -23.94
CA GLU A 42 -9.05 23.02 -23.19
C GLU A 42 -7.91 22.33 -23.94
N GLY A 43 -7.52 22.89 -25.07
CA GLY A 43 -6.42 22.35 -25.83
C GLY A 43 -6.68 21.04 -26.53
N LYS A 44 -7.93 20.65 -26.64
CA LYS A 44 -8.30 19.43 -27.33
C LYS A 44 -9.51 19.69 -28.26
N ILE A 45 -9.63 18.86 -29.30
CA ILE A 45 -10.78 18.96 -30.18
C ILE A 45 -11.55 17.67 -30.05
N TYR A 46 -12.81 17.78 -29.68
CA TYR A 46 -13.66 16.60 -29.54
C TYR A 46 -14.55 16.51 -30.77
N PHE A 47 -14.61 15.34 -31.38
CA PHE A 47 -15.48 15.11 -32.53
C PHE A 47 -16.73 14.40 -32.01
N VAL A 48 -17.86 15.04 -32.16
CA VAL A 48 -19.08 14.46 -31.66
C VAL A 48 -20.09 14.08 -32.72
N ASP A 49 -20.76 12.96 -32.49
CA ASP A 49 -21.77 12.47 -33.41
C ASP A 49 -23.12 12.82 -32.76
N LYS A 50 -23.87 13.73 -33.37
CA LYS A 50 -25.15 14.14 -32.83
C LYS A 50 -26.19 13.02 -32.98
N GLN A 51 -25.96 12.13 -33.95
CA GLN A 51 -26.90 11.03 -34.21
C GLN A 51 -26.82 9.83 -33.32
N ALA A 52 -25.74 9.71 -32.57
CA ALA A 52 -25.54 8.55 -31.72
C ALA A 52 -26.72 8.21 -30.80
N SER A 53 -26.93 6.90 -30.61
CA SER A 53 -27.99 6.40 -29.72
C SER A 53 -27.31 6.10 -28.39
N LEU A 54 -27.99 6.35 -27.28
CA LEU A 54 -27.40 6.17 -25.95
C LEU A 54 -26.66 4.87 -25.79
N SER A 55 -25.41 4.93 -25.34
CA SER A 55 -24.63 3.72 -25.09
C SER A 55 -23.46 4.14 -24.23
N ASP A 56 -22.94 3.22 -23.42
CA ASP A 56 -21.84 3.60 -22.56
C ASP A 56 -20.71 4.22 -23.35
N GLY A 57 -20.19 5.33 -22.85
CA GLY A 57 -19.10 6.00 -23.53
C GLY A 57 -18.94 7.46 -23.13
N LEU A 58 -18.15 8.19 -23.91
CA LEU A 58 -17.88 9.60 -23.67
C LEU A 58 -18.94 10.45 -24.40
N TRP A 59 -19.64 11.31 -23.67
CA TRP A 59 -20.68 12.13 -24.26
C TRP A 59 -20.61 13.63 -24.03
N LEU A 60 -21.26 14.37 -24.94
CA LEU A 60 -21.34 15.83 -24.81
C LEU A 60 -22.70 15.95 -24.14
N VAL A 61 -22.76 16.52 -22.95
CA VAL A 61 -24.07 16.62 -22.33
C VAL A 61 -24.46 18.00 -21.84
N ASP A 62 -25.72 18.11 -21.55
CA ASP A 62 -26.31 19.34 -21.07
C ASP A 62 -27.03 18.92 -19.78
N ILE A 63 -26.54 19.40 -18.66
CA ILE A 63 -27.13 19.09 -17.36
C ILE A 63 -27.63 20.42 -16.78
N GLU A 64 -28.95 20.58 -16.70
CA GLU A 64 -29.55 21.81 -16.17
C GLU A 64 -28.85 23.05 -16.78
N GLY A 65 -28.72 23.07 -18.10
CA GLY A 65 -28.10 24.18 -18.78
C GLY A 65 -26.57 24.15 -18.95
N ALA A 66 -25.87 23.39 -18.10
CA ALA A 66 -24.41 23.33 -18.19
C ALA A 66 -23.99 22.30 -19.21
N ILE A 67 -23.03 22.69 -20.06
CA ILE A 67 -22.54 21.82 -21.11
C ILE A 67 -21.17 21.25 -20.73
N SER A 68 -21.02 19.94 -20.88
CA SER A 68 -19.74 19.34 -20.57
C SER A 68 -19.60 18.01 -21.25
N ILE A 69 -18.38 17.48 -21.20
CA ILE A 69 -18.03 16.17 -21.78
C ILE A 69 -17.97 15.18 -20.61
N ARG A 70 -18.80 14.15 -20.63
CA ARG A 70 -18.83 13.20 -19.53
C ARG A 70 -18.90 11.74 -19.92
N GLU A 71 -18.34 10.89 -19.07
CA GLU A 71 -18.34 9.47 -19.30
C GLU A 71 -19.70 8.96 -18.70
N LEU A 72 -20.52 8.38 -19.56
CA LEU A 72 -21.81 7.85 -19.13
C LEU A 72 -21.88 6.32 -19.06
N THR A 73 -22.50 5.82 -17.99
CA THR A 73 -22.65 4.39 -17.78
C THR A 73 -24.05 4.11 -17.31
N LYS A 74 -24.81 3.39 -18.12
CA LYS A 74 -26.19 3.02 -17.78
C LYS A 74 -26.20 2.07 -16.59
N LEU A 75 -27.12 2.30 -15.66
CA LEU A 75 -27.28 1.48 -14.48
C LEU A 75 -28.72 0.98 -14.50
N PRO A 76 -29.02 -0.13 -13.82
CA PRO A 76 -30.42 -0.60 -13.85
C PRO A 76 -31.43 0.41 -13.30
N GLY A 77 -32.55 0.58 -13.98
CA GLY A 77 -33.58 1.52 -13.52
C GLY A 77 -33.50 2.86 -14.21
N ARG A 78 -33.11 2.85 -15.49
CA ARG A 78 -32.96 4.06 -16.30
C ARG A 78 -32.10 5.07 -15.57
N LYS A 79 -31.03 4.58 -14.95
CA LYS A 79 -30.11 5.45 -14.20
C LYS A 79 -28.75 5.61 -14.92
N LEU A 80 -28.00 6.63 -14.51
CA LEU A 80 -26.69 6.90 -15.12
C LEU A 80 -25.58 7.17 -14.15
N HIS A 81 -24.41 6.65 -14.43
CA HIS A 81 -23.26 7.00 -13.65
C HIS A 81 -22.62 8.08 -14.50
N VAL A 82 -22.36 9.24 -13.92
CA VAL A 82 -21.73 10.32 -14.65
C VAL A 82 -20.34 10.65 -14.10
N ALA A 83 -19.31 10.42 -14.90
CA ALA A 83 -17.94 10.66 -14.45
C ALA A 83 -17.27 11.66 -15.37
N GLY A 84 -16.17 12.24 -14.92
CA GLY A 84 -15.48 13.21 -15.76
C GLY A 84 -15.26 14.50 -15.02
N GLY A 85 -16.17 14.85 -14.11
CA GLY A 85 -16.02 16.04 -13.32
C GLY A 85 -15.18 15.72 -12.09
N LYS A 86 -14.93 16.71 -11.24
CA LYS A 86 -14.15 16.46 -10.04
C LYS A 86 -14.74 15.39 -9.14
N VAL A 87 -16.05 15.22 -9.21
CA VAL A 87 -16.74 14.20 -8.40
C VAL A 87 -17.87 13.60 -9.21
N PRO A 88 -17.83 12.27 -9.39
CA PRO A 88 -18.81 11.50 -10.13
C PRO A 88 -20.07 11.42 -9.35
N PHE A 89 -21.19 11.13 -10.01
CA PHE A 89 -22.49 11.03 -9.34
C PHE A 89 -23.45 10.20 -10.21
N GLU A 90 -24.65 9.92 -9.69
CA GLU A 90 -25.64 9.17 -10.44
C GLU A 90 -26.88 10.02 -10.59
N CYS A 91 -27.71 9.67 -11.56
CA CYS A 91 -28.96 10.38 -11.79
C CYS A 91 -29.74 9.60 -12.79
N GLY A 92 -30.95 10.06 -13.08
CA GLY A 92 -31.77 9.37 -14.07
C GLY A 92 -31.38 9.84 -15.46
N ILE A 93 -31.62 9.01 -16.48
CA ILE A 93 -31.26 9.38 -17.85
C ILE A 93 -32.06 10.62 -18.25
N ASP A 94 -33.25 10.76 -17.65
CA ASP A 94 -34.13 11.88 -17.94
C ASP A 94 -33.68 13.18 -17.24
N ASP A 95 -32.67 13.10 -16.37
CA ASP A 95 -32.19 14.29 -15.68
C ASP A 95 -31.00 14.92 -16.44
N ILE A 96 -30.68 14.32 -17.58
CA ILE A 96 -29.58 14.78 -18.40
C ILE A 96 -29.99 14.75 -19.88
N LYS A 97 -29.49 15.73 -20.64
CA LYS A 97 -29.77 15.81 -22.08
C LYS A 97 -28.49 15.47 -22.87
N THR A 98 -28.56 14.42 -23.67
CA THR A 98 -27.38 14.05 -24.44
C THR A 98 -27.33 14.77 -25.78
N LEU A 99 -26.22 15.41 -26.11
CA LEU A 99 -26.15 16.12 -27.39
C LEU A 99 -25.47 15.29 -28.48
N GLY A 100 -24.71 14.28 -28.07
CA GLY A 100 -23.99 13.40 -28.99
C GLY A 100 -22.83 12.69 -28.33
N ARG A 101 -22.34 11.66 -28.99
CA ARG A 101 -21.25 10.87 -28.47
C ARG A 101 -19.93 11.31 -29.10
N VAL A 102 -18.88 11.34 -28.28
CA VAL A 102 -17.54 11.66 -28.74
C VAL A 102 -17.05 10.45 -29.51
N VAL A 103 -16.67 10.64 -30.76
CA VAL A 103 -16.17 9.52 -31.56
C VAL A 103 -14.66 9.54 -31.69
N GLY A 104 -14.07 10.71 -31.44
CA GLY A 104 -12.63 10.83 -31.52
C GLY A 104 -12.17 12.09 -30.83
N VAL A 105 -10.89 12.15 -30.52
CA VAL A 105 -10.34 13.29 -29.84
C VAL A 105 -8.98 13.61 -30.38
N TYR A 106 -8.73 14.90 -30.61
CA TYR A 106 -7.43 15.34 -31.04
C TYR A 106 -6.85 16.14 -29.89
N SER A 107 -5.54 16.02 -29.68
CA SER A 107 -4.86 16.72 -28.61
C SER A 107 -3.48 17.16 -29.07
N GLU A 108 -3.04 18.34 -28.63
CA GLU A 108 -1.71 18.84 -28.98
C GLU A 108 -0.91 18.73 -27.68
N VAL A 109 -1.63 18.77 -26.57
CA VAL A 109 -1.02 18.69 -25.23
C VAL A 109 -0.96 17.29 -24.63
N ASN A 110 0.23 16.68 -24.63
CA ASN A 110 0.44 15.32 -24.10
C ASN A 110 -0.17 15.24 -22.70
N SER B 1 -13.36 24.62 -43.66
CA SER B 1 -12.72 25.96 -43.79
C SER B 1 -11.33 25.91 -44.44
N ASP B 2 -10.29 25.88 -43.60
CA ASP B 2 -8.89 25.85 -44.04
C ASP B 2 -8.33 24.42 -44.20
N ALA B 3 -8.40 23.88 -45.41
CA ALA B 3 -7.89 22.53 -45.68
C ALA B 3 -6.35 22.51 -45.75
N LYS B 4 -5.75 21.51 -45.11
CA LYS B 4 -4.30 21.33 -45.09
C LYS B 4 -3.98 19.86 -45.35
N ARG B 5 -3.02 19.60 -46.24
CA ARG B 5 -2.66 18.22 -46.56
C ARG B 5 -1.32 17.84 -45.92
N ILE B 6 -1.25 16.62 -45.39
CA ILE B 6 -0.05 16.16 -44.74
C ILE B 6 0.25 14.79 -45.29
N GLU B 7 1.53 14.50 -45.50
CA GLU B 7 1.94 13.19 -46.01
C GLU B 7 1.59 12.14 -44.93
N GLY B 8 0.95 11.05 -45.36
CA GLY B 8 0.52 10.01 -44.43
C GLY B 8 1.37 8.76 -44.43
N PHE B 9 1.38 8.10 -43.28
CA PHE B 9 2.14 6.90 -43.10
C PHE B 9 1.42 5.95 -42.13
N THR B 10 1.94 4.74 -42.04
CA THR B 10 1.44 3.76 -41.08
C THR B 10 2.71 3.23 -40.40
N LEU B 11 2.59 2.87 -39.14
CA LEU B 11 3.71 2.36 -38.37
C LEU B 11 3.18 1.07 -37.85
N SER B 12 3.84 -0.03 -38.18
CA SER B 12 3.39 -1.35 -37.74
C SER B 12 4.61 -2.28 -37.71
N GLU B 13 4.69 -3.11 -36.68
CA GLU B 13 5.81 -4.02 -36.49
C GLU B 13 7.12 -3.25 -36.61
N GLU B 14 7.10 -2.01 -36.14
CA GLU B 14 8.25 -1.11 -36.15
C GLU B 14 8.75 -0.70 -37.55
N ILE B 15 7.87 -0.84 -38.53
CA ILE B 15 8.17 -0.47 -39.91
C ILE B 15 7.29 0.69 -40.35
N LEU B 16 7.93 1.72 -40.87
CA LEU B 16 7.24 2.91 -41.36
C LEU B 16 6.91 2.75 -42.85
N LYS B 17 5.64 2.85 -43.17
CA LYS B 17 5.21 2.67 -44.55
C LYS B 17 4.39 3.86 -45.02
N SER B 18 4.72 4.37 -46.20
CA SER B 18 4.01 5.52 -46.78
C SER B 18 2.58 5.11 -47.05
N ASP B 19 1.67 6.08 -47.02
CA ASP B 19 0.24 5.84 -47.24
C ASP B 19 -0.47 7.09 -47.76
N LYS B 20 -1.78 6.99 -47.87
CA LYS B 20 -2.61 8.08 -48.36
C LYS B 20 -2.34 9.38 -47.63
N GLN B 21 -2.50 10.49 -48.35
CA GLN B 21 -2.34 11.84 -47.83
C GLN B 21 -3.51 12.03 -46.86
N LEU B 22 -3.31 12.82 -45.81
CA LEU B 22 -4.36 13.05 -44.83
C LEU B 22 -4.71 14.52 -44.87
N SER B 23 -6.00 14.81 -44.92
CA SER B 23 -6.41 16.20 -44.99
C SER B 23 -6.78 16.65 -43.61
N VAL B 24 -6.12 17.70 -43.15
CA VAL B 24 -6.38 18.25 -41.82
C VAL B 24 -6.55 19.76 -41.86
N ASP B 25 -7.01 20.37 -40.78
CA ASP B 25 -7.23 21.81 -40.75
C ASP B 25 -6.07 22.43 -39.99
N ALA B 26 -5.63 23.62 -40.41
CA ALA B 26 -4.52 24.27 -39.74
C ALA B 26 -4.81 24.58 -38.25
N GLN B 27 -6.09 24.66 -37.90
CA GLN B 27 -6.53 24.93 -36.52
C GLN B 27 -6.07 23.86 -35.55
N PHE B 28 -5.64 22.73 -36.09
CA PHE B 28 -5.17 21.62 -35.26
C PHE B 28 -3.89 21.95 -34.55
N PHE B 29 -3.08 22.83 -35.16
CA PHE B 29 -1.78 23.16 -34.61
C PHE B 29 -1.55 24.61 -34.23
N THR B 30 -1.23 24.82 -32.97
CA THR B 30 -0.95 26.16 -32.48
C THR B 30 0.26 26.71 -33.24
N LYS B 31 1.34 25.95 -33.30
CA LYS B 31 2.50 26.41 -34.07
C LYS B 31 2.25 25.91 -35.51
N PRO B 32 2.85 26.57 -36.51
CA PRO B 32 2.61 26.11 -37.87
C PRO B 32 3.38 24.80 -38.12
N LEU B 33 2.68 23.83 -38.67
CA LEU B 33 3.28 22.54 -38.97
C LEU B 33 3.52 22.53 -40.46
N THR B 34 4.71 22.94 -40.87
CA THR B 34 4.99 22.98 -42.30
C THR B 34 5.39 21.63 -42.89
N ASP B 35 6.48 21.05 -42.42
CA ASP B 35 6.93 19.76 -42.94
C ASP B 35 6.47 18.71 -41.92
N GLY B 36 5.28 18.16 -42.13
CA GLY B 36 4.77 17.20 -41.17
C GLY B 36 4.42 15.84 -41.70
N MET B 37 4.21 14.91 -40.76
CA MET B 37 3.82 13.54 -41.08
C MET B 37 2.61 13.27 -40.23
N ALA B 38 1.77 12.36 -40.72
CA ALA B 38 0.56 11.89 -40.03
C ALA B 38 0.82 10.39 -39.98
N ILE B 39 1.08 9.88 -38.78
CA ILE B 39 1.36 8.47 -38.69
C ILE B 39 0.26 7.68 -38.03
N ARG B 40 -0.34 6.80 -38.79
CA ARG B 40 -1.40 5.95 -38.27
C ARG B 40 -0.75 4.77 -37.56
N SER B 41 -0.93 4.70 -36.23
CA SER B 41 -0.34 3.63 -35.43
C SER B 41 -1.25 3.17 -34.31
N GLU B 42 -1.60 1.88 -34.34
CA GLU B 42 -2.51 1.27 -33.35
C GLU B 42 -3.76 2.12 -32.98
N GLY B 43 -4.58 2.40 -33.99
CA GLY B 43 -5.80 3.14 -33.75
C GLY B 43 -5.65 4.60 -33.42
N LYS B 44 -4.47 5.17 -33.61
CA LYS B 44 -4.30 6.60 -33.34
C LYS B 44 -3.59 7.26 -34.50
N ILE B 45 -3.67 8.58 -34.61
CA ILE B 45 -2.93 9.23 -35.67
C ILE B 45 -2.03 10.20 -34.94
N TYR B 46 -0.71 10.02 -35.11
CA TYR B 46 0.26 10.92 -34.51
C TYR B 46 0.66 11.97 -35.55
N PHE B 47 0.73 13.23 -35.15
CA PHE B 47 1.14 14.30 -36.07
C PHE B 47 2.57 14.69 -35.68
N VAL B 48 3.49 14.48 -36.62
CA VAL B 48 4.88 14.71 -36.35
C VAL B 48 5.44 15.93 -37.07
N ASP B 49 6.38 16.58 -36.40
CA ASP B 49 7.03 17.74 -36.95
C ASP B 49 8.45 17.31 -37.22
N LYS B 50 8.74 17.14 -38.51
CA LYS B 50 10.07 16.70 -38.91
C LYS B 50 11.14 17.73 -38.65
N GLN B 51 10.77 18.99 -38.51
CA GLN B 51 11.76 20.07 -38.31
C GLN B 51 12.13 20.37 -36.88
N ALA B 52 11.40 19.74 -35.94
CA ALA B 52 11.62 19.99 -34.53
C ALA B 52 13.05 19.79 -34.08
N SER B 53 13.51 20.64 -33.16
CA SER B 53 14.86 20.55 -32.61
C SER B 53 14.73 19.69 -31.36
N LEU B 54 15.76 18.91 -31.05
CA LEU B 54 15.68 18.02 -29.91
C LEU B 54 15.28 18.70 -28.60
N SER B 55 14.21 18.21 -27.98
CA SER B 55 13.74 18.78 -26.71
C SER B 55 12.96 17.67 -25.99
N ASP B 56 12.89 17.70 -24.65
CA ASP B 56 12.16 16.63 -23.96
C ASP B 56 10.73 16.59 -24.50
N GLY B 57 10.20 15.39 -24.72
CA GLY B 57 8.85 15.25 -25.23
C GLY B 57 8.60 13.90 -25.91
N LEU B 58 7.56 13.82 -26.74
CA LEU B 58 7.21 12.57 -27.46
C LEU B 58 7.79 12.59 -28.90
N TRP B 59 8.61 11.59 -29.22
CA TRP B 59 9.24 11.54 -30.53
C TRP B 59 9.04 10.33 -31.41
N LEU B 60 9.12 10.59 -32.71
CA LEU B 60 9.09 9.50 -33.66
C LEU B 60 10.59 9.19 -33.79
N VAL B 61 11.00 7.96 -33.50
CA VAL B 61 12.43 7.63 -33.59
C VAL B 61 12.77 6.37 -34.40
N ASP B 62 14.06 6.26 -34.70
CA ASP B 62 14.65 5.16 -35.47
C ASP B 62 15.80 4.64 -34.62
N ILE B 63 15.67 3.46 -34.03
CA ILE B 63 16.78 2.93 -33.23
C ILE B 63 17.29 1.67 -33.88
N GLU B 64 18.53 1.73 -34.39
CA GLU B 64 19.12 0.59 -35.09
C GLU B 64 18.07 0.04 -36.06
N GLY B 65 17.53 0.90 -36.93
CA GLY B 65 16.53 0.45 -37.90
C GLY B 65 15.05 0.33 -37.50
N ALA B 66 14.79 0.08 -36.21
CA ALA B 66 13.43 -0.03 -35.70
C ALA B 66 12.80 1.35 -35.49
N ILE B 67 11.57 1.54 -35.96
CA ILE B 67 10.86 2.83 -35.82
C ILE B 67 9.80 2.74 -34.73
N SER B 68 9.74 3.75 -33.91
CA SER B 68 8.74 3.76 -32.85
C SER B 68 8.55 5.12 -32.27
N ILE B 69 7.50 5.25 -31.44
CA ILE B 69 7.22 6.51 -30.80
C ILE B 69 7.68 6.43 -29.33
N ARG B 70 8.53 7.35 -28.93
CA ARG B 70 9.05 7.30 -27.58
C ARG B 70 9.13 8.65 -26.90
N GLU B 71 9.07 8.64 -25.57
CA GLU B 71 9.19 9.85 -24.76
C GLU B 71 10.68 9.94 -24.48
N LEU B 72 11.27 11.04 -24.86
CA LEU B 72 12.70 11.22 -24.67
C LEU B 72 12.96 12.25 -23.62
N THR B 73 13.94 11.99 -22.77
CA THR B 73 14.31 12.97 -21.74
C THR B 73 15.83 13.10 -21.69
N LYS B 74 16.31 14.32 -21.92
CA LYS B 74 17.75 14.56 -21.92
C LYS B 74 18.35 14.40 -20.56
N LEU B 75 19.52 13.79 -20.52
CA LEU B 75 20.28 13.58 -19.29
C LEU B 75 21.68 14.17 -19.48
N PRO B 76 22.31 14.59 -18.39
CA PRO B 76 23.65 15.17 -18.56
C PRO B 76 24.61 14.18 -19.24
N GLY B 77 25.41 14.68 -20.17
CA GLY B 77 26.38 13.84 -20.86
C GLY B 77 25.91 13.41 -22.23
N ARG B 78 25.08 14.24 -22.85
CA ARG B 78 24.51 13.91 -24.14
C ARG B 78 23.82 12.54 -24.06
N LYS B 79 23.20 12.22 -22.92
CA LYS B 79 22.48 10.96 -22.80
C LYS B 79 20.95 11.15 -22.92
N LEU B 80 20.24 10.04 -23.07
CA LEU B 80 18.79 10.06 -23.20
C LEU B 80 18.11 8.98 -22.39
N HIS B 81 16.94 9.32 -21.86
CA HIS B 81 16.14 8.31 -21.17
C HIS B 81 15.07 8.08 -22.21
N VAL B 82 14.81 6.83 -22.54
CA VAL B 82 13.84 6.47 -23.58
C VAL B 82 12.74 5.60 -23.01
N ALA B 83 11.55 6.20 -22.87
CA ALA B 83 10.37 5.48 -22.32
C ALA B 83 9.29 5.31 -23.37
N GLY B 84 8.36 4.39 -23.12
CA GLY B 84 7.32 4.18 -24.11
C GLY B 84 7.25 2.71 -24.47
N GLY B 85 8.39 2.04 -24.45
CA GLY B 85 8.41 0.60 -24.71
C GLY B 85 8.19 -0.17 -23.40
N LYS B 86 8.09 -1.50 -23.47
CA LYS B 86 7.83 -2.30 -22.27
C LYS B 86 8.80 -2.03 -21.14
N VAL B 87 10.03 -1.65 -21.47
CA VAL B 87 11.04 -1.38 -20.45
C VAL B 87 11.89 -0.24 -20.90
N PRO B 88 11.91 0.84 -20.14
CA PRO B 88 12.69 2.03 -20.48
C PRO B 88 14.18 1.74 -20.40
N PHE B 89 14.99 2.64 -20.94
CA PHE B 89 16.45 2.45 -20.93
C PHE B 89 17.14 3.76 -21.25
N GLU B 90 18.45 3.78 -21.05
CA GLU B 90 19.26 4.97 -21.35
C GLU B 90 20.19 4.70 -22.52
N CYS B 91 20.68 5.77 -23.14
CA CYS B 91 21.60 5.61 -24.24
C CYS B 91 22.07 7.01 -24.60
N GLY B 92 23.02 7.10 -25.53
CA GLY B 92 23.50 8.40 -25.95
C GLY B 92 22.59 8.95 -27.04
N ILE B 93 22.55 10.26 -27.20
CA ILE B 93 21.68 10.84 -28.23
C ILE B 93 22.14 10.40 -29.60
N ASP B 94 23.39 9.96 -29.68
CA ASP B 94 23.95 9.55 -30.96
C ASP B 94 23.65 8.09 -31.26
N ASP B 95 23.04 7.38 -30.32
CA ASP B 95 22.70 5.99 -30.55
C ASP B 95 21.30 5.90 -31.17
N ILE B 96 20.68 7.05 -31.34
CA ILE B 96 19.33 7.08 -31.86
C ILE B 96 19.14 8.18 -32.88
N LYS B 97 18.23 7.97 -33.81
CA LYS B 97 17.98 9.02 -34.76
C LYS B 97 16.58 9.53 -34.52
N THR B 98 16.41 10.85 -34.41
CA THR B 98 15.08 11.43 -34.24
C THR B 98 14.46 11.89 -35.61
N LEU B 99 13.26 11.41 -35.91
CA LEU B 99 12.60 11.75 -37.16
C LEU B 99 11.70 12.93 -37.03
N GLY B 100 11.33 13.26 -35.80
CA GLY B 100 10.45 14.41 -35.59
C GLY B 100 9.71 14.32 -34.29
N ARG B 101 9.19 15.46 -33.83
CA ARG B 101 8.45 15.45 -32.60
C ARG B 101 6.94 15.35 -32.83
N VAL B 102 6.25 14.65 -31.94
CA VAL B 102 4.80 14.51 -32.04
C VAL B 102 4.25 15.79 -31.50
N VAL B 103 3.45 16.51 -32.27
CA VAL B 103 2.88 17.78 -31.75
C VAL B 103 1.41 17.60 -31.45
N GLY B 104 0.84 16.45 -31.85
CA GLY B 104 -0.56 16.23 -31.60
C GLY B 104 -0.98 14.82 -31.84
N VAL B 105 -2.04 14.38 -31.19
CA VAL B 105 -2.49 13.02 -31.36
C VAL B 105 -3.97 12.89 -31.47
N TYR B 106 -4.44 12.13 -32.45
CA TYR B 106 -5.86 11.92 -32.61
C TYR B 106 -6.19 10.47 -32.29
N SER B 107 -7.28 10.26 -31.56
CA SER B 107 -7.60 8.92 -31.18
C SER B 107 -9.10 8.66 -31.27
N GLU B 108 -9.48 7.44 -31.63
CA GLU B 108 -10.89 7.10 -31.69
C GLU B 108 -11.15 6.15 -30.51
N VAL B 109 -10.09 5.48 -30.07
CA VAL B 109 -10.14 4.50 -28.95
C VAL B 109 -9.76 5.09 -27.57
N ASN B 110 -10.75 5.24 -26.70
CA ASN B 110 -10.57 5.81 -25.36
C ASN B 110 -9.45 5.10 -24.54
N SER C 1 -7.42 -29.19 -41.45
CA SER C 1 -8.03 -30.51 -41.14
C SER C 1 -9.57 -30.46 -41.10
N ASP C 2 -10.13 -30.29 -39.91
CA ASP C 2 -11.58 -30.24 -39.73
C ASP C 2 -12.14 -28.81 -39.82
N ALA C 3 -12.74 -28.46 -40.95
CA ALA C 3 -13.30 -27.13 -41.11
C ALA C 3 -14.67 -27.03 -40.43
N LYS C 4 -14.93 -25.92 -39.75
CA LYS C 4 -16.21 -25.72 -39.05
C LYS C 4 -16.67 -24.29 -39.34
N ARG C 5 -17.95 -24.12 -39.67
CA ARG C 5 -18.44 -22.79 -40.00
C ARG C 5 -19.37 -22.22 -38.93
N ILE C 6 -19.06 -21.01 -38.47
CA ILE C 6 -19.88 -20.36 -37.45
C ILE C 6 -20.44 -19.04 -37.98
N GLU C 7 -21.67 -18.74 -37.58
CA GLU C 7 -22.34 -17.50 -37.96
C GLU C 7 -21.56 -16.36 -37.28
N GLY C 8 -21.15 -15.35 -38.05
CA GLY C 8 -20.39 -14.25 -37.51
C GLY C 8 -21.19 -12.97 -37.31
N PHE C 9 -20.71 -12.11 -36.42
CA PHE C 9 -21.34 -10.83 -36.13
C PHE C 9 -20.30 -9.84 -35.66
N THR C 10 -20.71 -8.59 -35.54
CA THR C 10 -19.84 -7.56 -34.98
C THR C 10 -20.67 -6.79 -33.92
N LEU C 11 -20.04 -6.50 -32.79
CA LEU C 11 -20.68 -5.82 -31.67
C LEU C 11 -19.98 -4.51 -31.62
N SER C 12 -20.75 -3.44 -31.75
CA SER C 12 -20.22 -2.10 -31.74
C SER C 12 -21.34 -1.15 -31.31
N GLU C 13 -21.02 -0.25 -30.39
CA GLU C 13 -21.97 0.75 -29.86
C GLU C 13 -23.18 0.06 -29.29
N GLU C 14 -22.92 -1.12 -28.71
CA GLU C 14 -23.94 -1.94 -28.09
C GLU C 14 -24.99 -2.49 -29.05
N ILE C 15 -24.66 -2.50 -30.33
CA ILE C 15 -25.56 -3.07 -31.32
C ILE C 15 -24.94 -4.28 -32.01
N LEU C 16 -25.69 -5.38 -32.02
CA LEU C 16 -25.20 -6.57 -32.65
C LEU C 16 -25.61 -6.59 -34.13
N LYS C 17 -24.67 -6.86 -35.02
CA LYS C 17 -24.98 -6.88 -36.45
C LYS C 17 -24.38 -8.10 -37.12
N SER C 18 -25.17 -8.77 -37.95
CA SER C 18 -24.73 -9.94 -38.70
C SER C 18 -23.53 -9.64 -39.59
N ASP C 19 -22.73 -10.65 -39.88
CA ASP C 19 -21.54 -10.44 -40.66
C ASP C 19 -21.05 -11.74 -41.32
N LYS C 20 -19.92 -11.65 -42.00
CA LYS C 20 -19.37 -12.81 -42.69
C LYS C 20 -19.29 -14.01 -41.74
N GLN C 21 -19.46 -15.19 -42.31
CA GLN C 21 -19.38 -16.43 -41.58
C GLN C 21 -17.89 -16.57 -41.22
N LEU C 22 -17.57 -17.29 -40.15
CA LEU C 22 -16.18 -17.47 -39.77
C LEU C 22 -15.87 -18.97 -39.84
N SER C 23 -14.74 -19.32 -40.44
CA SER C 23 -14.36 -20.72 -40.53
C SER C 23 -13.38 -21.03 -39.41
N VAL C 24 -13.74 -21.99 -38.57
CA VAL C 24 -12.96 -22.40 -37.42
C VAL C 24 -12.83 -23.92 -37.33
N ASP C 25 -11.79 -24.41 -36.66
CA ASP C 25 -11.55 -25.85 -36.50
C ASP C 25 -12.27 -26.30 -35.21
N ALA C 26 -12.80 -27.52 -35.20
CA ALA C 26 -13.52 -28.06 -34.03
C ALA C 26 -12.58 -28.21 -32.83
N GLN C 27 -11.28 -28.29 -33.12
CA GLN C 27 -10.28 -28.41 -32.07
C GLN C 27 -10.23 -27.19 -31.14
N PHE C 28 -10.95 -26.13 -31.50
CA PHE C 28 -10.99 -24.91 -30.70
C PHE C 28 -11.86 -25.13 -29.47
N PHE C 29 -12.79 -26.07 -29.57
CA PHE C 29 -13.72 -26.28 -28.48
C PHE C 29 -13.67 -27.66 -27.86
N THR C 30 -13.49 -27.71 -26.54
CA THR C 30 -13.46 -29.01 -25.86
C THR C 30 -14.89 -29.57 -25.95
N LYS C 31 -15.88 -28.80 -25.55
CA LYS C 31 -17.25 -29.29 -25.67
C LYS C 31 -17.68 -28.93 -27.11
N PRO C 32 -18.56 -29.73 -27.72
CA PRO C 32 -18.99 -29.37 -29.08
C PRO C 32 -19.84 -28.10 -29.09
N LEU C 33 -19.52 -27.23 -30.02
CA LEU C 33 -20.23 -25.96 -30.18
C LEU C 33 -21.15 -26.10 -31.38
N THR C 34 -22.39 -26.50 -31.12
CA THR C 34 -23.32 -26.72 -32.20
C THR C 34 -23.89 -25.42 -32.73
N ASP C 35 -24.68 -24.73 -31.92
CA ASP C 35 -25.30 -23.47 -32.32
C ASP C 35 -24.44 -22.33 -31.80
N GLY C 36 -23.43 -21.94 -32.57
CA GLY C 36 -22.53 -20.89 -32.10
C GLY C 36 -22.50 -19.54 -32.81
N MET C 37 -21.92 -18.56 -32.15
CA MET C 37 -21.82 -17.23 -32.72
C MET C 37 -20.36 -16.86 -32.62
N ALA C 38 -19.89 -16.07 -33.56
CA ALA C 38 -18.53 -15.62 -33.51
C ALA C 38 -18.76 -14.12 -33.48
N ILE C 39 -18.41 -13.47 -32.39
CA ILE C 39 -18.67 -12.06 -32.33
C ILE C 39 -17.43 -11.23 -32.30
N ARG C 40 -17.29 -10.42 -33.34
CA ARG C 40 -16.13 -9.58 -33.48
C ARG C 40 -16.41 -8.30 -32.67
N SER C 41 -15.60 -8.07 -31.64
CA SER C 41 -15.76 -6.89 -30.79
C SER C 41 -14.43 -6.35 -30.25
N GLU C 42 -14.13 -5.12 -30.61
CA GLU C 42 -12.93 -4.45 -30.18
C GLU C 42 -11.67 -5.30 -30.33
N GLY C 43 -11.37 -5.69 -31.56
CA GLY C 43 -10.16 -6.43 -31.79
C GLY C 43 -10.09 -7.82 -31.22
N LYS C 44 -11.23 -8.33 -30.79
CA LYS C 44 -11.25 -9.69 -30.26
C LYS C 44 -12.43 -10.45 -30.88
N ILE C 45 -12.38 -11.78 -30.83
CA ILE C 45 -13.47 -12.54 -31.37
C ILE C 45 -13.93 -13.44 -30.24
N TYR C 46 -15.17 -13.21 -29.84
CA TYR C 46 -15.83 -14.00 -28.78
C TYR C 46 -16.71 -15.16 -29.34
N PHE C 47 -16.42 -16.40 -28.93
CA PHE C 47 -17.21 -17.52 -29.41
C PHE C 47 -18.28 -17.78 -28.38
N VAL C 48 -19.52 -17.66 -28.83
CA VAL C 48 -20.66 -17.81 -27.96
C VAL C 48 -21.51 -19.00 -28.21
N ASP C 49 -21.91 -19.67 -27.14
CA ASP C 49 -22.80 -20.83 -27.25
C ASP C 49 -24.22 -20.45 -26.85
N LYS C 50 -25.07 -20.29 -27.85
CA LYS C 50 -26.47 -19.92 -27.65
C LYS C 50 -27.27 -20.92 -26.80
N GLN C 51 -26.84 -22.17 -26.78
CA GLN C 51 -27.54 -23.20 -26.02
C GLN C 51 -27.19 -23.32 -24.54
N ALA C 52 -26.10 -22.69 -24.14
CA ALA C 52 -25.72 -22.76 -22.74
C ALA C 52 -26.84 -22.42 -21.75
N SER C 53 -26.87 -23.15 -20.64
CA SER C 53 -27.80 -22.91 -19.53
C SER C 53 -27.11 -21.95 -18.54
N LEU C 54 -27.89 -21.09 -17.89
CA LEU C 54 -27.33 -20.10 -16.97
C LEU C 54 -26.39 -20.67 -15.90
N SER C 55 -25.21 -20.06 -15.77
CA SER C 55 -24.24 -20.48 -14.78
C SER C 55 -23.28 -19.32 -14.71
N ASP C 56 -22.54 -19.18 -13.62
CA ASP C 56 -21.59 -18.09 -13.52
C ASP C 56 -20.60 -18.16 -14.70
N GLY C 57 -20.19 -17.00 -15.21
CA GLY C 57 -19.26 -16.97 -16.32
C GLY C 57 -19.38 -15.72 -17.15
N LEU C 58 -18.75 -15.76 -18.34
CA LEU C 58 -18.75 -14.63 -19.29
C LEU C 58 -19.92 -14.79 -20.27
N TRP C 59 -20.82 -13.81 -20.31
CA TRP C 59 -21.98 -13.92 -21.19
C TRP C 59 -22.25 -12.78 -22.17
N LEU C 60 -22.92 -13.13 -23.27
CA LEU C 60 -23.35 -12.14 -24.24
C LEU C 60 -24.76 -11.81 -23.72
N VAL C 61 -25.01 -10.55 -23.38
CA VAL C 61 -26.32 -10.24 -22.85
C VAL C 61 -27.01 -9.08 -23.53
N ASP C 62 -28.29 -9.00 -23.27
CA ASP C 62 -29.19 -7.98 -23.80
C ASP C 62 -29.89 -7.34 -22.60
N ILE C 63 -29.56 -6.09 -22.32
CA ILE C 63 -30.12 -5.38 -21.18
C ILE C 63 -30.86 -4.15 -21.71
N GLU C 64 -32.19 -4.16 -21.57
CA GLU C 64 -33.03 -3.07 -22.06
C GLU C 64 -32.60 -2.73 -23.54
N GLY C 65 -32.41 -3.73 -24.39
CA GLY C 65 -32.00 -3.43 -25.75
C GLY C 65 -30.52 -3.29 -26.04
N ALA C 66 -29.69 -2.98 -25.05
CA ALA C 66 -28.24 -2.86 -25.26
C ALA C 66 -27.59 -4.23 -25.24
N ILE C 67 -26.72 -4.49 -26.18
CA ILE C 67 -26.04 -5.78 -26.21
C ILE C 67 -24.61 -5.55 -25.71
N SER C 68 -24.11 -6.47 -24.87
CA SER C 68 -22.75 -6.41 -24.35
C SER C 68 -22.29 -7.75 -23.82
N ILE C 69 -21.00 -7.82 -23.53
CA ILE C 69 -20.43 -9.03 -22.95
C ILE C 69 -20.14 -8.78 -21.47
N ARG C 70 -20.78 -9.53 -20.58
CA ARG C 70 -20.58 -9.32 -19.14
C ARG C 70 -20.28 -10.54 -18.31
N GLU C 71 -19.62 -10.32 -17.19
CA GLU C 71 -19.33 -11.44 -16.29
C GLU C 71 -20.57 -11.51 -15.37
N LEU C 72 -21.25 -12.67 -15.35
CA LEU C 72 -22.46 -12.82 -14.53
C LEU C 72 -22.24 -13.74 -13.30
N THR C 73 -22.81 -13.38 -12.16
CA THR C 73 -22.68 -14.20 -10.96
C THR C 73 -23.97 -14.31 -10.19
N LYS C 74 -24.51 -15.51 -10.10
CA LYS C 74 -25.77 -15.71 -9.37
C LYS C 74 -25.66 -15.34 -7.88
N LEU C 75 -26.70 -14.67 -7.38
CA LEU C 75 -26.76 -14.26 -6.00
C LEU C 75 -28.07 -14.77 -5.52
N PRO C 76 -28.14 -15.21 -4.27
CA PRO C 76 -29.41 -15.73 -3.73
C PRO C 76 -30.58 -14.80 -4.02
N GLY C 77 -31.74 -15.41 -4.36
CA GLY C 77 -32.94 -14.65 -4.62
C GLY C 77 -33.09 -14.32 -6.08
N ARG C 78 -32.67 -15.25 -6.93
CA ARG C 78 -32.77 -15.03 -8.36
C ARG C 78 -32.14 -13.67 -8.74
N LYS C 79 -30.98 -13.36 -8.16
CA LYS C 79 -30.34 -12.11 -8.49
C LYS C 79 -29.03 -12.34 -9.22
N LEU C 80 -28.49 -11.28 -9.80
CA LEU C 80 -27.24 -11.35 -10.55
C LEU C 80 -26.33 -10.14 -10.32
N HIS C 81 -25.03 -10.42 -10.25
CA HIS C 81 -24.03 -9.36 -10.13
C HIS C 81 -23.51 -9.31 -11.57
N VAL C 82 -23.53 -8.12 -12.17
CA VAL C 82 -23.12 -7.89 -13.56
C VAL C 82 -21.83 -7.04 -13.60
N ALA C 83 -20.76 -7.62 -14.09
CA ALA C 83 -19.47 -6.95 -14.13
C ALA C 83 -19.00 -6.94 -15.57
N GLY C 84 -18.08 -6.04 -15.90
CA GLY C 84 -17.60 -6.01 -17.25
C GLY C 84 -17.62 -4.61 -17.82
N GLY C 85 -18.57 -3.79 -17.39
CA GLY C 85 -18.67 -2.40 -17.83
C GLY C 85 -17.91 -1.50 -16.85
N LYS C 86 -17.96 -0.16 -17.01
CA LYS C 86 -17.20 0.69 -16.11
C LYS C 86 -17.63 0.60 -14.67
N VAL C 87 -18.90 0.29 -14.43
CA VAL C 87 -19.34 0.13 -13.05
C VAL C 87 -20.30 -1.03 -12.88
N PRO C 88 -19.88 -2.00 -12.06
CA PRO C 88 -20.69 -3.19 -11.79
C PRO C 88 -22.01 -2.87 -11.11
N PHE C 89 -22.93 -3.82 -11.10
CA PHE C 89 -24.22 -3.58 -10.51
C PHE C 89 -24.96 -4.89 -10.39
N GLU C 90 -26.07 -4.86 -9.67
CA GLU C 90 -26.86 -6.04 -9.46
C GLU C 90 -28.26 -5.83 -10.04
N CYS C 91 -29.00 -6.90 -10.20
CA CYS C 91 -30.36 -6.81 -10.73
C CYS C 91 -30.93 -8.22 -10.65
N GLY C 92 -32.17 -8.41 -11.12
CA GLY C 92 -32.77 -9.73 -11.08
C GLY C 92 -32.44 -10.47 -12.36
N ILE C 93 -32.48 -11.79 -12.32
CA ILE C 93 -32.18 -12.58 -13.51
C ILE C 93 -33.17 -12.29 -14.66
N ASP C 94 -34.34 -11.79 -14.28
CA ASP C 94 -35.37 -11.47 -15.24
C ASP C 94 -35.21 -10.09 -15.82
N ASP C 95 -34.30 -9.31 -15.26
CA ASP C 95 -34.07 -7.97 -15.78
C ASP C 95 -33.10 -8.00 -16.94
N ILE C 96 -32.56 -9.17 -17.24
CA ILE C 96 -31.59 -9.24 -18.32
C ILE C 96 -31.88 -10.47 -19.14
N LYS C 97 -31.57 -10.40 -20.43
CA LYS C 97 -31.80 -11.52 -21.32
C LYS C 97 -30.42 -12.04 -21.70
N THR C 98 -30.21 -13.34 -21.57
CA THR C 98 -28.93 -13.92 -21.92
C THR C 98 -29.00 -14.46 -23.35
N LEU C 99 -27.96 -14.26 -24.14
CA LEU C 99 -28.03 -14.74 -25.51
C LEU C 99 -27.16 -15.97 -25.71
N GLY C 100 -26.18 -16.13 -24.83
CA GLY C 100 -25.26 -17.27 -24.91
C GLY C 100 -24.03 -17.09 -24.04
N ARG C 101 -23.30 -18.17 -23.80
CA ARG C 101 -22.11 -18.07 -22.98
C ARG C 101 -20.86 -18.09 -23.82
N VAL C 102 -19.91 -17.25 -23.46
CA VAL C 102 -18.66 -17.17 -24.16
C VAL C 102 -17.93 -18.43 -23.83
N VAL C 103 -17.46 -19.17 -24.82
CA VAL C 103 -16.71 -20.40 -24.53
C VAL C 103 -15.23 -20.27 -24.87
N GLY C 104 -14.89 -19.28 -25.70
CA GLY C 104 -13.50 -19.12 -26.08
C GLY C 104 -13.30 -17.71 -26.58
N VAL C 105 -12.07 -17.23 -26.57
CA VAL C 105 -11.81 -15.88 -27.01
C VAL C 105 -10.50 -15.82 -27.79
N TYR C 106 -10.56 -15.19 -28.97
CA TYR C 106 -9.37 -15.03 -29.76
C TYR C 106 -9.02 -13.56 -29.77
N SER C 107 -7.74 -13.22 -29.68
CA SER C 107 -7.37 -11.82 -29.71
C SER C 107 -6.02 -11.66 -30.40
N GLU C 108 -5.85 -10.57 -31.10
CA GLU C 108 -4.57 -10.31 -31.76
C GLU C 108 -3.82 -9.29 -30.92
N VAL C 109 -4.59 -8.47 -30.20
CA VAL C 109 -4.10 -7.37 -29.33
C VAL C 109 -3.81 -7.77 -27.86
N ASN C 110 -2.51 -7.87 -27.52
CA ASN C 110 -2.04 -8.28 -26.18
C ASN C 110 -2.61 -7.47 -25.01
N SER D 1 -1.36 51.19 -8.24
CA SER D 1 -0.49 51.92 -7.28
C SER D 1 0.98 52.02 -7.78
N ASP D 2 1.82 51.07 -7.34
CA ASP D 2 3.25 51.01 -7.71
C ASP D 2 3.51 50.16 -8.96
N ALA D 3 3.64 50.81 -10.12
CA ALA D 3 3.91 50.08 -11.36
C ALA D 3 5.39 49.73 -11.50
N LYS D 4 5.67 48.48 -11.85
CA LYS D 4 7.03 47.98 -12.02
C LYS D 4 7.07 47.26 -13.36
N ARG D 5 8.15 47.45 -14.11
CA ARG D 5 8.24 46.79 -15.40
C ARG D 5 9.33 45.75 -15.36
N ILE D 6 9.03 44.58 -15.93
CA ILE D 6 9.97 43.45 -15.98
C ILE D 6 10.11 42.98 -17.41
N GLU D 7 11.34 42.63 -17.79
CA GLU D 7 11.60 42.14 -19.13
C GLU D 7 10.86 40.81 -19.26
N GLY D 8 10.09 40.65 -20.33
CA GLY D 8 9.36 39.43 -20.50
C GLY D 8 9.97 38.47 -21.50
N PHE D 9 9.65 37.19 -21.34
CA PHE D 9 10.17 36.16 -22.25
C PHE D 9 9.13 35.06 -22.30
N THR D 10 9.35 34.10 -23.19
CA THR D 10 8.51 32.91 -23.29
C THR D 10 9.52 31.79 -23.30
N LEU D 11 9.11 30.63 -22.79
CA LEU D 11 9.93 29.42 -22.75
C LEU D 11 9.11 28.39 -23.46
N SER D 12 9.63 27.85 -24.53
CA SER D 12 8.87 26.85 -25.29
C SER D 12 9.87 25.93 -25.97
N GLU D 13 9.60 24.63 -25.97
CA GLU D 13 10.50 23.70 -26.61
C GLU D 13 11.90 23.95 -26.11
N GLU D 14 12.03 24.37 -24.85
CA GLU D 14 13.34 24.61 -24.22
C GLU D 14 14.20 25.72 -24.84
N ILE D 15 13.54 26.62 -25.56
CA ILE D 15 14.21 27.76 -26.18
C ILE D 15 13.60 28.99 -25.51
N LEU D 16 14.45 29.84 -24.96
CA LEU D 16 14.03 31.07 -24.31
C LEU D 16 13.99 32.21 -25.30
N LYS D 17 12.85 32.87 -25.43
CA LYS D 17 12.72 33.97 -26.38
C LYS D 17 12.17 35.28 -25.76
N SER D 18 12.80 36.43 -26.07
CA SER D 18 12.36 37.70 -25.54
C SER D 18 10.97 37.98 -26.02
N ASP D 19 10.27 38.84 -25.28
CA ASP D 19 8.89 39.15 -25.56
C ASP D 19 8.50 40.49 -24.95
N LYS D 20 7.21 40.78 -24.97
CA LYS D 20 6.66 42.02 -24.43
C LYS D 20 7.02 42.17 -22.94
N GLN D 21 7.30 43.41 -22.53
CA GLN D 21 7.61 43.65 -21.12
C GLN D 21 6.34 43.44 -20.32
N LEU D 22 6.49 43.14 -19.05
CA LEU D 22 5.34 42.87 -18.21
C LEU D 22 5.25 43.87 -17.08
N SER D 23 4.04 44.33 -16.81
CA SER D 23 3.87 45.33 -15.76
C SER D 23 3.38 44.63 -14.53
N VAL D 24 4.15 44.77 -13.45
CA VAL D 24 3.83 44.12 -12.20
C VAL D 24 3.97 45.06 -11.04
N ASP D 25 3.39 44.71 -9.91
CA ASP D 25 3.42 45.57 -8.73
C ASP D 25 4.51 45.12 -7.82
N ALA D 26 5.22 46.05 -7.19
CA ALA D 26 6.34 45.70 -6.28
C ALA D 26 5.84 44.84 -5.12
N GLN D 27 4.57 44.99 -4.81
CA GLN D 27 3.97 44.24 -3.74
C GLN D 27 4.02 42.74 -4.01
N PHE D 28 4.38 42.34 -5.21
CA PHE D 28 4.47 40.93 -5.57
C PHE D 28 5.70 40.25 -4.95
N PHE D 29 6.73 41.04 -4.65
CA PHE D 29 7.97 40.50 -4.11
C PHE D 29 8.38 41.02 -2.76
N THR D 30 8.51 40.12 -1.80
CA THR D 30 8.95 40.50 -0.47
C THR D 30 10.35 41.11 -0.57
N LYS D 31 11.29 40.42 -1.19
CA LYS D 31 12.61 41.03 -1.37
C LYS D 31 12.54 41.81 -2.69
N PRO D 32 13.29 42.91 -2.79
CA PRO D 32 13.23 43.64 -4.04
C PRO D 32 13.80 42.84 -5.21
N LEU D 33 13.05 42.86 -6.30
CA LEU D 33 13.45 42.18 -7.51
C LEU D 33 13.95 43.26 -8.47
N THR D 34 15.26 43.50 -8.45
CA THR D 34 15.82 44.54 -9.31
C THR D 34 16.07 44.09 -10.74
N ASP D 35 16.88 43.04 -10.93
CA ASP D 35 17.12 42.55 -12.28
C ASP D 35 16.26 41.32 -12.43
N GLY D 36 15.04 41.50 -12.94
CA GLY D 36 14.16 40.37 -13.07
C GLY D 36 13.73 39.99 -14.47
N MET D 37 13.21 38.77 -14.58
CA MET D 37 12.68 38.22 -15.81
C MET D 37 11.28 37.71 -15.47
N ALA D 38 10.42 37.74 -16.49
CA ALA D 38 9.05 37.26 -16.37
C ALA D 38 9.02 36.25 -17.51
N ILE D 39 8.91 34.98 -17.16
CA ILE D 39 8.89 33.98 -18.19
C ILE D 39 7.56 33.27 -18.34
N ARG D 40 6.95 33.45 -19.50
CA ARG D 40 5.69 32.80 -19.76
C ARG D 40 6.01 31.38 -20.20
N SER D 41 5.55 30.39 -19.47
CA SER D 41 5.80 29.01 -19.85
C SER D 41 4.66 28.10 -19.43
N GLU D 42 4.02 27.48 -20.41
CA GLU D 42 2.90 26.57 -20.17
C GLU D 42 1.83 27.07 -19.21
N GLY D 43 1.16 28.15 -19.60
CA GLY D 43 0.07 28.67 -18.81
C GLY D 43 0.48 29.25 -17.50
N LYS D 44 1.79 29.44 -17.27
CA LYS D 44 2.22 30.06 -16.04
C LYS D 44 3.22 31.17 -16.32
N ILE D 45 3.46 32.00 -15.31
CA ILE D 45 4.42 33.07 -15.44
C ILE D 45 5.36 32.92 -14.24
N TYR D 46 6.62 32.72 -14.56
CA TYR D 46 7.66 32.55 -13.59
C TYR D 46 8.40 33.86 -13.46
N PHE D 47 8.59 34.34 -12.24
CA PHE D 47 9.32 35.58 -12.03
C PHE D 47 10.68 35.15 -11.51
N VAL D 48 11.71 35.58 -12.22
CA VAL D 48 13.07 35.14 -11.96
C VAL D 48 14.04 36.22 -11.56
N ASP D 49 14.86 35.90 -10.56
CA ASP D 49 15.86 36.80 -10.02
C ASP D 49 17.23 36.42 -10.61
N LYS D 50 17.69 37.16 -11.60
CA LYS D 50 18.98 36.88 -12.22
C LYS D 50 20.16 37.02 -11.25
N GLN D 51 19.98 37.82 -10.21
CA GLN D 51 21.09 38.04 -9.27
C GLN D 51 21.26 36.97 -8.20
N ALA D 52 20.24 36.14 -8.00
CA ALA D 52 20.33 35.12 -6.97
C ALA D 52 21.65 34.31 -6.93
N SER D 53 22.05 33.94 -5.71
CA SER D 53 23.25 33.15 -5.49
C SER D 53 22.73 31.73 -5.37
N LEU D 54 23.51 30.73 -5.79
CA LEU D 54 23.04 29.34 -5.72
C LEU D 54 22.53 28.98 -4.33
N SER D 55 21.34 28.38 -4.29
CA SER D 55 20.75 27.97 -3.03
C SER D 55 19.69 26.94 -3.40
N ASP D 56 19.34 26.04 -2.49
CA ASP D 56 18.35 25.05 -2.85
C ASP D 56 17.09 25.78 -3.24
N GLY D 57 16.50 25.40 -4.36
CA GLY D 57 15.29 26.06 -4.80
C GLY D 57 14.92 25.80 -6.25
N LEU D 58 13.93 26.52 -6.74
CA LEU D 58 13.45 26.37 -8.09
C LEU D 58 14.24 27.33 -8.99
N TRP D 59 14.98 26.81 -9.96
CA TRP D 59 15.78 27.65 -10.84
C TRP D 59 15.52 27.57 -12.35
N LEU D 60 15.83 28.65 -13.04
CA LEU D 60 15.74 28.70 -14.49
C LEU D 60 17.16 28.25 -14.81
N VAL D 61 17.31 27.22 -15.61
CA VAL D 61 18.64 26.72 -15.94
C VAL D 61 18.86 26.46 -17.43
N ASP D 62 20.12 26.24 -17.77
CA ASP D 62 20.58 25.99 -19.13
C ASP D 62 21.47 24.77 -19.00
N ILE D 63 21.07 23.65 -19.58
CA ILE D 63 21.85 22.41 -19.53
C ILE D 63 22.20 22.06 -20.95
N GLU D 64 23.46 22.16 -21.31
CA GLU D 64 23.89 21.85 -22.67
C GLU D 64 22.97 22.58 -23.69
N GLY D 65 22.71 23.87 -23.43
CA GLY D 65 21.89 24.63 -24.36
C GLY D 65 20.39 24.61 -24.14
N ALA D 66 19.90 23.59 -23.46
CA ALA D 66 18.46 23.47 -23.21
C ALA D 66 18.05 24.33 -22.00
N ILE D 67 16.96 25.08 -22.14
CA ILE D 67 16.53 25.92 -21.05
C ILE D 67 15.30 25.34 -20.40
N SER D 68 15.32 25.27 -19.09
CA SER D 68 14.18 24.72 -18.38
C SER D 68 14.14 25.21 -16.94
N ILE D 69 13.03 24.92 -16.30
CA ILE D 69 12.83 25.25 -14.90
C ILE D 69 13.01 23.96 -14.08
N ARG D 70 14.01 23.96 -13.21
CA ARG D 70 14.29 22.77 -12.39
C ARG D 70 14.43 23.05 -10.89
N GLU D 71 14.14 22.04 -10.06
CA GLU D 71 14.32 22.19 -8.62
C GLU D 71 15.74 21.66 -8.38
N LEU D 72 16.58 22.47 -7.80
CA LEU D 72 17.96 22.07 -7.56
C LEU D 72 18.28 21.85 -6.09
N THR D 73 19.08 20.83 -5.81
CA THR D 73 19.45 20.55 -4.42
C THR D 73 20.92 20.18 -4.36
N LYS D 74 21.67 20.97 -3.61
CA LYS D 74 23.10 20.75 -3.45
C LYS D 74 23.39 19.44 -2.71
N LEU D 75 24.40 18.75 -3.20
CA LEU D 75 24.81 17.50 -2.61
C LEU D 75 26.30 17.59 -2.36
N PRO D 76 26.80 16.92 -1.32
CA PRO D 76 28.23 17.02 -1.06
C PRO D 76 29.09 16.68 -2.28
N GLY D 77 30.15 17.46 -2.49
CA GLY D 77 31.04 17.21 -3.61
C GLY D 77 30.70 18.08 -4.81
N ARG D 78 30.26 19.30 -4.55
CA ARG D 78 29.88 20.22 -5.63
C ARG D 78 28.91 19.48 -6.58
N LYS D 79 27.95 18.73 -6.02
CA LYS D 79 27.00 18.02 -6.86
C LYS D 79 25.61 18.58 -6.74
N LEU D 80 24.75 18.17 -7.68
CA LEU D 80 23.37 18.64 -7.72
C LEU D 80 22.35 17.55 -8.02
N HIS D 81 21.18 17.66 -7.38
CA HIS D 81 20.10 16.75 -7.67
C HIS D 81 19.19 17.66 -8.48
N VAL D 82 18.81 17.24 -9.68
CA VAL D 82 17.99 18.10 -10.55
C VAL D 82 16.64 17.46 -10.82
N ALA D 83 15.56 18.06 -10.30
CA ALA D 83 14.21 17.53 -10.46
C ALA D 83 13.33 18.50 -11.22
N GLY D 84 12.17 18.02 -11.66
CA GLY D 84 11.29 18.88 -12.42
C GLY D 84 11.01 18.30 -13.81
N GLY D 85 11.93 17.53 -14.39
CA GLY D 85 11.72 16.90 -15.68
C GLY D 85 11.08 15.54 -15.46
N LYS D 86 10.85 14.76 -16.51
CA LYS D 86 10.19 13.48 -16.32
C LYS D 86 11.01 12.51 -15.46
N VAL D 87 12.33 12.66 -15.49
CA VAL D 87 13.21 11.78 -14.73
C VAL D 87 14.33 12.57 -14.06
N PRO D 88 14.35 12.57 -12.73
CA PRO D 88 15.39 13.31 -12.00
C PRO D 88 16.76 12.71 -12.20
N PHE D 89 17.80 13.51 -11.95
CA PHE D 89 19.15 13.03 -12.09
C PHE D 89 20.10 13.85 -11.25
N GLU D 90 21.38 13.50 -11.30
CA GLU D 90 22.45 14.14 -10.54
C GLU D 90 23.57 14.49 -11.50
N CYS D 91 24.33 15.52 -11.15
CA CYS D 91 25.44 16.01 -11.96
C CYS D 91 26.22 17.04 -11.15
N GLY D 92 27.34 17.52 -11.69
CA GLY D 92 28.13 18.50 -10.98
C GLY D 92 27.54 19.88 -11.18
N ILE D 93 27.81 20.79 -10.26
CA ILE D 93 27.25 22.13 -10.40
C ILE D 93 27.84 22.79 -11.66
N ASP D 94 28.98 22.29 -12.12
CA ASP D 94 29.63 22.85 -13.31
C ASP D 94 29.05 22.30 -14.58
N ASP D 95 28.20 21.29 -14.46
CA ASP D 95 27.56 20.68 -15.62
C ASP D 95 26.32 21.45 -16.01
N ILE D 96 25.94 22.44 -15.20
CA ILE D 96 24.74 23.20 -15.48
C ILE D 96 24.96 24.69 -15.26
N LYS D 97 24.27 25.52 -16.03
CA LYS D 97 24.42 26.95 -15.85
C LYS D 97 23.10 27.51 -15.26
N THR D 98 23.21 28.30 -14.19
CA THR D 98 22.03 28.87 -13.54
C THR D 98 21.76 30.24 -14.11
N LEU D 99 20.52 30.54 -14.45
CA LEU D 99 20.24 31.84 -14.99
C LEU D 99 19.56 32.72 -13.97
N GLY D 100 18.93 32.10 -12.98
CA GLY D 100 18.27 32.88 -11.97
C GLY D 100 17.34 32.00 -11.17
N ARG D 101 16.95 32.49 -9.99
CA ARG D 101 16.06 31.75 -9.13
C ARG D 101 14.62 32.26 -9.29
N VAL D 102 13.65 31.34 -9.27
CA VAL D 102 12.25 31.73 -9.38
C VAL D 102 11.92 32.25 -8.02
N VAL D 103 11.30 33.41 -7.97
CA VAL D 103 10.94 34.01 -6.72
C VAL D 103 9.46 33.93 -6.58
N GLY D 104 8.77 33.66 -7.66
CA GLY D 104 7.33 33.57 -7.57
C GLY D 104 6.72 33.01 -8.84
N VAL D 105 5.49 32.57 -8.74
CA VAL D 105 4.85 32.04 -9.91
C VAL D 105 3.41 32.43 -9.99
N TYR D 106 2.97 32.80 -11.18
CA TYR D 106 1.56 33.11 -11.35
C TYR D 106 0.99 32.08 -12.27
N SER D 107 -0.23 31.68 -11.98
CA SER D 107 -0.92 30.72 -12.77
C SER D 107 -2.41 30.99 -12.89
N GLU D 108 -2.94 30.69 -14.07
CA GLU D 108 -4.37 30.86 -14.31
C GLU D 108 -4.94 29.45 -14.38
N VAL D 109 -4.07 28.47 -14.61
CA VAL D 109 -4.53 27.08 -14.70
C VAL D 109 -4.37 26.32 -13.38
N ASN D 110 -5.49 26.06 -12.68
CA ASN D 110 -5.45 25.36 -11.39
C ASN D 110 -4.58 24.11 -11.49
N SER E 1 -0.19 -50.76 -4.13
CA SER E 1 -0.45 -51.49 -2.84
C SER E 1 -1.95 -51.67 -2.54
N ASP E 2 -2.51 -50.71 -1.81
CA ASP E 2 -3.91 -50.73 -1.39
C ASP E 2 -4.86 -49.98 -2.36
N ALA E 3 -5.39 -50.68 -3.35
CA ALA E 3 -6.27 -50.01 -4.30
C ALA E 3 -7.65 -49.68 -3.67
N LYS E 4 -8.20 -48.53 -4.03
CA LYS E 4 -9.51 -48.09 -3.57
C LYS E 4 -10.32 -47.45 -4.73
N ARG E 5 -11.54 -47.91 -4.93
CA ARG E 5 -12.33 -47.37 -6.03
C ARG E 5 -13.35 -46.38 -5.50
N ILE E 6 -13.50 -45.27 -6.22
CA ILE E 6 -14.42 -44.20 -5.88
C ILE E 6 -15.28 -43.85 -7.09
N GLU E 7 -16.54 -43.51 -6.87
CA GLU E 7 -17.40 -43.13 -7.96
C GLU E 7 -16.92 -41.81 -8.55
N GLY E 8 -16.77 -41.74 -9.85
CA GLY E 8 -16.32 -40.51 -10.44
C GLY E 8 -17.41 -39.70 -11.09
N PHE E 9 -17.17 -38.39 -11.22
CA PHE E 9 -18.11 -37.49 -11.85
C PHE E 9 -17.26 -36.38 -12.45
N THR E 10 -17.93 -35.49 -13.16
CA THR E 10 -17.34 -34.31 -13.78
C THR E 10 -18.30 -33.17 -13.40
N LEU E 11 -17.77 -31.99 -13.18
CA LEU E 11 -18.56 -30.83 -12.82
C LEU E 11 -18.23 -29.79 -13.88
N SER E 12 -19.26 -29.38 -14.61
CA SER E 12 -19.07 -28.43 -15.68
C SER E 12 -20.37 -27.66 -15.88
N GLU E 13 -20.21 -26.37 -16.08
CA GLU E 13 -21.33 -25.47 -16.29
C GLU E 13 -22.30 -25.69 -15.14
N GLU E 14 -21.77 -26.01 -13.97
CA GLU E 14 -22.58 -26.22 -12.76
C GLU E 14 -23.50 -27.41 -12.80
N ILE E 15 -23.19 -28.34 -13.70
CA ILE E 15 -23.97 -29.55 -13.79
C ILE E 15 -23.08 -30.69 -13.37
N LEU E 16 -23.62 -31.59 -12.56
CA LEU E 16 -22.84 -32.73 -12.11
C LEU E 16 -23.21 -33.93 -12.98
N LYS E 17 -22.21 -34.65 -13.46
CA LYS E 17 -22.46 -35.79 -14.33
C LYS E 17 -21.58 -37.00 -13.98
N SER E 18 -22.21 -38.16 -13.85
CA SER E 18 -21.48 -39.37 -13.51
C SER E 18 -20.46 -39.72 -14.61
N ASP E 19 -19.41 -40.44 -14.22
CA ASP E 19 -18.34 -40.78 -15.15
C ASP E 19 -17.61 -42.05 -14.71
N LYS E 20 -16.50 -42.36 -15.37
CA LYS E 20 -15.70 -43.53 -15.01
C LYS E 20 -15.35 -43.50 -13.51
N GLN E 21 -15.18 -44.69 -12.94
CA GLN E 21 -14.78 -44.80 -11.55
C GLN E 21 -13.31 -44.39 -11.57
N LEU E 22 -12.81 -43.95 -10.43
CA LEU E 22 -11.42 -43.52 -10.29
C LEU E 22 -10.79 -44.46 -9.27
N SER E 23 -9.58 -44.93 -9.54
CA SER E 23 -8.92 -45.83 -8.58
C SER E 23 -7.90 -45.02 -7.83
N VAL E 24 -8.03 -45.01 -6.52
CA VAL E 24 -7.14 -44.23 -5.66
C VAL E 24 -6.64 -45.18 -4.57
N ASP E 25 -5.73 -44.70 -3.73
CA ASP E 25 -5.14 -45.49 -2.67
C ASP E 25 -5.69 -44.98 -1.32
N ALA E 26 -6.02 -45.87 -0.39
CA ALA E 26 -6.55 -45.42 0.89
C ALA E 26 -5.59 -44.47 1.63
N GLN E 27 -4.30 -44.55 1.31
CA GLN E 27 -3.30 -43.66 1.96
C GLN E 27 -3.54 -42.17 1.64
N PHE E 28 -4.44 -41.89 0.70
CA PHE E 28 -4.79 -40.52 0.32
C PHE E 28 -5.57 -39.87 1.43
N PHE E 29 -6.29 -40.67 2.20
CA PHE E 29 -7.15 -40.13 3.26
C PHE E 29 -6.80 -40.52 4.68
N THR E 30 -6.59 -39.54 5.53
CA THR E 30 -6.25 -39.83 6.92
C THR E 30 -7.51 -40.46 7.52
N LYS E 31 -8.65 -39.81 7.33
CA LYS E 31 -9.89 -40.39 7.83
C LYS E 31 -10.42 -41.32 6.72
N PRO E 32 -11.03 -42.44 7.12
CA PRO E 32 -11.56 -43.35 6.11
C PRO E 32 -12.63 -42.69 5.25
N LEU E 33 -12.49 -42.81 3.93
CA LEU E 33 -13.46 -42.22 3.01
C LEU E 33 -14.32 -43.37 2.49
N THR E 34 -15.42 -43.67 3.18
CA THR E 34 -16.28 -44.77 2.78
C THR E 34 -17.17 -44.41 1.62
N ASP E 35 -18.08 -43.47 1.80
CA ASP E 35 -18.90 -43.11 0.66
C ASP E 35 -18.36 -41.84 0.01
N GLY E 36 -17.47 -42.00 -0.95
CA GLY E 36 -16.90 -40.82 -1.55
C GLY E 36 -17.11 -40.58 -3.02
N MET E 37 -16.82 -39.36 -3.43
CA MET E 37 -16.95 -38.96 -4.83
C MET E 37 -15.62 -38.38 -5.28
N ALA E 38 -15.32 -38.55 -6.55
CA ALA E 38 -14.11 -37.98 -7.15
C ALA E 38 -14.68 -37.09 -8.24
N ILE E 39 -14.62 -35.80 -8.01
CA ILE E 39 -15.20 -34.91 -8.99
C ILE E 39 -14.14 -34.18 -9.78
N ARG E 40 -14.17 -34.42 -11.09
CA ARG E 40 -13.23 -33.78 -12.00
C ARG E 40 -13.80 -32.40 -12.31
N SER E 41 -13.08 -31.34 -11.96
CA SER E 41 -13.57 -29.99 -12.24
C SER E 41 -12.43 -29.01 -12.47
N GLU E 42 -12.42 -28.41 -13.66
CA GLU E 42 -11.38 -27.45 -14.07
C GLU E 42 -9.95 -27.93 -13.86
N GLY E 43 -9.57 -29.04 -14.48
CA GLY E 43 -8.21 -29.53 -14.33
C GLY E 43 -7.81 -29.97 -12.94
N LYS E 44 -8.80 -30.19 -12.08
CA LYS E 44 -8.52 -30.67 -10.73
C LYS E 44 -9.51 -31.77 -10.38
N ILE E 45 -9.17 -32.58 -9.39
CA ILE E 45 -10.04 -33.63 -8.95
C ILE E 45 -10.24 -33.40 -7.47
N TYR E 46 -11.51 -33.21 -7.10
CA TYR E 46 -11.90 -32.99 -5.74
C TYR E 46 -12.39 -34.30 -5.16
N PHE E 47 -11.97 -34.64 -3.94
CA PHE E 47 -12.43 -35.88 -3.34
C PHE E 47 -13.41 -35.48 -2.28
N VAL E 48 -14.65 -35.93 -2.43
CA VAL E 48 -15.74 -35.55 -1.55
C VAL E 48 -16.33 -36.62 -0.63
N ASP E 49 -16.60 -36.26 0.62
CA ASP E 49 -17.14 -37.19 1.60
C ASP E 49 -18.62 -36.89 1.78
N LYS E 50 -19.45 -37.76 1.23
CA LYS E 50 -20.88 -37.61 1.28
C LYS E 50 -21.45 -37.70 2.70
N GLN E 51 -20.71 -38.35 3.60
CA GLN E 51 -21.23 -38.54 4.97
C GLN E 51 -20.94 -37.40 5.95
N ALA E 52 -20.00 -36.54 5.60
CA ALA E 52 -19.61 -35.42 6.44
C ALA E 52 -20.76 -34.67 7.02
N SER E 53 -20.58 -34.20 8.25
CA SER E 53 -21.61 -33.44 8.96
C SER E 53 -21.19 -31.99 8.72
N LEU E 54 -22.16 -31.08 8.66
CA LEU E 54 -21.89 -29.67 8.40
C LEU E 54 -20.85 -29.09 9.36
N SER E 55 -19.79 -28.51 8.81
CA SER E 55 -18.74 -27.90 9.60
C SER E 55 -18.02 -26.94 8.67
N ASP E 56 -17.40 -25.92 9.22
CA ASP E 56 -16.71 -25.00 8.34
C ASP E 56 -15.75 -25.78 7.42
N GLY E 57 -15.73 -25.39 6.15
CA GLY E 57 -14.87 -26.05 5.19
C GLY E 57 -15.27 -25.87 3.72
N LEU E 58 -14.59 -26.63 2.88
CA LEU E 58 -14.82 -26.60 1.45
C LEU E 58 -15.90 -27.66 1.15
N TRP E 59 -17.01 -27.21 0.57
CA TRP E 59 -18.13 -28.08 0.26
C TRP E 59 -18.62 -28.15 -1.18
N LEU E 60 -19.20 -29.30 -1.50
CA LEU E 60 -19.79 -29.53 -2.80
C LEU E 60 -21.23 -29.19 -2.46
N VAL E 61 -21.75 -28.14 -3.09
CA VAL E 61 -23.14 -27.74 -2.81
C VAL E 61 -24.04 -27.63 -4.04
N ASP E 62 -25.32 -27.55 -3.73
CA ASP E 62 -26.40 -27.42 -4.69
C ASP E 62 -27.25 -26.26 -4.20
N ILE E 63 -27.14 -25.14 -4.90
CA ILE E 63 -27.94 -23.97 -4.58
C ILE E 63 -28.95 -23.77 -5.71
N GLU E 64 -30.22 -24.02 -5.40
CA GLU E 64 -31.28 -23.87 -6.39
C GLU E 64 -30.91 -24.60 -7.69
N GLY E 65 -30.54 -25.86 -7.57
CA GLY E 65 -30.20 -26.62 -8.75
C GLY E 65 -28.76 -26.57 -9.24
N ALA E 66 -28.10 -25.43 -9.05
CA ALA E 66 -26.72 -25.21 -9.46
C ALA E 66 -25.78 -25.95 -8.52
N ILE E 67 -24.77 -26.63 -9.08
CA ILE E 67 -23.79 -27.39 -8.34
C ILE E 67 -22.44 -26.72 -8.37
N SER E 68 -21.82 -26.60 -7.22
CA SER E 68 -20.51 -25.99 -7.16
C SER E 68 -19.75 -26.39 -5.89
N ILE E 69 -18.52 -25.91 -5.81
CA ILE E 69 -17.65 -26.17 -4.68
C ILE E 69 -17.48 -24.82 -3.99
N ARG E 70 -17.96 -24.72 -2.76
CA ARG E 70 -17.85 -23.45 -2.07
C ARG E 70 -17.30 -23.57 -0.66
N GLU E 71 -16.72 -22.49 -0.15
CA GLU E 71 -16.17 -22.45 1.19
C GLU E 71 -17.31 -21.96 2.07
N LEU E 72 -17.77 -22.82 2.99
CA LEU E 72 -18.85 -22.45 3.87
C LEU E 72 -18.44 -22.05 5.28
N THR E 73 -19.09 -21.03 5.82
CA THR E 73 -18.80 -20.61 7.19
C THR E 73 -20.07 -20.33 7.94
N LYS E 74 -20.27 -21.05 9.04
CA LYS E 74 -21.48 -20.86 9.87
C LYS E 74 -21.52 -19.52 10.58
N LEU E 75 -22.67 -18.87 10.52
CA LEU E 75 -22.87 -17.57 11.17
C LEU E 75 -24.01 -17.71 12.15
N PRO E 76 -24.00 -16.91 13.22
CA PRO E 76 -25.09 -17.03 14.20
C PRO E 76 -26.40 -16.85 13.51
N GLY E 77 -27.38 -17.65 13.91
CA GLY E 77 -28.70 -17.55 13.29
C GLY E 77 -28.91 -18.50 12.12
N ARG E 78 -28.28 -19.67 12.20
CA ARG E 78 -28.39 -20.67 11.16
C ARG E 78 -28.17 -19.98 9.80
N LYS E 79 -27.08 -19.23 9.70
CA LYS E 79 -26.78 -18.56 8.46
C LYS E 79 -25.44 -19.07 7.94
N LEU E 80 -25.14 -18.75 6.68
CA LEU E 80 -23.89 -19.20 6.07
C LEU E 80 -23.21 -18.12 5.27
N HIS E 81 -21.89 -18.13 5.27
CA HIS E 81 -21.16 -17.20 4.44
C HIS E 81 -20.72 -18.18 3.42
N VAL E 82 -20.88 -17.82 2.14
CA VAL E 82 -20.56 -18.71 1.03
C VAL E 82 -19.51 -18.05 0.15
N ALA E 83 -18.33 -18.63 0.09
CA ALA E 83 -17.24 -18.07 -0.69
C ALA E 83 -16.81 -19.04 -1.75
N GLY E 84 -16.09 -18.54 -2.75
CA GLY E 84 -15.66 -19.43 -3.82
C GLY E 84 -16.04 -18.89 -5.19
N GLY E 85 -17.23 -18.33 -5.33
CA GLY E 85 -17.60 -17.74 -6.61
C GLY E 85 -17.00 -16.32 -6.75
N LYS E 86 -17.27 -15.64 -7.86
CA LYS E 86 -16.75 -14.30 -8.04
C LYS E 86 -17.15 -13.36 -6.93
N VAL E 87 -18.32 -13.56 -6.32
CA VAL E 87 -18.72 -12.66 -5.23
C VAL E 87 -19.37 -13.43 -4.11
N PRO E 88 -18.76 -13.39 -2.92
CA PRO E 88 -19.30 -14.10 -1.76
C PRO E 88 -20.62 -13.51 -1.38
N PHE E 89 -21.40 -14.27 -0.60
CA PHE E 89 -22.72 -13.84 -0.11
C PHE E 89 -23.14 -14.61 1.16
N GLU E 90 -24.27 -14.23 1.74
CA GLU E 90 -24.76 -14.92 2.92
C GLU E 90 -26.14 -15.47 2.60
N CYS E 91 -26.59 -16.41 3.41
CA CYS E 91 -27.91 -16.99 3.25
C CYS E 91 -28.12 -17.97 4.38
N GLY E 92 -29.34 -18.50 4.50
CA GLY E 92 -29.64 -19.43 5.57
C GLY E 92 -29.14 -20.80 5.20
N ILE E 93 -28.86 -21.63 6.21
CA ILE E 93 -28.36 -22.97 5.95
C ILE E 93 -29.39 -23.76 5.16
N ASP E 94 -30.65 -23.35 5.28
CA ASP E 94 -31.73 -24.05 4.60
C ASP E 94 -31.95 -23.63 3.16
N ASP E 95 -31.19 -22.64 2.73
CA ASP E 95 -31.31 -22.16 1.36
C ASP E 95 -30.30 -22.86 0.52
N ILE E 96 -29.54 -23.76 1.12
CA ILE E 96 -28.52 -24.48 0.40
C ILE E 96 -28.52 -25.95 0.75
N LYS E 97 -28.17 -26.78 -0.22
CA LYS E 97 -28.13 -28.22 -0.03
C LYS E 97 -26.65 -28.66 -0.10
N THR E 98 -26.17 -29.33 0.93
CA THR E 98 -24.78 -29.78 0.95
C THR E 98 -24.69 -31.21 0.48
N LEU E 99 -23.84 -31.49 -0.50
CA LEU E 99 -23.72 -32.86 -0.98
C LEU E 99 -22.55 -33.61 -0.35
N GLY E 100 -21.58 -32.86 0.18
CA GLY E 100 -20.42 -33.47 0.81
C GLY E 100 -19.27 -32.51 1.06
N ARG E 101 -18.34 -32.90 1.93
CA ARG E 101 -17.21 -32.04 2.21
C ARG E 101 -15.97 -32.50 1.42
N VAL E 102 -15.23 -31.53 0.88
CA VAL E 102 -14.00 -31.82 0.12
C VAL E 102 -12.95 -32.26 1.15
N VAL E 103 -12.37 -33.45 1.00
CA VAL E 103 -11.36 -33.96 1.94
C VAL E 103 -9.96 -33.90 1.33
N GLY E 104 -9.90 -33.75 0.01
CA GLY E 104 -8.60 -33.71 -0.64
C GLY E 104 -8.73 -33.26 -2.06
N VAL E 105 -7.64 -32.79 -2.63
CA VAL E 105 -7.67 -32.27 -3.98
C VAL E 105 -6.40 -32.62 -4.71
N TYR E 106 -6.54 -32.99 -5.97
CA TYR E 106 -5.36 -33.35 -6.71
C TYR E 106 -5.38 -32.39 -7.83
N SER E 107 -4.20 -31.96 -8.24
CA SER E 107 -4.11 -30.99 -9.30
C SER E 107 -2.87 -31.21 -10.09
N GLU E 108 -2.97 -31.00 -11.40
CA GLU E 108 -1.82 -31.14 -12.25
C GLU E 108 -1.35 -29.71 -12.57
N VAL E 109 -2.31 -28.78 -12.58
CA VAL E 109 -2.01 -27.37 -12.90
C VAL E 109 -1.68 -26.46 -11.71
N ASN E 110 -0.40 -26.13 -11.56
CA ASN E 110 0.07 -25.28 -10.49
C ASN E 110 -0.75 -24.01 -10.36
N SER F 1 4.69 39.15 32.47
CA SER F 1 5.47 38.79 33.69
C SER F 1 7.00 39.00 33.54
N ASP F 2 7.71 37.93 33.16
CA ASP F 2 9.17 37.98 32.98
C ASP F 2 9.61 38.22 31.53
N ALA F 3 9.94 39.48 31.20
CA ALA F 3 10.37 39.83 29.85
C ALA F 3 11.82 39.41 29.54
N LYS F 4 12.04 38.80 28.39
CA LYS F 4 13.38 38.38 27.98
C LYS F 4 13.60 38.84 26.52
N ARG F 5 14.77 39.41 26.25
CA ARG F 5 15.09 39.90 24.93
C ARG F 5 16.09 38.98 24.20
N ILE F 6 15.75 38.60 22.98
CA ILE F 6 16.63 37.75 22.18
C ILE F 6 16.98 38.44 20.86
N GLU F 7 18.22 38.28 20.44
CA GLU F 7 18.70 38.86 19.20
C GLU F 7 17.90 38.19 18.06
N GLY F 8 17.29 38.99 17.20
CA GLY F 8 16.54 38.43 16.10
C GLY F 8 17.20 38.45 14.72
N PHE F 9 16.78 37.51 13.87
CA PHE F 9 17.31 37.41 12.54
C PHE F 9 16.26 36.83 11.60
N THR F 10 16.53 36.90 10.30
CA THR F 10 15.64 36.26 9.32
C THR F 10 16.57 35.41 8.48
N LEU F 11 16.05 34.25 8.06
CA LEU F 11 16.79 33.34 7.22
C LEU F 11 15.96 33.25 5.94
N SER F 12 16.60 33.56 4.82
CA SER F 12 15.93 33.49 3.53
C SER F 12 16.99 33.23 2.47
N GLU F 13 16.63 32.41 1.48
CA GLU F 13 17.54 32.05 0.39
C GLU F 13 18.91 31.71 0.94
N GLU F 14 18.88 31.01 2.08
CA GLU F 14 20.10 30.54 2.76
C GLU F 14 21.05 31.64 3.26
N ILE F 15 20.53 32.85 3.45
CA ILE F 15 21.35 33.93 3.99
C ILE F 15 20.76 34.39 5.32
N LEU F 16 21.60 34.50 6.34
CA LEU F 16 21.13 34.94 7.64
C LEU F 16 21.31 36.45 7.71
N LYS F 17 20.25 37.18 8.07
CA LYS F 17 20.31 38.64 8.21
C LYS F 17 19.74 39.09 9.56
N SER F 18 20.47 39.99 10.23
CA SER F 18 20.06 40.45 11.54
C SER F 18 18.77 41.21 11.38
N ASP F 19 18.06 41.38 12.48
CA ASP F 19 16.76 41.99 12.47
C ASP F 19 16.38 42.46 13.88
N LYS F 20 15.19 43.02 14.00
CA LYS F 20 14.73 43.52 15.28
C LYS F 20 14.82 42.45 16.35
N GLN F 21 15.03 42.90 17.59
CA GLN F 21 15.12 42.01 18.73
C GLN F 21 13.72 41.50 18.99
N LEU F 22 13.66 40.30 19.56
CA LEU F 22 12.37 39.71 19.88
C LEU F 22 12.21 39.59 21.39
N SER F 23 11.04 39.97 21.88
CA SER F 23 10.74 39.90 23.31
C SER F 23 9.98 38.63 23.64
N VAL F 24 10.60 37.82 24.46
CA VAL F 24 9.99 36.57 24.83
C VAL F 24 10.04 36.45 26.34
N ASP F 25 9.36 35.43 26.85
CA ASP F 25 9.35 35.19 28.28
C ASP F 25 10.25 33.98 28.59
N ALA F 26 10.88 33.97 29.76
CA ALA F 26 11.75 32.88 30.16
C ALA F 26 11.02 31.55 30.29
N GLN F 27 9.71 31.62 30.49
CA GLN F 27 8.89 30.42 30.61
C GLN F 27 8.80 29.61 29.32
N PHE F 28 9.32 30.15 28.23
CA PHE F 28 9.32 29.44 26.94
C PHE F 28 10.41 28.35 26.94
N PHE F 29 11.40 28.52 27.79
CA PHE F 29 12.49 27.58 27.82
C PHE F 29 12.70 26.84 29.14
N THR F 30 12.55 25.52 29.11
CA THR F 30 12.77 24.73 30.30
C THR F 30 14.23 24.92 30.74
N LYS F 31 15.20 24.77 29.83
CA LYS F 31 16.60 25.04 30.21
C LYS F 31 16.82 26.52 29.95
N PRO F 32 17.67 27.18 30.75
CA PRO F 32 17.88 28.60 30.49
C PRO F 32 18.59 28.86 29.15
N LEU F 33 18.02 29.75 28.36
CA LEU F 33 18.57 30.10 27.07
C LEU F 33 19.27 31.44 27.26
N THR F 34 20.58 31.42 27.48
CA THR F 34 21.27 32.68 27.71
C THR F 34 21.72 33.35 26.42
N ASP F 35 22.56 32.69 25.65
CA ASP F 35 23.01 33.29 24.40
C ASP F 35 22.13 32.75 23.28
N GLY F 36 20.98 33.38 23.05
CA GLY F 36 20.09 32.87 22.05
C GLY F 36 19.80 33.68 20.81
N MET F 37 19.21 33.03 19.82
CA MET F 37 18.84 33.69 18.57
C MET F 37 17.43 33.29 18.27
N ALA F 38 16.71 34.20 17.64
CA ALA F 38 15.35 33.96 17.21
C ALA F 38 15.46 34.10 15.69
N ILE F 39 15.29 33.01 14.97
CA ILE F 39 15.38 33.16 13.55
C ILE F 39 14.02 33.06 12.88
N ARG F 40 13.66 34.10 12.18
CA ARG F 40 12.41 34.07 11.48
C ARG F 40 12.69 33.37 10.15
N SER F 41 11.98 32.30 9.86
CA SER F 41 12.19 31.59 8.62
C SER F 41 10.91 30.89 8.17
N GLU F 42 10.42 31.29 7.00
CA GLU F 42 9.19 30.72 6.42
C GLU F 42 7.94 30.64 7.33
N GLY F 43 7.54 31.75 7.91
CA GLY F 43 6.35 31.69 8.73
C GLY F 43 6.54 31.05 10.09
N LYS F 44 7.79 30.83 10.48
CA LYS F 44 8.05 30.23 11.77
C LYS F 44 9.20 30.98 12.48
N ILE F 45 9.28 30.84 13.78
CA ILE F 45 10.33 31.49 14.49
C ILE F 45 11.02 30.40 15.23
N TYR F 46 12.30 30.25 14.93
CA TYR F 46 13.15 29.23 15.54
C TYR F 46 14.02 29.82 16.64
N PHE F 47 13.96 29.22 17.81
CA PHE F 47 14.78 29.69 18.91
C PHE F 47 16.00 28.83 19.00
N VAL F 48 17.17 29.45 18.87
CA VAL F 48 18.44 28.68 18.86
C VAL F 48 19.40 28.95 20.01
N ASP F 49 20.02 27.87 20.48
CA ASP F 49 20.97 27.92 21.57
C ASP F 49 22.37 27.82 20.96
N LYS F 50 23.07 28.94 20.86
CA LYS F 50 24.43 29.00 20.29
C LYS F 50 25.44 28.25 21.12
N GLN F 51 25.15 28.11 22.39
CA GLN F 51 26.00 27.42 23.36
C GLN F 51 25.91 25.90 23.34
N ALA F 52 24.82 25.36 22.79
CA ALA F 52 24.63 23.92 22.72
C ALA F 52 25.83 23.09 22.26
N SER F 53 26.02 21.92 22.90
CA SER F 53 27.09 20.97 22.51
C SER F 53 26.52 20.04 21.42
N LEU F 54 27.34 19.54 20.50
CA LEU F 54 26.81 18.68 19.45
C LEU F 54 26.07 17.46 20.01
N SER F 55 24.83 17.28 19.60
CA SER F 55 24.03 16.15 20.04
C SER F 55 22.96 16.01 18.97
N ASP F 56 22.49 14.79 18.72
CA ASP F 56 21.48 14.61 17.70
C ASP F 56 20.34 15.61 17.93
N GLY F 57 19.83 16.18 16.86
CA GLY F 57 18.75 17.14 16.98
C GLY F 57 18.59 18.07 15.79
N LEU F 58 17.85 19.16 15.99
CA LEU F 58 17.60 20.12 14.94
C LEU F 58 18.60 21.30 15.10
N TRP F 59 19.39 21.56 14.07
CA TRP F 59 20.40 22.59 14.17
C TRP F 59 20.39 23.68 13.11
N LEU F 60 20.90 24.84 13.50
CA LEU F 60 21.05 25.93 12.56
C LEU F 60 22.45 25.63 12.07
N VAL F 61 22.66 25.54 10.76
CA VAL F 61 24.00 25.21 10.29
C VAL F 61 24.45 26.00 9.09
N ASP F 62 25.75 25.95 8.86
CA ASP F 62 26.42 26.66 7.79
C ASP F 62 27.21 25.60 7.01
N ILE F 63 26.79 25.39 5.77
CA ILE F 63 27.41 24.42 4.88
C ILE F 63 28.04 25.18 3.70
N GLU F 64 29.36 25.31 3.71
CA GLU F 64 30.06 25.98 2.63
C GLU F 64 29.39 27.34 2.40
N GLY F 65 29.10 28.03 3.50
CA GLY F 65 28.46 29.33 3.40
C GLY F 65 26.94 29.40 3.44
N ALA F 66 26.26 28.34 3.01
CA ALA F 66 24.80 28.35 3.03
C ALA F 66 24.32 28.11 4.45
N ILE F 67 23.33 28.87 4.88
CA ILE F 67 22.82 28.68 6.21
C ILE F 67 21.49 27.94 6.15
N SER F 68 21.27 26.99 7.03
CA SER F 68 19.98 26.32 7.04
C SER F 68 19.72 25.62 8.32
N ILE F 69 18.48 25.17 8.49
CA ILE F 69 18.02 24.44 9.68
C ILE F 69 17.95 22.98 9.25
N ARG F 70 18.72 22.09 9.89
CA ARG F 70 18.74 20.69 9.50
C ARG F 70 18.73 19.72 10.68
N GLU F 71 18.22 18.51 10.47
CA GLU F 71 18.19 17.47 11.48
C GLU F 71 19.53 16.74 11.34
N LEU F 72 20.34 16.80 12.40
CA LEU F 72 21.65 16.14 12.40
C LEU F 72 21.67 14.88 13.23
N THR F 73 22.32 13.83 12.71
CA THR F 73 22.41 12.56 13.41
C THR F 73 23.83 12.04 13.23
N LYS F 74 24.52 11.85 14.36
CA LYS F 74 25.89 11.38 14.35
C LYS F 74 25.96 9.93 13.90
N LEU F 75 26.94 9.63 13.05
CA LEU F 75 27.19 8.28 12.58
C LEU F 75 28.62 7.98 12.97
N PRO F 76 28.92 6.73 13.37
CA PRO F 76 30.28 6.33 13.77
C PRO F 76 31.32 6.79 12.74
N GLY F 77 32.45 7.29 13.25
CA GLY F 77 33.54 7.76 12.38
C GLY F 77 33.47 9.26 12.11
N ARG F 78 33.00 9.99 13.12
CA ARG F 78 32.85 11.44 13.03
C ARG F 78 32.04 11.81 11.80
N LYS F 79 30.95 11.10 11.56
CA LYS F 79 30.16 11.44 10.39
C LYS F 79 28.79 11.99 10.78
N LEU F 80 28.09 12.58 9.81
CA LEU F 80 26.76 13.14 10.05
C LEU F 80 25.74 12.77 8.99
N HIS F 81 24.50 12.64 9.40
CA HIS F 81 23.47 12.39 8.42
C HIS F 81 22.76 13.71 8.50
N VAL F 82 22.57 14.32 7.36
CA VAL F 82 21.93 15.64 7.29
C VAL F 82 20.59 15.57 6.59
N ALA F 83 19.51 15.88 7.32
CA ALA F 83 18.15 15.82 6.79
C ALA F 83 17.43 17.15 6.92
N GLY F 84 16.40 17.35 6.10
CA GLY F 84 15.69 18.61 6.20
C GLY F 84 15.53 19.26 4.83
N GLY F 85 16.55 19.10 3.99
CA GLY F 85 16.50 19.59 2.64
C GLY F 85 15.79 18.57 1.76
N LYS F 86 15.62 18.87 0.48
CA LYS F 86 14.92 17.98 -0.42
C LYS F 86 15.52 16.59 -0.48
N VAL F 87 16.81 16.46 -0.23
CA VAL F 87 17.40 15.12 -0.27
C VAL F 87 18.48 14.98 0.75
N PRO F 88 18.31 14.07 1.71
CA PRO F 88 19.30 13.86 2.77
C PRO F 88 20.65 13.39 2.24
N PHE F 89 21.70 13.56 3.05
CA PHE F 89 23.06 13.19 2.68
C PHE F 89 23.92 13.04 3.90
N GLU F 90 25.09 12.47 3.70
CA GLU F 90 26.04 12.27 4.77
C GLU F 90 27.30 13.12 4.54
N CYS F 91 28.07 13.31 5.57
CA CYS F 91 29.32 14.02 5.46
C CYS F 91 30.01 13.92 6.80
N GLY F 92 31.23 14.45 6.88
CA GLY F 92 31.97 14.42 8.15
C GLY F 92 31.59 15.62 9.01
N ILE F 93 31.72 15.53 10.34
CA ILE F 93 31.29 16.67 11.13
C ILE F 93 32.13 17.93 10.90
N ASP F 94 33.30 17.75 10.32
CA ASP F 94 34.13 18.90 10.02
C ASP F 94 33.80 19.51 8.66
N ASP F 95 32.85 18.96 7.94
CA ASP F 95 32.50 19.54 6.65
C ASP F 95 31.38 20.53 6.82
N ILE F 96 30.89 20.64 8.06
CA ILE F 96 29.79 21.54 8.36
C ILE F 96 30.08 22.33 9.63
N LYS F 97 29.52 23.52 9.73
CA LYS F 97 29.71 24.35 10.88
C LYS F 97 28.37 24.50 11.64
N THR F 98 28.31 24.14 12.92
CA THR F 98 27.05 24.29 13.66
C THR F 98 26.95 25.66 14.33
N LEU F 99 25.85 26.35 14.14
CA LEU F 99 25.72 27.65 14.76
C LEU F 99 25.03 27.52 16.10
N GLY F 100 24.17 26.52 16.21
CA GLY F 100 23.43 26.32 17.44
C GLY F 100 22.29 25.31 17.30
N ARG F 101 21.71 24.92 18.44
CA ARG F 101 20.62 23.96 18.40
C ARG F 101 19.26 24.63 18.55
N VAL F 102 18.26 24.16 17.79
CA VAL F 102 16.94 24.74 17.92
C VAL F 102 16.38 24.17 19.23
N VAL F 103 15.90 25.03 20.11
CA VAL F 103 15.34 24.52 21.36
C VAL F 103 13.85 24.66 21.37
N GLY F 104 13.30 25.37 20.40
CA GLY F 104 11.86 25.51 20.37
C GLY F 104 11.45 26.15 19.08
N VAL F 105 10.16 26.09 18.78
CA VAL F 105 9.67 26.66 17.52
C VAL F 105 8.30 27.28 17.68
N TYR F 106 8.14 28.48 17.15
CA TYR F 106 6.84 29.10 17.20
C TYR F 106 6.29 29.17 15.78
N SER F 107 5.01 28.87 15.63
CA SER F 107 4.41 28.87 14.30
C SER F 107 3.01 29.38 14.43
N GLU F 108 2.59 30.09 13.39
CA GLU F 108 1.24 30.60 13.31
C GLU F 108 0.55 29.73 12.25
N VAL F 109 1.33 29.23 11.28
CA VAL F 109 0.84 28.40 10.15
C VAL F 109 0.86 26.88 10.43
N ASN F 110 -0.34 26.30 10.57
CA ASN F 110 -0.47 24.87 10.88
C ASN F 110 0.03 23.85 9.84
N SER G 1 11.23 -35.83 35.35
CA SER G 1 11.14 -35.41 36.78
C SER G 1 9.73 -35.61 37.33
N ASP G 2 8.90 -34.58 37.18
CA ASP G 2 7.53 -34.62 37.66
C ASP G 2 6.50 -34.96 36.59
N ALA G 3 6.08 -36.23 36.56
CA ALA G 3 5.09 -36.69 35.58
C ALA G 3 3.66 -36.32 35.96
N LYS G 4 2.92 -35.86 34.97
CA LYS G 4 1.52 -35.47 35.17
C LYS G 4 0.70 -36.12 34.02
N ARG G 5 -0.48 -36.66 34.37
CA ARG G 5 -1.36 -37.29 33.38
C ARG G 5 -2.59 -36.44 33.08
N ILE G 6 -2.86 -36.21 31.80
CA ILE G 6 -3.98 -35.38 31.39
C ILE G 6 -4.85 -36.16 30.44
N GLU G 7 -6.16 -36.06 30.58
CA GLU G 7 -7.06 -36.74 29.64
C GLU G 7 -6.84 -36.17 28.24
N GLY G 8 -6.86 -37.02 27.24
CA GLY G 8 -6.62 -36.54 25.91
C GLY G 8 -7.81 -36.69 24.99
N PHE G 9 -7.88 -35.80 24.01
CA PHE G 9 -8.96 -35.83 23.03
C PHE G 9 -8.40 -35.40 21.70
N THR G 10 -9.17 -35.58 20.63
CA THR G 10 -8.78 -35.11 19.31
C THR G 10 -9.97 -34.31 18.86
N LEU G 11 -9.71 -33.28 18.09
CA LEU G 11 -10.76 -32.41 17.58
C LEU G 11 -10.62 -32.46 16.07
N SER G 12 -11.68 -32.88 15.40
CA SER G 12 -11.65 -32.98 13.98
C SER G 12 -13.04 -32.82 13.43
N GLU G 13 -13.15 -32.09 12.34
CA GLU G 13 -14.43 -31.85 11.73
C GLU G 13 -15.46 -31.40 12.79
N GLU G 14 -14.96 -30.60 13.73
CA GLU G 14 -15.75 -30.04 14.82
C GLU G 14 -16.33 -31.06 15.77
N ILE G 15 -15.74 -32.24 15.83
CA ILE G 15 -16.23 -33.23 16.76
C ILE G 15 -15.11 -33.59 17.69
N LEU G 16 -15.42 -33.54 18.99
CA LEU G 16 -14.44 -33.84 20.02
C LEU G 16 -14.57 -35.33 20.34
N LYS G 17 -13.43 -36.03 20.35
CA LYS G 17 -13.39 -37.47 20.64
C LYS G 17 -12.28 -37.86 21.60
N SER G 18 -12.65 -38.62 22.64
CA SER G 18 -11.71 -39.08 23.65
C SER G 18 -10.58 -39.84 23.01
N ASP G 19 -9.42 -39.84 23.67
CA ASP G 19 -8.25 -40.50 23.13
C ASP G 19 -7.27 -40.91 24.25
N LYS G 20 -6.07 -41.33 23.86
CA LYS G 20 -5.05 -41.74 24.81
C LYS G 20 -4.71 -40.60 25.75
N GLN G 21 -4.44 -40.95 27.01
CA GLN G 21 -4.07 -39.95 27.98
C GLN G 21 -2.70 -39.43 27.58
N LEU G 22 -2.37 -38.24 28.05
CA LEU G 22 -1.12 -37.62 27.71
C LEU G 22 -0.31 -37.38 28.98
N SER G 23 0.98 -37.70 28.92
CA SER G 23 1.82 -37.49 30.07
C SER G 23 2.56 -36.16 29.87
N VAL G 24 2.37 -35.27 30.83
CA VAL G 24 2.98 -33.96 30.73
C VAL G 24 3.60 -33.56 32.08
N ASP G 25 4.59 -32.67 32.09
CA ASP G 25 5.19 -32.27 33.36
C ASP G 25 4.42 -31.08 33.91
N ALA G 26 4.40 -30.89 35.23
CA ALA G 26 3.71 -29.74 35.83
C ALA G 26 4.40 -28.41 35.46
N GLN G 27 5.69 -28.47 35.12
CA GLN G 27 6.52 -27.32 34.73
C GLN G 27 5.93 -26.63 33.48
N PHE G 28 4.99 -27.30 32.82
CA PHE G 28 4.35 -26.77 31.61
C PHE G 28 3.41 -25.62 31.98
N PHE G 29 2.86 -25.70 33.19
CA PHE G 29 1.88 -24.72 33.60
C PHE G 29 2.22 -23.88 34.80
N THR G 30 2.26 -22.56 34.61
CA THR G 30 2.58 -21.65 35.70
C THR G 30 1.51 -21.85 36.79
N LYS G 31 0.24 -21.77 36.40
CA LYS G 31 -0.82 -21.97 37.36
C LYS G 31 -1.07 -23.48 37.36
N PRO G 32 -1.57 -24.02 38.49
CA PRO G 32 -1.80 -25.47 38.51
C PRO G 32 -2.97 -25.85 37.60
N LEU G 33 -2.74 -26.80 36.69
CA LEU G 33 -3.75 -27.27 35.73
C LEU G 33 -4.35 -28.55 36.38
N THR G 34 -5.36 -28.38 37.22
CA THR G 34 -5.95 -29.51 37.91
C THR G 34 -6.84 -30.31 36.97
N ASP G 35 -7.94 -29.69 36.53
CA ASP G 35 -8.81 -30.42 35.64
C ASP G 35 -8.45 -29.95 34.23
N GLY G 36 -7.55 -30.67 33.58
CA GLY G 36 -7.14 -30.29 32.25
C GLY G 36 -7.39 -31.26 31.14
N MET G 37 -7.43 -30.75 29.92
CA MET G 37 -7.61 -31.58 28.74
C MET G 37 -6.47 -31.25 27.83
N ALA G 38 -6.13 -32.18 26.98
CA ALA G 38 -5.09 -31.99 26.00
C ALA G 38 -5.87 -32.32 24.75
N ILE G 39 -6.07 -31.30 23.90
CA ILE G 39 -6.81 -31.48 22.65
C ILE G 39 -5.88 -31.51 21.45
N ARG G 40 -5.80 -32.65 20.79
CA ARG G 40 -4.97 -32.78 19.61
C ARG G 40 -5.81 -32.20 18.44
N SER G 41 -5.32 -31.17 17.77
CA SER G 41 -6.08 -30.60 16.66
C SER G 41 -5.15 -30.00 15.65
N GLU G 42 -5.29 -30.41 14.40
CA GLU G 42 -4.46 -29.93 13.31
C GLU G 42 -2.96 -29.74 13.62
N GLY G 43 -2.33 -30.84 14.02
CA GLY G 43 -0.91 -30.83 14.30
C GLY G 43 -0.46 -30.12 15.54
N LYS G 44 -1.39 -29.74 16.38
CA LYS G 44 -1.00 -29.03 17.58
C LYS G 44 -1.68 -29.71 18.76
N ILE G 45 -1.25 -29.36 19.96
CA ILE G 45 -1.85 -29.90 21.17
C ILE G 45 -2.19 -28.70 22.03
N TYR G 46 -3.48 -28.51 22.23
CA TYR G 46 -4.02 -27.41 23.04
C TYR G 46 -4.22 -27.90 24.48
N PHE G 47 -3.69 -27.17 25.46
CA PHE G 47 -3.91 -27.57 26.85
C PHE G 47 -5.02 -26.71 27.41
N VAL G 48 -6.13 -27.33 27.76
CA VAL G 48 -7.25 -26.57 28.27
C VAL G 48 -7.58 -26.76 29.73
N ASP G 49 -7.98 -25.64 30.35
CA ASP G 49 -8.40 -25.56 31.74
C ASP G 49 -9.93 -25.51 31.82
N LYS G 50 -10.54 -26.67 32.11
CA LYS G 50 -12.00 -26.79 32.19
C LYS G 50 -12.64 -25.97 33.26
N GLN G 51 -11.88 -25.53 34.26
CA GLN G 51 -12.49 -24.74 35.33
C GLN G 51 -12.30 -23.20 35.23
N ALA G 52 -11.62 -22.77 34.17
CA ALA G 52 -11.41 -21.35 33.94
C ALA G 52 -12.70 -20.53 33.93
N SER G 53 -12.67 -19.37 34.55
CA SER G 53 -13.84 -18.53 34.55
C SER G 53 -13.74 -17.67 33.27
N LEU G 54 -14.88 -17.24 32.75
CA LEU G 54 -14.94 -16.47 31.50
C LEU G 54 -14.09 -15.23 31.56
N SER G 55 -13.17 -15.14 30.62
CA SER G 55 -12.31 -14.00 30.55
C SER G 55 -11.81 -13.96 29.10
N ASP G 56 -11.52 -12.79 28.57
CA ASP G 56 -11.02 -12.64 27.21
C ASP G 56 -9.85 -13.61 27.03
N GLY G 57 -9.81 -14.31 25.90
CA GLY G 57 -8.74 -15.25 25.66
C GLY G 57 -9.09 -16.26 24.58
N LEU G 58 -8.31 -17.34 24.51
CA LEU G 58 -8.51 -18.42 23.55
C LEU G 58 -9.33 -19.53 24.27
N TRP G 59 -10.45 -19.96 23.69
CA TRP G 59 -11.24 -20.98 24.37
C TRP G 59 -11.69 -22.15 23.51
N LEU G 60 -11.99 -23.24 24.20
CA LEU G 60 -12.54 -24.41 23.53
C LEU G 60 -14.03 -24.12 23.71
N VAL G 61 -14.76 -24.16 22.61
CA VAL G 61 -16.20 -23.86 22.69
C VAL G 61 -17.08 -24.85 21.94
N ASP G 62 -18.36 -24.82 22.30
CA ASP G 62 -19.42 -25.64 21.74
C ASP G 62 -20.49 -24.66 21.30
N ILE G 63 -20.66 -24.53 19.99
CA ILE G 63 -21.66 -23.64 19.47
C ILE G 63 -22.64 -24.49 18.70
N GLU G 64 -23.88 -24.54 19.19
CA GLU G 64 -24.94 -25.34 18.59
C GLU G 64 -24.39 -26.69 18.22
N GLY G 65 -23.63 -27.31 19.12
CA GLY G 65 -23.11 -28.64 18.85
C GLY G 65 -21.74 -28.67 18.24
N ALA G 66 -21.36 -27.63 17.51
CA ALA G 66 -20.04 -27.58 16.88
C ALA G 66 -18.91 -27.21 17.86
N ILE G 67 -17.84 -28.00 17.87
CA ILE G 67 -16.76 -27.69 18.77
C ILE G 67 -15.55 -27.09 18.09
N SER G 68 -15.11 -25.97 18.66
CA SER G 68 -13.95 -25.31 18.09
C SER G 68 -13.20 -24.47 19.10
N ILE G 69 -11.99 -24.06 18.71
CA ILE G 69 -11.10 -23.20 19.49
C ILE G 69 -11.30 -21.78 18.97
N ARG G 70 -11.77 -20.86 19.79
CA ARG G 70 -11.99 -19.52 19.31
C ARG G 70 -11.47 -18.48 20.27
N GLU G 71 -11.16 -17.31 19.74
CA GLU G 71 -10.69 -16.20 20.57
C GLU G 71 -11.97 -15.46 20.94
N LEU G 72 -12.22 -15.32 22.23
CA LEU G 72 -13.42 -14.66 22.71
C LEU G 72 -13.12 -13.31 23.33
N THR G 73 -13.93 -12.31 23.03
CA THR G 73 -13.74 -10.97 23.60
C THR G 73 -15.08 -10.48 24.10
N LYS G 74 -15.22 -10.22 25.38
CA LYS G 74 -16.49 -9.76 25.90
C LYS G 74 -16.87 -8.36 25.44
N LEU G 75 -18.13 -8.15 25.12
CA LEU G 75 -18.57 -6.82 24.70
C LEU G 75 -19.72 -6.43 25.63
N PRO G 76 -19.86 -5.14 25.96
CA PRO G 76 -20.95 -4.72 26.85
C PRO G 76 -22.31 -5.33 26.43
N GLY G 77 -23.09 -5.76 27.42
CA GLY G 77 -24.39 -6.36 27.18
C GLY G 77 -24.35 -7.89 27.15
N ARG G 78 -23.42 -8.47 27.92
CA ARG G 78 -23.23 -9.92 27.97
C ARG G 78 -23.02 -10.47 26.53
N LYS G 79 -22.24 -9.76 25.71
CA LYS G 79 -22.03 -10.22 24.35
C LYS G 79 -20.60 -10.67 24.15
N LEU G 80 -20.37 -11.34 23.04
CA LEU G 80 -19.05 -11.84 22.71
C LEU G 80 -18.71 -11.65 21.26
N HIS G 81 -17.43 -11.41 21.00
CA HIS G 81 -16.94 -11.30 19.64
C HIS G 81 -16.22 -12.64 19.50
N VAL G 82 -16.47 -13.35 18.42
CA VAL G 82 -15.88 -14.67 18.25
C VAL G 82 -14.98 -14.73 17.01
N ALA G 83 -13.67 -14.86 17.24
CA ALA G 83 -12.73 -14.90 16.16
C ALA G 83 -12.02 -16.22 16.12
N GLY G 84 -11.47 -16.54 14.94
CA GLY G 84 -10.73 -17.78 14.80
C GLY G 84 -11.18 -18.59 13.59
N GLY G 85 -12.44 -18.45 13.21
CA GLY G 85 -12.96 -19.12 12.05
C GLY G 85 -12.78 -18.18 10.85
N LYS G 86 -13.20 -18.57 9.65
CA LYS G 86 -12.97 -17.73 8.46
C LYS G 86 -13.57 -16.35 8.57
N VAL G 87 -14.67 -16.23 9.28
CA VAL G 87 -15.28 -14.91 9.44
C VAL G 87 -15.75 -14.72 10.88
N PRO G 88 -15.22 -13.71 11.59
CA PRO G 88 -15.60 -13.46 12.98
C PRO G 88 -17.03 -13.04 13.09
N PHE G 89 -17.58 -13.07 14.29
CA PHE G 89 -18.97 -12.68 14.53
C PHE G 89 -19.30 -12.38 15.99
N GLU G 90 -20.46 -11.82 16.21
CA GLU G 90 -20.87 -11.51 17.57
C GLU G 90 -22.07 -12.36 18.00
N CYS G 91 -22.18 -12.57 19.30
CA CYS G 91 -23.32 -13.29 19.79
C CYS G 91 -23.34 -13.14 21.29
N GLY G 92 -24.43 -13.52 21.92
CA GLY G 92 -24.48 -13.37 23.35
C GLY G 92 -23.64 -14.44 24.03
N ILE G 93 -23.19 -14.16 25.26
CA ILE G 93 -22.41 -15.18 25.94
C ILE G 93 -23.25 -16.43 26.18
N ASP G 94 -24.58 -16.29 26.22
CA ASP G 94 -25.40 -17.48 26.40
C ASP G 94 -25.69 -18.26 25.14
N ASP G 95 -25.31 -17.75 23.97
CA ASP G 95 -25.55 -18.49 22.74
C ASP G 95 -24.46 -19.54 22.56
N ILE G 96 -23.42 -19.44 23.36
CA ILE G 96 -22.29 -20.33 23.26
C ILE G 96 -22.02 -21.05 24.61
N LYS G 97 -21.39 -22.20 24.54
CA LYS G 97 -21.02 -22.95 25.72
C LYS G 97 -19.47 -23.02 25.81
N THR G 98 -18.91 -22.54 26.90
CA THR G 98 -17.45 -22.58 27.03
C THR G 98 -17.01 -23.86 27.74
N LEU G 99 -16.14 -24.62 27.12
CA LEU G 99 -15.67 -25.86 27.71
C LEU G 99 -14.38 -25.70 28.51
N GLY G 100 -13.64 -24.62 28.26
CA GLY G 100 -12.40 -24.40 28.96
C GLY G 100 -11.49 -23.42 28.22
N ARG G 101 -10.55 -22.84 28.95
CA ARG G 101 -9.62 -21.90 28.34
C ARG G 101 -8.29 -22.57 27.95
N VAL G 102 -7.73 -22.16 26.83
CA VAL G 102 -6.46 -22.74 26.41
C VAL G 102 -5.37 -22.00 27.21
N VAL G 103 -4.55 -22.72 27.95
CA VAL G 103 -3.53 -22.04 28.72
C VAL G 103 -2.17 -22.23 28.10
N GLY G 104 -2.10 -23.10 27.10
CA GLY G 104 -0.84 -23.41 26.44
C GLY G 104 -0.98 -24.23 25.18
N VAL G 105 -0.06 -24.03 24.26
CA VAL G 105 -0.12 -24.78 23.01
C VAL G 105 1.24 -25.36 22.67
N TYR G 106 1.25 -26.60 22.22
CA TYR G 106 2.48 -27.24 21.79
C TYR G 106 2.29 -27.48 20.31
N SER G 107 3.32 -27.19 19.54
CA SER G 107 3.23 -27.39 18.11
C SER G 107 4.49 -28.01 17.56
N GLU G 108 4.38 -28.82 16.52
CA GLU G 108 5.58 -29.37 15.89
C GLU G 108 5.74 -28.61 14.57
N VAL G 109 4.62 -28.13 14.02
CA VAL G 109 4.59 -27.37 12.74
C VAL G 109 4.69 -25.83 12.87
N ASN G 110 5.84 -25.28 12.48
CA ASN G 110 6.09 -23.84 12.59
C ASN G 110 5.10 -22.96 11.79
N SER H 1 7.39 -2.74 51.43
CA SER H 1 8.01 -4.03 51.90
C SER H 1 9.56 -4.06 51.84
N ASP H 2 10.10 -4.48 50.70
CA ASP H 2 11.55 -4.57 50.52
C ASP H 2 12.13 -3.36 49.76
N ALA H 3 12.67 -2.39 50.50
CA ALA H 3 13.25 -1.19 49.89
C ALA H 3 14.65 -1.46 49.30
N LYS H 4 14.90 -0.92 48.13
CA LYS H 4 16.18 -1.11 47.44
C LYS H 4 16.61 0.24 46.92
N ARG H 5 17.87 0.59 47.08
CA ARG H 5 18.32 1.88 46.58
C ARG H 5 19.26 1.77 45.40
N ILE H 6 18.98 2.54 44.34
CA ILE H 6 19.79 2.53 43.14
C ILE H 6 20.39 3.92 42.90
N GLU H 7 21.61 3.97 42.39
CA GLU H 7 22.26 5.23 42.06
C GLU H 7 21.46 5.91 40.94
N GLY H 8 21.15 7.19 41.09
CA GLY H 8 20.38 7.86 40.07
C GLY H 8 21.17 8.76 39.15
N PHE H 9 20.66 8.97 37.95
CA PHE H 9 21.31 9.81 36.96
C PHE H 9 20.22 10.39 36.08
N THR H 10 20.59 11.38 35.28
CA THR H 10 19.68 11.96 34.31
C THR H 10 20.48 11.96 33.00
N LEU H 11 19.79 11.75 31.88
CA LEU H 11 20.40 11.72 30.56
C LEU H 11 19.79 12.81 29.75
N SER H 12 20.58 13.77 29.36
CA SER H 12 20.00 14.86 28.61
C SER H 12 21.07 15.35 27.65
N GLU H 13 20.67 15.70 26.44
CA GLU H 13 21.61 16.19 25.43
C GLU H 13 22.82 15.31 25.33
N GLU H 14 22.59 14.03 25.51
CA GLU H 14 23.62 13.00 25.44
C GLU H 14 24.69 13.07 26.48
N ILE H 15 24.35 13.68 27.61
CA ILE H 15 25.29 13.82 28.71
C ILE H 15 24.70 13.13 29.95
N LEU H 16 25.47 12.21 30.51
CA LEU H 16 25.03 11.49 31.70
C LEU H 16 25.43 12.29 32.95
N LYS H 17 24.50 12.51 33.86
CA LYS H 17 24.82 13.28 35.05
C LYS H 17 24.25 12.60 36.29
N SER H 18 25.07 12.47 37.34
CA SER H 18 24.65 11.86 38.60
C SER H 18 23.47 12.64 39.16
N ASP H 19 22.66 11.99 40.01
CA ASP H 19 21.47 12.63 40.54
C ASP H 19 21.03 11.92 41.83
N LYS H 20 19.89 12.31 42.38
CA LYS H 20 19.39 11.71 43.61
C LYS H 20 19.33 10.21 43.45
N GLN H 21 19.48 9.49 44.56
CA GLN H 21 19.35 8.05 44.52
C GLN H 21 17.87 7.75 44.35
N LEU H 22 17.55 6.56 43.87
CA LEU H 22 16.16 6.21 43.67
C LEU H 22 15.81 5.00 44.53
N SER H 23 14.66 5.05 45.20
CA SER H 23 14.27 3.93 46.03
C SER H 23 13.32 3.02 45.22
N VAL H 24 13.76 1.78 44.98
CA VAL H 24 12.99 0.82 44.19
C VAL H 24 12.78 -0.45 45.01
N ASP H 25 11.84 -1.30 44.61
CA ASP H 25 11.56 -2.55 45.33
C ASP H 25 12.21 -3.70 44.54
N ALA H 26 12.74 -4.71 45.22
CA ALA H 26 13.41 -5.84 44.53
C ALA H 26 12.50 -6.61 43.59
N GLN H 27 11.20 -6.51 43.86
CA GLN H 27 10.18 -7.16 43.05
C GLN H 27 10.16 -6.61 41.60
N PHE H 28 10.89 -5.52 41.38
CA PHE H 28 10.96 -4.90 40.06
C PHE H 28 11.78 -5.74 39.10
N PHE H 29 12.74 -6.47 39.64
CA PHE H 29 13.62 -7.26 38.80
C PHE H 29 13.55 -8.74 39.03
N THR H 30 13.33 -9.50 37.97
CA THR H 30 13.27 -10.97 38.12
C THR H 30 14.67 -11.45 38.47
N LYS H 31 15.67 -10.99 37.73
CA LYS H 31 17.03 -11.34 38.06
C LYS H 31 17.51 -10.25 39.02
N PRO H 32 18.27 -10.63 40.05
CA PRO H 32 18.75 -9.58 40.98
C PRO H 32 19.57 -8.49 40.28
N LEU H 33 19.28 -7.24 40.59
CA LEU H 33 20.01 -6.13 40.02
C LEU H 33 20.93 -5.61 41.12
N THR H 34 22.18 -6.04 41.11
CA THR H 34 23.15 -5.64 42.13
C THR H 34 23.80 -4.29 41.81
N ASP H 35 24.57 -4.20 40.73
CA ASP H 35 25.17 -2.91 40.40
C ASP H 35 24.31 -2.23 39.31
N GLY H 36 23.34 -1.44 39.75
CA GLY H 36 22.46 -0.84 38.78
C GLY H 36 22.41 0.65 38.78
N MET H 37 21.82 1.16 37.71
CA MET H 37 21.66 2.57 37.49
C MET H 37 20.20 2.82 37.18
N ALA H 38 19.74 4.00 37.56
CA ALA H 38 18.38 4.44 37.31
C ALA H 38 18.58 5.72 36.51
N ILE H 39 18.32 5.66 35.21
CA ILE H 39 18.52 6.85 34.42
C ILE H 39 17.22 7.48 33.97
N ARG H 40 17.03 8.72 34.41
CA ARG H 40 15.86 9.54 34.09
C ARG H 40 16.14 10.19 32.74
N SER H 41 15.33 9.84 31.75
CA SER H 41 15.55 10.36 30.41
C SER H 41 14.24 10.55 29.67
N GLU H 42 13.92 11.80 29.35
CA GLU H 42 12.71 12.11 28.60
C GLU H 42 11.45 11.48 29.19
N GLY H 43 11.14 11.82 30.44
CA GLY H 43 9.93 11.32 31.08
C GLY H 43 9.85 9.82 31.35
N LYS H 44 10.98 9.12 31.28
CA LYS H 44 11.02 7.70 31.53
C LYS H 44 12.20 7.44 32.49
N ILE H 45 12.18 6.28 33.15
CA ILE H 45 13.28 5.93 34.00
C ILE H 45 13.73 4.56 33.52
N TYR H 46 14.98 4.47 33.06
CA TYR H 46 15.54 3.22 32.58
C TYR H 46 16.40 2.62 33.69
N PHE H 47 16.16 1.34 33.98
CA PHE H 47 16.94 0.60 34.96
C PHE H 47 18.02 -0.23 34.23
N VAL H 48 19.28 0.13 34.50
CA VAL H 48 20.40 -0.51 33.83
C VAL H 48 21.27 -1.38 34.70
N ASP H 49 21.66 -2.51 34.12
CA ASP H 49 22.54 -3.48 34.76
C ASP H 49 23.95 -3.33 34.19
N LYS H 50 24.82 -2.70 34.97
CA LYS H 50 26.23 -2.45 34.63
C LYS H 50 27.01 -3.75 34.47
N GLN H 51 26.56 -4.84 35.07
CA GLN H 51 27.28 -6.13 34.97
C GLN H 51 26.97 -7.04 33.77
N ALA H 52 25.92 -6.70 33.03
CA ALA H 52 25.51 -7.50 31.88
C ALA H 52 26.61 -7.77 30.83
N SER H 53 26.60 -8.96 30.28
CA SER H 53 27.56 -9.32 29.23
C SER H 53 26.83 -9.00 27.92
N LEU H 54 27.59 -8.55 26.91
CA LEU H 54 27.00 -8.18 25.63
C LEU H 54 26.06 -9.26 25.10
N SER H 55 24.86 -8.85 24.70
CA SER H 55 23.88 -9.78 24.17
C SER H 55 22.86 -8.88 23.51
N ASP H 56 22.17 -9.33 22.48
CA ASP H 56 21.21 -8.47 21.79
C ASP H 56 20.17 -7.96 22.77
N GLY H 57 19.85 -6.67 22.63
CA GLY H 57 18.89 -6.03 23.50
C GLY H 57 19.05 -4.50 23.55
N LEU H 58 18.42 -3.86 24.54
CA LEU H 58 18.46 -2.43 24.73
C LEU H 58 19.61 -2.03 25.66
N TRP H 59 20.51 -1.20 25.16
CA TRP H 59 21.63 -0.80 25.99
C TRP H 59 21.88 0.69 26.21
N LEU H 60 22.60 0.96 27.29
CA LEU H 60 23.04 2.29 27.60
C LEU H 60 24.45 2.28 26.97
N VAL H 61 24.73 3.20 26.05
CA VAL H 61 26.05 3.22 25.42
C VAL H 61 26.69 4.61 25.33
N ASP H 62 27.98 4.57 25.03
CA ASP H 62 28.85 5.73 24.92
C ASP H 62 29.52 5.61 23.56
N ILE H 63 29.12 6.43 22.61
CA ILE H 63 29.71 6.38 21.27
C ILE H 63 30.51 7.64 21.09
N GLU H 64 31.84 7.54 21.01
CA GLU H 64 32.71 8.72 20.84
C GLU H 64 32.30 9.86 21.82
N GLY H 65 32.09 9.51 23.08
CA GLY H 65 31.68 10.49 24.08
C GLY H 65 30.16 10.67 24.29
N ALA H 66 29.37 10.41 23.26
CA ALA H 66 27.94 10.58 23.37
C ALA H 66 27.26 9.45 24.13
N ILE H 67 26.37 9.80 25.05
CA ILE H 67 25.69 8.77 25.83
C ILE H 67 24.27 8.59 25.34
N SER H 68 23.85 7.36 25.12
CA SER H 68 22.50 7.17 24.66
C SER H 68 22.03 5.76 24.90
N ILE H 69 20.71 5.57 24.77
CA ILE H 69 20.06 4.29 24.93
C ILE H 69 19.81 3.76 23.51
N ARG H 70 20.43 2.63 23.15
CA ARG H 70 20.25 2.05 21.81
C ARG H 70 19.97 0.54 21.77
N GLU H 71 19.36 0.09 20.71
CA GLU H 71 19.03 -1.31 20.54
C GLU H 71 20.21 -1.92 19.75
N LEU H 72 20.94 -2.86 20.34
CA LEU H 72 22.08 -3.49 19.68
C LEU H 72 21.78 -4.90 19.18
N THR H 73 22.33 -5.24 18.01
CA THR H 73 22.16 -6.57 17.43
C THR H 73 23.51 -7.02 16.91
N LYS H 74 24.00 -8.15 17.40
CA LYS H 74 25.32 -8.59 16.97
C LYS H 74 25.25 -9.04 15.54
N LEU H 75 26.31 -8.82 14.78
CA LEU H 75 26.31 -9.30 13.41
C LEU H 75 27.67 -9.98 13.23
N PRO H 76 27.74 -11.03 12.41
CA PRO H 76 29.02 -11.74 12.18
C PRO H 76 30.18 -10.77 11.94
N GLY H 77 31.36 -11.08 12.48
CA GLY H 77 32.53 -10.22 12.31
C GLY H 77 32.74 -9.19 13.42
N ARG H 78 32.15 -9.47 14.59
CA ARG H 78 32.17 -8.59 15.75
C ARG H 78 31.54 -7.23 15.35
N LYS H 79 30.47 -7.30 14.59
CA LYS H 79 29.85 -6.07 14.21
C LYS H 79 28.54 -5.85 14.98
N LEU H 80 28.03 -4.63 14.93
CA LEU H 80 26.78 -4.30 15.62
C LEU H 80 25.83 -3.50 14.76
N HIS H 81 24.54 -3.76 14.89
CA HIS H 81 23.52 -2.95 14.21
C HIS H 81 23.04 -2.17 15.40
N VAL H 82 23.01 -0.85 15.26
CA VAL H 82 22.63 0.08 16.33
C VAL H 82 21.42 0.89 15.91
N ALA H 83 20.33 0.67 16.62
CA ALA H 83 19.05 1.32 16.32
C ALA H 83 18.59 2.14 17.50
N GLY H 84 17.64 3.05 17.27
CA GLY H 84 17.17 3.85 18.37
C GLY H 84 17.35 5.31 18.09
N GLY H 85 18.28 5.64 17.23
CA GLY H 85 18.45 7.03 16.87
C GLY H 85 17.63 7.29 15.60
N LYS H 86 17.64 8.52 15.09
CA LYS H 86 16.86 8.84 13.90
C LYS H 86 17.23 7.96 12.72
N VAL H 87 18.46 7.49 12.70
CA VAL H 87 18.88 6.65 11.61
C VAL H 87 19.83 5.57 12.09
N PRO H 88 19.45 4.32 11.90
CA PRO H 88 20.26 3.17 12.32
C PRO H 88 21.52 3.09 11.54
N PHE H 89 22.53 2.43 12.08
CA PHE H 89 23.83 2.29 11.43
C PHE H 89 24.52 1.04 11.89
N GLU H 90 25.66 0.72 11.30
CA GLU H 90 26.44 -0.44 11.72
C GLU H 90 27.84 0.01 12.15
N CYS H 91 28.53 -0.83 12.91
CA CYS H 91 29.86 -0.50 13.34
C CYS H 91 30.41 -1.67 14.12
N GLY H 92 31.69 -1.61 14.43
CA GLY H 92 32.29 -2.71 15.16
C GLY H 92 31.98 -2.61 16.64
N ILE H 93 31.94 -3.75 17.33
CA ILE H 93 31.64 -3.67 18.74
C ILE H 93 32.74 -2.88 19.47
N ASP H 94 33.90 -2.72 18.82
CA ASP H 94 35.00 -1.97 19.42
C ASP H 94 34.86 -0.47 19.17
N ASP H 95 33.90 -0.06 18.34
CA ASP H 95 33.75 1.37 18.06
C ASP H 95 32.79 1.99 19.10
N ILE H 96 32.22 1.13 19.93
CA ILE H 96 31.27 1.57 20.92
C ILE H 96 31.59 1.02 22.30
N LYS H 97 31.20 1.75 23.34
CA LYS H 97 31.43 1.29 24.69
C LYS H 97 30.04 1.03 25.34
N THR H 98 29.89 -0.15 25.92
CA THR H 98 28.64 -0.50 26.57
C THR H 98 28.71 -0.20 28.07
N LEU H 99 27.77 0.60 28.58
CA LEU H 99 27.75 0.92 30.01
C LEU H 99 26.84 -0.05 30.78
N GLY H 100 25.89 -0.69 30.08
CA GLY H 100 25.03 -1.65 30.75
C GLY H 100 23.76 -1.98 30.00
N ARG H 101 23.09 -3.06 30.37
CA ARG H 101 21.87 -3.43 29.67
C ARG H 101 20.62 -2.95 30.38
N VAL H 102 19.65 -2.47 29.60
CA VAL H 102 18.44 -2.00 30.20
C VAL H 102 17.67 -3.24 30.60
N VAL H 103 17.28 -3.35 31.87
CA VAL H 103 16.52 -4.50 32.31
C VAL H 103 15.05 -4.14 32.50
N GLY H 104 14.75 -2.86 32.57
CA GLY H 104 13.36 -2.51 32.74
C GLY H 104 13.15 -1.05 32.51
N VAL H 105 11.90 -0.63 32.33
CA VAL H 105 11.63 0.76 32.05
C VAL H 105 10.36 1.24 32.72
N TYR H 106 10.40 2.44 33.29
CA TYR H 106 9.22 3.00 33.94
C TYR H 106 8.83 4.24 33.18
N SER H 107 7.56 4.41 32.93
CA SER H 107 7.12 5.56 32.19
C SER H 107 5.85 6.09 32.76
N GLU H 108 5.71 7.40 32.70
CA GLU H 108 4.48 8.04 33.15
C GLU H 108 3.74 8.40 31.88
N VAL H 109 4.52 8.67 30.82
CA VAL H 109 3.97 9.10 29.50
C VAL H 109 3.62 7.99 28.50
N ASN H 110 2.32 7.75 28.32
CA ASN H 110 1.84 6.70 27.40
C ASN H 110 2.34 6.82 25.99
N SER I 1 16.65 6.90 48.81
CA SER I 1 16.33 8.27 49.32
C SER I 1 14.93 8.35 49.95
N ASP I 2 13.94 8.73 49.15
CA ASP I 2 12.55 8.84 49.64
C ASP I 2 11.71 7.58 49.38
N ALA I 3 11.61 6.71 50.37
CA ALA I 3 10.82 5.51 50.21
C ALA I 3 9.32 5.85 50.29
N LYS I 4 8.53 5.21 49.45
CA LYS I 4 7.07 5.41 49.38
C LYS I 4 6.45 4.04 49.27
N ARG I 5 5.39 3.79 50.02
CA ARG I 5 4.77 2.49 49.96
C ARG I 5 3.41 2.54 49.30
N ILE I 6 3.14 1.61 48.42
CA ILE I 6 1.88 1.57 47.71
C ILE I 6 1.23 0.20 47.88
N GLU I 7 -0.09 0.18 48.05
CA GLU I 7 -0.80 -1.09 48.16
C GLU I 7 -0.62 -1.84 46.84
N GLY I 8 -0.25 -3.13 46.93
CA GLY I 8 -0.05 -3.92 45.74
C GLY I 8 -1.16 -4.90 45.40
N PHE I 9 -1.30 -5.19 44.10
CA PHE I 9 -2.32 -6.14 43.65
C PHE I 9 -1.81 -6.89 42.43
N THR I 10 -2.54 -7.92 42.02
CA THR I 10 -2.20 -8.61 40.79
C THR I 10 -3.53 -8.69 40.04
N LEU I 11 -3.45 -8.67 38.72
CA LEU I 11 -4.65 -8.72 37.88
C LEU I 11 -4.36 -9.90 36.98
N SER I 12 -5.20 -10.92 37.08
CA SER I 12 -5.04 -12.13 36.29
C SER I 12 -6.43 -12.67 35.99
N GLU I 13 -6.65 -13.13 34.77
CA GLU I 13 -7.95 -13.64 34.35
C GLU I 13 -9.07 -12.65 34.71
N GLU I 14 -8.79 -11.35 34.58
CA GLU I 14 -9.76 -10.30 34.88
C GLU I 14 -10.21 -10.21 36.35
N ILE I 15 -9.45 -10.86 37.24
CA ILE I 15 -9.74 -10.81 38.67
C ILE I 15 -8.63 -10.03 39.41
N LEU I 16 -9.03 -9.02 40.15
CA LEU I 16 -8.12 -8.21 40.92
C LEU I 16 -7.90 -8.85 42.31
N LYS I 17 -6.64 -9.08 42.69
CA LYS I 17 -6.32 -9.68 43.99
C LYS I 17 -5.22 -8.93 44.73
N SER I 18 -5.51 -8.60 45.99
CA SER I 18 -4.57 -7.92 46.87
C SER I 18 -3.26 -8.71 46.98
N ASP I 19 -2.15 -8.00 47.19
CA ASP I 19 -0.83 -8.62 47.25
C ASP I 19 0.16 -7.81 48.10
N LYS I 20 1.42 -8.23 48.07
CA LYS I 20 2.49 -7.56 48.82
C LYS I 20 2.48 -6.09 48.54
N GLN I 21 2.90 -5.29 49.51
CA GLN I 21 2.98 -3.85 49.30
C GLN I 21 4.21 -3.66 48.44
N LEU I 22 4.26 -2.56 47.69
CA LEU I 22 5.39 -2.29 46.83
C LEU I 22 6.02 -1.01 47.33
N SER I 23 7.35 -0.99 47.39
CA SER I 23 8.13 0.17 47.83
C SER I 23 8.67 0.95 46.64
N VAL I 24 8.22 2.18 46.49
CA VAL I 24 8.68 2.94 45.36
C VAL I 24 9.12 4.29 45.85
N ASP I 25 9.66 5.11 44.96
CA ASP I 25 10.14 6.44 45.33
C ASP I 25 9.15 7.48 44.84
N ALA I 26 9.03 8.62 45.53
CA ALA I 26 8.10 9.66 45.09
C ALA I 26 8.52 10.26 43.74
N GLN I 27 9.81 10.16 43.43
CA GLN I 27 10.37 10.65 42.16
C GLN I 27 9.71 9.99 40.93
N PHE I 28 8.98 8.90 41.15
CA PHE I 28 8.29 8.22 40.07
C PHE I 28 7.11 9.03 39.55
N PHE I 29 6.51 9.84 40.41
CA PHE I 29 5.33 10.58 40.01
C PHE I 29 5.47 12.09 40.05
N THR I 30 5.20 12.74 38.92
CA THR I 30 5.29 14.19 38.86
C THR I 30 4.22 14.75 39.78
N LYS I 31 2.99 14.28 39.63
CA LYS I 31 1.92 14.72 40.50
C LYS I 31 1.97 13.75 41.68
N PRO I 32 1.65 14.23 42.88
CA PRO I 32 1.68 13.36 44.05
C PRO I 32 0.64 12.26 43.93
N LEU I 33 1.07 11.04 44.23
CA LEU I 33 0.18 9.89 44.17
C LEU I 33 -0.10 9.51 45.63
N THR I 34 -1.23 9.95 46.15
CA THR I 34 -1.55 9.67 47.55
C THR I 34 -2.28 8.38 47.73
N ASP I 35 -3.46 8.22 47.16
CA ASP I 35 -4.16 6.95 47.31
C ASP I 35 -3.88 6.14 46.04
N GLY I 36 -2.80 5.34 46.05
CA GLY I 36 -2.43 4.63 44.83
C GLY I 36 -2.46 3.12 44.89
N MET I 37 -2.43 2.52 43.70
CA MET I 37 -2.46 1.06 43.54
C MET I 37 -1.32 0.69 42.60
N ALA I 38 -0.63 -0.42 42.90
CA ALA I 38 0.43 -0.92 42.06
C ALA I 38 -0.14 -2.25 41.60
N ILE I 39 -0.48 -2.34 40.32
CA ILE I 39 -1.06 -3.55 39.88
C ILE I 39 -0.13 -4.31 38.98
N ARG I 40 0.17 -5.54 39.38
CA ARG I 40 1.04 -6.45 38.63
C ARG I 40 0.17 -7.20 37.61
N SER I 41 0.45 -6.98 36.33
CA SER I 41 -0.34 -7.62 35.28
C SER I 41 0.49 -7.89 34.04
N GLU I 42 0.59 -9.16 33.69
CA GLU I 42 1.34 -9.61 32.52
C GLU I 42 2.75 -9.02 32.33
N GLY I 43 3.59 -9.20 33.35
CA GLY I 43 4.97 -8.73 33.30
C GLY I 43 5.15 -7.22 33.41
N LYS I 44 4.06 -6.51 33.70
CA LYS I 44 4.16 -5.08 33.88
C LYS I 44 3.60 -4.69 35.23
N ILE I 45 3.92 -3.48 35.67
CA ILE I 45 3.39 -2.98 36.91
C ILE I 45 2.74 -1.67 36.58
N TYR I 46 1.43 -1.61 36.79
CA TYR I 46 0.66 -0.39 36.55
C TYR I 46 0.43 0.44 37.85
N PHE I 47 0.81 1.73 37.82
CA PHE I 47 0.60 2.58 38.98
C PHE I 47 -0.70 3.34 38.80
N VAL I 48 -1.68 3.07 39.65
CA VAL I 48 -2.99 3.69 39.51
C VAL I 48 -3.39 4.73 40.56
N ASP I 49 -4.05 5.76 40.09
CA ASP I 49 -4.52 6.83 40.96
C ASP I 49 -6.03 6.70 41.15
N LYS I 50 -6.45 6.16 42.29
CA LYS I 50 -7.86 6.00 42.65
C LYS I 50 -8.64 7.32 42.78
N GLN I 51 -7.93 8.43 42.96
CA GLN I 51 -8.60 9.73 43.10
C GLN I 51 -8.87 10.47 41.81
N ALA I 52 -8.24 10.05 40.72
CA ALA I 52 -8.39 10.71 39.43
C ALA I 52 -9.82 10.94 38.98
N SER I 53 -10.04 12.06 38.31
CA SER I 53 -11.37 12.41 37.78
C SER I 53 -11.38 11.95 36.35
N LEU I 54 -12.55 11.55 35.85
CA LEU I 54 -12.66 11.04 34.49
C LEU I 54 -12.02 11.99 33.47
N SER I 55 -11.19 11.46 32.59
CA SER I 55 -10.52 12.26 31.57
C SER I 55 -9.87 11.28 30.62
N ASP I 56 -9.81 11.60 29.36
CA ASP I 56 -9.23 10.65 28.39
C ASP I 56 -7.85 10.09 28.83
N GLY I 57 -7.66 8.78 28.68
CA GLY I 57 -6.40 8.16 29.07
C GLY I 57 -6.47 6.66 29.32
N LEU I 58 -5.48 6.16 30.03
CA LEU I 58 -5.45 4.73 30.34
C LEU I 58 -6.08 4.53 31.76
N TRP I 59 -7.08 3.67 31.87
CA TRP I 59 -7.76 3.42 33.13
C TRP I 59 -7.90 1.99 33.55
N LEU I 60 -7.97 1.78 34.87
CA LEU I 60 -8.22 0.49 35.47
C LEU I 60 -9.77 0.48 35.56
N VAL I 61 -10.43 -0.51 34.95
CA VAL I 61 -11.88 -0.50 35.00
C VAL I 61 -12.54 -1.82 35.39
N ASP I 62 -13.81 -1.69 35.74
CA ASP I 62 -14.64 -2.84 36.07
C ASP I 62 -15.83 -2.78 35.12
N ILE I 63 -15.97 -3.74 34.23
CA ILE I 63 -17.08 -3.79 33.29
C ILE I 63 -17.84 -5.07 33.58
N GLU I 64 -19.06 -4.92 34.09
CA GLU I 64 -19.88 -6.07 34.45
C GLU I 64 -19.07 -7.11 35.26
N GLY I 65 -18.30 -6.69 36.27
CA GLY I 65 -17.52 -7.62 37.07
C GLY I 65 -16.11 -7.93 36.60
N ALA I 66 -15.83 -7.74 35.32
CA ALA I 66 -14.49 -8.00 34.80
C ALA I 66 -13.55 -6.83 35.04
N ILE I 67 -12.34 -7.09 35.54
CA ILE I 67 -11.41 -6.00 35.78
C ILE I 67 -10.32 -5.97 34.70
N SER I 68 -9.98 -4.78 34.25
CA SER I 68 -8.96 -4.65 33.21
C SER I 68 -8.46 -3.22 33.04
N ILE I 69 -7.45 -3.07 32.21
CA ILE I 69 -6.83 -1.79 31.93
C ILE I 69 -7.23 -1.43 30.51
N ARG I 70 -7.96 -0.34 30.35
CA ARG I 70 -8.40 0.10 29.02
C ARG I 70 -8.18 1.61 28.72
N GLU I 71 -8.08 1.94 27.42
CA GLU I 71 -7.89 3.33 27.03
C GLU I 71 -9.27 3.89 26.78
N LEU I 72 -9.64 4.90 27.55
CA LEU I 72 -10.96 5.50 27.47
C LEU I 72 -10.98 6.85 26.82
N THR I 73 -11.92 7.06 25.91
CA THR I 73 -12.06 8.33 25.24
C THR I 73 -13.51 8.70 25.28
N LYS I 74 -13.78 9.90 25.80
CA LYS I 74 -15.12 10.41 25.91
C LYS I 74 -15.66 10.85 24.58
N LEU I 75 -16.91 10.47 24.35
CA LEU I 75 -17.63 10.85 23.15
C LEU I 75 -18.85 11.62 23.63
N PRO I 76 -19.37 12.53 22.79
CA PRO I 76 -20.56 13.33 23.12
C PRO I 76 -21.73 12.44 23.51
N GLY I 77 -22.47 12.85 24.53
CA GLY I 77 -23.62 12.09 24.97
C GLY I 77 -23.25 11.16 26.11
N ARG I 78 -22.28 11.57 26.91
CA ARG I 78 -21.84 10.75 28.03
C ARG I 78 -21.45 9.34 27.58
N LYS I 79 -20.85 9.21 26.40
CA LYS I 79 -20.46 7.89 25.92
C LYS I 79 -18.95 7.67 26.05
N LEU I 80 -18.52 6.44 25.84
CA LEU I 80 -17.11 6.09 25.93
C LEU I 80 -16.66 5.20 24.80
N HIS I 81 -15.44 5.41 24.36
CA HIS I 81 -14.86 4.50 23.34
C HIS I 81 -13.89 3.72 24.23
N VAL I 82 -14.00 2.40 24.23
CA VAL I 82 -13.14 1.59 25.07
C VAL I 82 -12.20 0.70 24.24
N ALA I 83 -10.90 0.99 24.30
CA ALA I 83 -9.86 0.22 23.58
C ALA I 83 -8.94 -0.52 24.56
N GLY I 84 -8.08 -1.38 24.00
CA GLY I 84 -7.15 -2.15 24.79
C GLY I 84 -7.40 -3.64 24.67
N GLY I 85 -8.67 -4.04 24.49
CA GLY I 85 -9.00 -5.44 24.36
C GLY I 85 -8.81 -5.81 22.91
N LYS I 86 -9.04 -7.07 22.55
CA LYS I 86 -8.84 -7.45 21.15
C LYS I 86 -9.77 -6.68 20.20
N VAL I 87 -10.93 -6.21 20.67
CA VAL I 87 -11.81 -5.45 19.78
C VAL I 87 -12.44 -4.30 20.54
N PRO I 88 -12.22 -3.09 20.06
CA PRO I 88 -12.79 -1.91 20.71
C PRO I 88 -14.31 -1.84 20.62
N PHE I 89 -14.92 -1.07 21.51
CA PHE I 89 -16.36 -0.91 21.54
C PHE I 89 -16.74 0.40 22.19
N GLU I 90 -18.03 0.75 22.14
CA GLU I 90 -18.57 1.97 22.75
C GLU I 90 -19.64 1.65 23.75
N CYS I 91 -19.85 2.53 24.69
CA CYS I 91 -20.88 2.31 25.71
C CYS I 91 -21.08 3.61 26.48
N GLY I 92 -22.04 3.60 27.41
CA GLY I 92 -22.28 4.80 28.18
C GLY I 92 -21.32 4.84 29.34
N ILE I 93 -20.97 6.03 29.83
CA ILE I 93 -20.03 6.09 30.95
C ILE I 93 -20.62 5.40 32.17
N ASP I 94 -21.93 5.21 32.17
CA ASP I 94 -22.58 4.56 33.30
C ASP I 94 -22.61 3.04 33.18
N ASP I 95 -22.14 2.53 32.06
CA ASP I 95 -22.13 1.10 31.90
C ASP I 95 -20.82 0.57 32.44
N ILE I 96 -19.93 1.45 32.85
CA ILE I 96 -18.63 1.01 33.34
C ILE I 96 -18.26 1.69 34.63
N LYS I 97 -17.47 1.03 35.44
CA LYS I 97 -17.04 1.63 36.69
C LYS I 97 -15.51 1.86 36.59
N THR I 98 -15.08 3.08 36.86
CA THR I 98 -13.67 3.39 36.79
C THR I 98 -13.06 3.27 38.15
N LEU I 99 -11.96 2.54 38.28
CA LEU I 99 -11.33 2.42 39.59
C LEU I 99 -10.19 3.39 39.75
N GLY I 100 -9.70 3.96 38.65
CA GLY I 100 -8.59 4.89 38.72
C GLY I 100 -7.81 5.03 37.42
N ARG I 101 -6.99 6.08 37.30
CA ARG I 101 -6.21 6.30 36.09
C ARG I 101 -4.77 5.85 36.25
N VAL I 102 -4.24 5.23 35.21
CA VAL I 102 -2.87 4.75 35.25
C VAL I 102 -2.04 5.99 35.12
N VAL I 103 -1.09 6.17 36.01
CA VAL I 103 -0.24 7.34 35.96
C VAL I 103 1.13 6.96 35.49
N GLY I 104 1.44 5.69 35.55
CA GLY I 104 2.76 5.28 35.13
C GLY I 104 2.83 3.77 35.00
N VAL I 105 3.80 3.29 34.25
CA VAL I 105 3.90 1.86 34.06
C VAL I 105 5.33 1.44 34.09
N TYR I 106 5.58 0.25 34.60
CA TYR I 106 6.93 -0.24 34.63
C TYR I 106 6.93 -1.54 33.90
N SER I 107 7.94 -1.78 33.11
CA SER I 107 8.00 -3.04 32.41
C SER I 107 9.44 -3.56 32.40
N GLU I 108 9.59 -4.87 32.37
CA GLU I 108 10.91 -5.46 32.31
C GLU I 108 10.97 -6.02 30.91
N VAL I 109 9.79 -6.30 30.36
CA VAL I 109 9.69 -6.91 29.02
C VAL I 109 9.51 -5.91 27.86
N ASN I 110 10.58 -5.73 27.07
CA ASN I 110 10.52 -4.81 25.92
C ASN I 110 9.27 -5.05 25.11
N SER J 1 0.17 -41.65 30.73
CA SER J 1 0.46 -42.89 29.96
C SER J 1 1.97 -43.16 29.82
N ASP J 2 2.56 -42.70 28.73
CA ASP J 2 3.99 -42.88 28.49
C ASP J 2 4.85 -41.69 28.98
N ALA J 3 5.46 -41.83 30.15
CA ALA J 3 6.30 -40.76 30.68
C ALA J 3 7.68 -40.77 30.00
N LYS J 4 8.19 -39.58 29.65
CA LYS J 4 9.49 -39.43 28.99
C LYS J 4 10.25 -38.31 29.70
N ARG J 5 11.52 -38.54 30.01
CA ARG J 5 12.33 -37.49 30.69
C ARG J 5 13.37 -36.88 29.76
N ILE J 6 13.37 -35.55 29.73
CA ILE J 6 14.26 -34.75 28.88
C ILE J 6 15.11 -33.82 29.73
N GLU J 7 16.41 -33.77 29.42
CA GLU J 7 17.33 -32.89 30.12
C GLU J 7 16.79 -31.46 29.89
N GLY J 8 16.70 -30.68 30.97
CA GLY J 8 16.20 -29.33 30.86
C GLY J 8 17.28 -28.26 30.95
N PHE J 9 16.97 -27.08 30.40
CA PHE J 9 17.87 -25.95 30.40
C PHE J 9 17.08 -24.65 30.33
N THR J 10 17.75 -23.53 30.51
CA THR J 10 17.14 -22.22 30.33
C THR J 10 18.11 -21.47 29.39
N LEU J 11 17.59 -20.56 28.58
CA LEU J 11 18.41 -19.80 27.65
C LEU J 11 18.01 -18.41 28.02
N SER J 12 18.96 -17.61 28.46
CA SER J 12 18.68 -16.26 28.88
C SER J 12 19.94 -15.45 28.61
N GLU J 13 19.77 -14.21 28.12
CA GLU J 13 20.90 -13.34 27.81
C GLU J 13 21.97 -14.11 27.00
N GLU J 14 21.48 -14.98 26.12
CA GLU J 14 22.31 -15.80 25.24
C GLU J 14 23.23 -16.82 25.93
N ILE J 15 22.93 -17.10 27.20
CA ILE J 15 23.69 -18.08 27.99
C ILE J 15 22.81 -19.35 28.22
N LEU J 16 23.36 -20.50 27.87
CA LEU J 16 22.62 -21.73 28.07
C LEU J 16 22.98 -22.32 29.45
N LYS J 17 21.98 -22.62 30.28
CA LYS J 17 22.26 -23.15 31.59
C LYS J 17 21.37 -24.34 31.92
N SER J 18 21.99 -25.42 32.42
CA SER J 18 21.27 -26.66 32.78
C SER J 18 20.22 -26.38 33.86
N ASP J 19 19.19 -27.22 33.93
CA ASP J 19 18.09 -27.00 34.86
C ASP J 19 17.36 -28.31 35.10
N LYS J 20 16.25 -28.20 35.82
CA LYS J 20 15.39 -29.33 36.18
C LYS J 20 15.03 -30.12 34.93
N GLN J 21 14.96 -31.44 35.07
CA GLN J 21 14.59 -32.29 33.97
C GLN J 21 13.13 -31.95 33.70
N LEU J 22 12.64 -32.27 32.50
CA LEU J 22 11.24 -32.01 32.16
C LEU J 22 10.61 -33.35 31.76
N SER J 23 9.40 -33.59 32.27
CA SER J 23 8.69 -34.83 32.00
C SER J 23 7.68 -34.62 30.89
N VAL J 24 7.88 -35.32 29.79
CA VAL J 24 7.00 -35.19 28.63
C VAL J 24 6.54 -36.56 28.14
N ASP J 25 5.57 -36.57 27.23
CA ASP J 25 5.07 -37.82 26.69
C ASP J 25 5.68 -38.04 25.31
N ALA J 26 5.93 -39.30 24.94
CA ALA J 26 6.52 -39.62 23.63
C ALA J 26 5.61 -39.23 22.49
N GLN J 27 4.33 -39.04 22.82
CA GLN J 27 3.32 -38.62 21.83
C GLN J 27 3.50 -37.17 21.36
N PHE J 28 4.42 -36.44 21.97
CA PHE J 28 4.71 -35.05 21.57
C PHE J 28 5.55 -35.08 20.31
N PHE J 29 6.20 -36.20 20.04
CA PHE J 29 7.06 -36.30 18.88
C PHE J 29 6.71 -37.40 17.89
N THR J 30 6.58 -37.03 16.62
CA THR J 30 6.29 -38.04 15.62
C THR J 30 7.56 -38.88 15.45
N LYS J 31 8.69 -38.23 15.19
CA LYS J 31 9.94 -38.98 15.08
C LYS J 31 10.46 -39.15 16.52
N PRO J 32 11.13 -40.27 16.81
CA PRO J 32 11.65 -40.47 18.18
C PRO J 32 12.71 -39.45 18.56
N LEU J 33 12.53 -38.83 19.71
CA LEU J 33 13.49 -37.86 20.23
C LEU J 33 14.29 -38.59 21.30
N THR J 34 15.43 -39.11 20.88
CA THR J 34 16.28 -39.87 21.77
C THR J 34 17.15 -38.94 22.59
N ASP J 35 18.09 -38.24 21.98
CA ASP J 35 18.84 -37.34 22.83
C ASP J 35 18.31 -35.93 22.64
N GLY J 36 17.47 -35.53 23.59
CA GLY J 36 16.85 -34.23 23.49
C GLY J 36 17.05 -33.21 24.58
N MET J 37 16.75 -31.98 24.24
CA MET J 37 16.87 -30.92 25.19
C MET J 37 15.53 -30.20 25.21
N ALA J 38 15.17 -29.71 26.39
CA ALA J 38 13.98 -28.94 26.58
C ALA J 38 14.57 -27.62 27.04
N ILE J 39 14.47 -26.57 26.23
CA ILE J 39 15.05 -25.32 26.63
C ILE J 39 14.00 -24.31 26.90
N ARG J 40 14.05 -23.74 28.09
CA ARG J 40 13.10 -22.72 28.53
C ARG J 40 13.64 -21.36 28.11
N SER J 41 12.90 -20.64 27.30
CA SER J 41 13.36 -19.34 26.84
C SER J 41 12.21 -18.44 26.50
N GLU J 42 12.16 -17.33 27.21
CA GLU J 42 11.09 -16.32 27.02
C GLU J 42 9.64 -16.84 27.01
N GLY J 43 9.26 -17.56 28.08
CA GLY J 43 7.92 -18.09 28.20
C GLY J 43 7.58 -19.20 27.24
N LYS J 44 8.58 -19.79 26.62
CA LYS J 44 8.30 -20.88 25.70
C LYS J 44 9.24 -22.04 25.99
N ILE J 45 8.86 -23.27 25.66
CA ILE J 45 9.80 -24.35 25.83
C ILE J 45 10.11 -24.92 24.43
N TYR J 46 11.40 -24.95 24.10
CA TYR J 46 11.88 -25.47 22.85
C TYR J 46 12.39 -26.88 23.00
N PHE J 47 11.92 -27.79 22.15
CA PHE J 47 12.40 -29.16 22.22
C PHE J 47 13.44 -29.36 21.11
N VAL J 48 14.68 -29.63 21.52
CA VAL J 48 15.72 -29.77 20.53
C VAL J 48 16.31 -31.14 20.37
N ASP J 49 16.57 -31.49 19.11
CA ASP J 49 17.14 -32.79 18.75
C ASP J 49 18.63 -32.61 18.47
N LYS J 50 19.48 -33.02 19.43
CA LYS J 50 20.94 -32.88 19.30
C LYS J 50 21.52 -33.69 18.17
N GLN J 51 20.83 -34.73 17.74
CA GLN J 51 21.31 -35.62 16.68
C GLN J 51 20.99 -35.18 15.23
N ALA J 52 20.09 -34.21 15.09
CA ALA J 52 19.68 -33.74 13.78
C ALA J 52 20.85 -33.42 12.83
N SER J 53 20.66 -33.70 11.54
CA SER J 53 21.67 -33.38 10.52
C SER J 53 21.25 -32.03 9.91
N LEU J 54 22.21 -31.19 9.53
CA LEU J 54 21.87 -29.86 9.02
C LEU J 54 20.85 -29.90 7.89
N SER J 55 19.81 -29.08 8.04
CA SER J 55 18.77 -28.99 7.06
C SER J 55 18.04 -27.68 7.35
N ASP J 56 17.47 -27.05 6.35
CA ASP J 56 16.78 -25.80 6.62
C ASP J 56 15.73 -26.01 7.71
N GLY J 57 15.69 -25.11 8.69
CA GLY J 57 14.72 -25.24 9.76
C GLY J 57 15.09 -24.34 10.92
N LEU J 58 14.49 -24.57 12.09
CA LEU J 58 14.76 -23.77 13.27
C LEU J 58 15.86 -24.49 14.14
N TRP J 59 16.90 -23.75 14.51
CA TRP J 59 17.99 -24.39 15.23
C TRP J 59 18.49 -23.73 16.48
N LEU J 60 19.01 -24.53 17.37
CA LEU J 60 19.64 -23.99 18.55
C LEU J 60 21.08 -23.82 18.07
N VAL J 61 21.64 -22.62 18.09
CA VAL J 61 23.01 -22.43 17.61
C VAL J 61 23.93 -21.70 18.58
N ASP J 62 25.20 -21.73 18.22
CA ASP J 62 26.26 -21.07 18.97
C ASP J 62 27.06 -20.24 17.99
N ILE J 63 26.93 -18.93 18.08
CA ILE J 63 27.66 -18.05 17.20
C ILE J 63 28.64 -17.23 18.05
N GLU J 64 29.94 -17.48 17.87
CA GLU J 64 30.97 -16.78 18.62
C GLU J 64 30.59 -16.80 20.11
N GLY J 65 30.24 -17.98 20.63
CA GLY J 65 29.91 -18.07 22.05
C GLY J 65 28.50 -17.75 22.47
N ALA J 66 27.79 -16.95 21.68
CA ALA J 66 26.39 -16.56 21.97
C ALA J 66 25.42 -17.69 21.61
N ILE J 67 24.49 -17.99 22.49
CA ILE J 67 23.57 -19.08 22.21
C ILE J 67 22.18 -18.58 21.81
N SER J 68 21.64 -19.08 20.71
CA SER J 68 20.30 -18.63 20.35
C SER J 68 19.53 -19.61 19.47
N ILE J 69 18.23 -19.35 19.33
CA ILE J 69 17.42 -20.14 18.41
C ILE J 69 17.32 -19.34 17.08
N ARG J 70 17.69 -19.93 15.95
CA ARG J 70 17.62 -19.23 14.65
C ARG J 70 17.09 -20.09 13.49
N GLU J 71 16.47 -19.45 12.50
CA GLU J 71 15.97 -20.16 11.33
C GLU J 71 17.17 -20.15 10.39
N LEU J 72 17.60 -21.32 9.93
CA LEU J 72 18.77 -21.39 9.05
C LEU J 72 18.38 -21.82 7.64
N THR J 73 18.98 -21.20 6.64
CA THR J 73 18.67 -21.59 5.28
C THR J 73 19.96 -21.71 4.56
N LYS J 74 20.23 -22.89 4.01
CA LYS J 74 21.46 -23.10 3.27
C LYS J 74 21.48 -22.31 1.94
N LEU J 75 22.63 -21.72 1.64
CA LEU J 75 22.83 -20.97 0.41
C LEU J 75 24.04 -21.58 -0.31
N PRO J 76 24.02 -21.56 -1.65
CA PRO J 76 25.14 -22.14 -2.41
C PRO J 76 26.48 -21.57 -1.92
N GLY J 77 27.49 -22.44 -1.84
CA GLY J 77 28.80 -21.99 -1.38
C GLY J 77 28.99 -22.24 0.10
N ARG J 78 28.38 -23.30 0.61
CA ARG J 78 28.49 -23.61 2.03
C ARG J 78 28.12 -22.35 2.77
N LYS J 79 27.03 -21.71 2.38
CA LYS J 79 26.67 -20.50 3.10
C LYS J 79 25.34 -20.67 3.86
N LEU J 80 25.02 -19.73 4.74
CA LEU J 80 23.78 -19.79 5.52
C LEU J 80 23.14 -18.42 5.71
N HIS J 81 21.81 -18.39 5.59
CA HIS J 81 21.07 -17.16 5.91
C HIS J 81 20.62 -17.45 7.36
N VAL J 82 20.77 -16.50 8.25
CA VAL J 82 20.40 -16.69 9.66
C VAL J 82 19.35 -15.68 10.03
N ALA J 83 18.16 -16.15 10.36
CA ALA J 83 17.06 -15.26 10.67
C ALA J 83 16.56 -15.57 12.06
N GLY J 84 15.79 -14.63 12.63
CA GLY J 84 15.28 -14.80 13.98
C GLY J 84 15.66 -13.69 14.94
N GLY J 85 16.81 -13.04 14.70
CA GLY J 85 17.25 -11.94 15.54
C GLY J 85 16.69 -10.70 14.89
N LYS J 86 16.95 -9.53 15.48
CA LYS J 86 16.40 -8.33 14.89
C LYS J 86 16.81 -8.06 13.45
N VAL J 87 17.98 -8.52 13.02
CA VAL J 87 18.41 -8.27 11.63
C VAL J 87 19.13 -9.49 11.07
N PRO J 88 18.54 -10.11 10.07
CA PRO J 88 19.12 -11.30 9.44
C PRO J 88 20.47 -11.03 8.85
N PHE J 89 21.19 -12.11 8.52
CA PHE J 89 22.53 -12.00 7.97
C PHE J 89 22.96 -13.31 7.38
N GLU J 90 24.08 -13.29 6.69
CA GLU J 90 24.60 -14.49 6.10
C GLU J 90 25.96 -14.77 6.67
N CYS J 91 26.44 -15.99 6.50
CA CYS J 91 27.76 -16.37 6.99
C CYS J 91 28.06 -17.78 6.52
N GLY J 92 29.28 -18.25 6.73
CA GLY J 92 29.58 -19.60 6.27
C GLY J 92 29.04 -20.58 7.27
N ILE J 93 28.78 -21.81 6.84
CA ILE J 93 28.26 -22.79 7.77
C ILE J 93 29.31 -23.08 8.83
N ASP J 94 30.56 -22.75 8.51
CA ASP J 94 31.64 -23.00 9.45
C ASP J 94 31.83 -21.84 10.43
N ASP J 95 31.07 -20.76 10.26
CA ASP J 95 31.16 -19.62 11.17
C ASP J 95 30.15 -19.82 12.33
N ILE J 96 29.41 -20.91 12.29
CA ILE J 96 28.40 -21.15 13.30
C ILE J 96 28.42 -22.59 13.75
N LYS J 97 28.01 -22.84 14.98
CA LYS J 97 27.99 -24.19 15.48
C LYS J 97 26.53 -24.49 15.73
N THR J 98 26.05 -25.64 15.24
CA THR J 98 24.66 -26.03 15.48
C THR J 98 24.63 -27.00 16.67
N LEU J 99 23.71 -26.79 17.60
CA LEU J 99 23.61 -27.66 18.75
C LEU J 99 22.47 -28.70 18.55
N GLY J 100 21.51 -28.40 17.68
CA GLY J 100 20.42 -29.31 17.45
C GLY J 100 19.27 -28.59 16.81
N ARG J 101 18.32 -29.33 16.28
CA ARG J 101 17.19 -28.70 15.63
C ARG J 101 15.95 -28.74 16.50
N VAL J 102 15.22 -27.64 16.54
CA VAL J 102 14.01 -27.59 17.29
C VAL J 102 12.97 -28.46 16.57
N VAL J 103 12.41 -29.43 17.27
CA VAL J 103 11.39 -30.30 16.67
C VAL J 103 9.98 -29.91 17.10
N GLY J 104 9.88 -29.18 18.21
CA GLY J 104 8.59 -28.74 18.70
C GLY J 104 8.68 -27.55 19.62
N VAL J 105 7.58 -26.88 19.82
CA VAL J 105 7.61 -25.74 20.69
C VAL J 105 6.34 -25.66 21.50
N TYR J 106 6.51 -25.39 22.79
CA TYR J 106 5.37 -25.26 23.67
C TYR J 106 5.30 -23.79 24.08
N SER J 107 4.11 -23.24 24.11
CA SER J 107 3.94 -21.85 24.53
C SER J 107 2.72 -21.68 25.39
N GLU J 108 2.79 -20.75 26.35
CA GLU J 108 1.67 -20.45 27.23
C GLU J 108 1.16 -19.10 26.77
N VAL J 109 2.10 -18.26 26.34
CA VAL J 109 1.85 -16.90 25.86
C VAL J 109 1.50 -16.77 24.36
N ASN J 110 0.22 -16.57 24.06
CA ASN J 110 -0.23 -16.49 22.67
C ASN J 110 0.56 -15.47 21.84
N SER K 1 11.90 44.67 22.46
CA SER K 1 11.24 45.83 21.81
C SER K 1 9.85 46.08 22.38
N ASP K 2 8.82 45.53 21.72
CA ASP K 2 7.42 45.68 22.15
C ASP K 2 6.95 44.55 23.11
N ALA K 3 6.92 44.82 24.41
CA ALA K 3 6.47 43.81 25.37
C ALA K 3 4.95 43.78 25.42
N LYS K 4 4.40 42.58 25.49
CA LYS K 4 2.94 42.39 25.55
C LYS K 4 2.68 41.32 26.60
N ARG K 5 1.70 41.55 27.48
CA ARG K 5 1.37 40.60 28.54
C ARG K 5 0.08 39.83 28.25
N ILE K 6 0.14 38.51 28.39
CA ILE K 6 -1.05 37.68 28.16
C ILE K 6 -1.34 36.84 29.40
N GLU K 7 -2.61 36.73 29.77
CA GLU K 7 -3.05 35.93 30.92
C GLU K 7 -2.53 34.50 30.66
N GLY K 8 -1.87 33.88 31.64
CA GLY K 8 -1.34 32.53 31.48
C GLY K 8 -2.15 31.45 32.17
N PHE K 9 -2.18 30.25 31.60
CA PHE K 9 -2.95 29.13 32.17
C PHE K 9 -2.22 27.83 31.86
N THR K 10 -2.61 26.77 32.57
CA THR K 10 -2.04 25.47 32.32
C THR K 10 -3.25 24.61 32.07
N LEU K 11 -3.10 23.63 31.17
CA LEU K 11 -4.16 22.70 30.87
C LEU K 11 -3.57 21.34 31.17
N SER K 12 -4.20 20.63 32.10
CA SER K 12 -3.75 19.30 32.46
C SER K 12 -4.94 18.46 32.93
N GLU K 13 -4.97 17.19 32.54
CA GLU K 13 -6.05 16.29 32.94
C GLU K 13 -7.41 16.90 32.60
N GLU K 14 -7.40 17.70 31.53
CA GLU K 14 -8.57 18.38 30.99
C GLU K 14 -9.16 19.41 31.88
N ILE K 15 -8.31 19.97 32.73
CA ILE K 15 -8.71 21.01 33.65
C ILE K 15 -7.86 22.24 33.40
N LEU K 16 -8.52 23.37 33.20
CA LEU K 16 -7.79 24.60 32.94
C LEU K 16 -7.51 25.31 34.26
N LYS K 17 -6.26 25.69 34.48
CA LYS K 17 -5.92 26.40 35.71
C LYS K 17 -5.13 27.68 35.42
N SER K 18 -5.56 28.80 36.02
CA SER K 18 -4.87 30.07 35.84
C SER K 18 -3.42 29.95 36.33
N ASP K 19 -2.53 30.82 35.85
CA ASP K 19 -1.12 30.75 36.24
C ASP K 19 -0.44 32.07 35.95
N LYS K 20 0.90 32.08 36.03
CA LYS K 20 1.68 33.29 35.77
C LYS K 20 1.38 33.90 34.43
N GLN K 21 1.48 35.23 34.36
CA GLN K 21 1.25 35.94 33.12
C GLN K 21 2.46 35.65 32.24
N LEU K 22 2.27 35.73 30.94
CA LEU K 22 3.35 35.46 30.01
C LEU K 22 3.64 36.71 29.19
N SER K 23 4.92 37.02 29.06
CA SER K 23 5.34 38.20 28.32
C SER K 23 5.70 37.83 26.92
N VAL K 24 4.96 38.36 25.97
CA VAL K 24 5.19 38.05 24.57
C VAL K 24 5.31 39.34 23.76
N ASP K 25 5.83 39.22 22.55
CA ASP K 25 6.00 40.36 21.67
C ASP K 25 4.84 40.39 20.66
N ALA K 26 4.29 41.57 20.40
CA ALA K 26 3.19 41.72 19.44
C ALA K 26 3.53 41.17 18.03
N GLN K 27 4.81 41.09 17.71
CA GLN K 27 5.27 40.56 16.44
C GLN K 27 4.91 39.08 16.30
N PHE K 28 4.38 38.49 17.37
CA PHE K 28 4.02 37.08 17.34
C PHE K 28 2.73 36.89 16.56
N PHE K 29 1.92 37.93 16.53
CA PHE K 29 0.63 37.80 15.89
C PHE K 29 0.38 38.76 14.73
N THR K 30 0.00 38.23 13.58
CA THR K 30 -0.25 39.13 12.47
C THR K 30 -1.51 39.95 12.80
N LYS K 31 -2.58 39.31 13.26
CA LYS K 31 -3.77 40.07 13.67
C LYS K 31 -3.53 40.44 15.14
N PRO K 32 -4.05 41.59 15.59
CA PRO K 32 -3.82 41.96 16.99
C PRO K 32 -4.55 41.04 17.93
N LEU K 33 -3.83 40.55 18.93
CA LEU K 33 -4.44 39.64 19.89
C LEU K 33 -4.74 40.46 21.12
N THR K 34 -5.96 40.95 21.19
CA THR K 34 -6.33 41.77 22.32
C THR K 34 -6.71 40.97 23.54
N ASP K 35 -7.81 40.23 23.49
CA ASP K 35 -8.16 39.43 24.65
C ASP K 35 -7.63 37.98 24.45
N GLY K 36 -6.41 37.69 24.96
CA GLY K 36 -5.88 36.38 24.73
C GLY K 36 -5.41 35.53 25.91
N MET K 37 -5.24 34.26 25.62
CA MET K 37 -4.79 33.31 26.61
C MET K 37 -3.53 32.61 26.13
N ALA K 38 -2.65 32.28 27.06
CA ALA K 38 -1.44 31.56 26.75
C ALA K 38 -1.69 30.30 27.58
N ILE K 39 -1.90 29.16 26.92
CA ILE K 39 -2.13 27.95 27.66
C ILE K 39 -0.99 26.97 27.54
N ARG K 40 -0.38 26.66 28.69
CA ARG K 40 0.74 25.74 28.74
C ARG K 40 0.17 24.36 28.82
N SER K 41 0.47 23.51 27.84
CA SER K 41 -0.06 22.18 27.81
C SER K 41 0.83 21.21 27.10
N GLU K 42 1.33 20.24 27.85
CA GLU K 42 2.20 19.20 27.34
C GLU K 42 3.38 19.68 26.53
N GLY K 43 4.21 20.50 27.15
CA GLY K 43 5.40 20.96 26.47
C GLY K 43 5.20 21.93 25.33
N LYS K 44 4.01 22.49 25.24
CA LYS K 44 3.73 23.48 24.21
C LYS K 44 2.96 24.66 24.83
N ILE K 45 2.98 25.80 24.15
CA ILE K 45 2.19 26.90 24.63
C ILE K 45 1.30 27.33 23.46
N TYR K 46 0.00 27.32 23.74
CA TYR K 46 -1.01 27.67 22.76
C TYR K 46 -1.52 29.12 23.02
N PHE K 47 -1.51 29.93 21.98
CA PHE K 47 -2.02 31.27 22.12
C PHE K 47 -3.46 31.29 21.58
N VAL K 48 -4.39 31.62 22.48
CA VAL K 48 -5.80 31.63 22.16
C VAL K 48 -6.46 32.98 22.11
N ASP K 49 -7.33 33.12 21.14
CA ASP K 49 -8.07 34.35 20.93
C ASP K 49 -9.52 34.10 21.33
N LYS K 50 -9.87 34.58 22.51
CA LYS K 50 -11.24 34.41 23.05
C LYS K 50 -12.34 35.07 22.22
N GLN K 51 -11.97 36.06 21.46
CA GLN K 51 -12.96 36.77 20.66
C GLN K 51 -13.30 36.18 19.33
N ALA K 52 -12.48 35.25 18.86
CA ALA K 52 -12.70 34.62 17.57
C ALA K 52 -14.15 34.14 17.37
N SER K 53 -14.59 34.18 16.12
CA SER K 53 -15.92 33.75 15.76
C SER K 53 -15.75 32.33 15.16
N LEU K 54 -16.67 31.41 15.46
CA LEU K 54 -16.55 30.03 14.95
C LEU K 54 -16.14 29.95 13.48
N SER K 55 -15.14 29.15 13.20
CA SER K 55 -14.63 28.99 11.83
C SER K 55 -13.77 27.75 11.91
N ASP K 56 -13.64 27.00 10.82
CA ASP K 56 -12.82 25.80 10.85
C ASP K 56 -11.42 26.16 11.35
N GLY K 57 -10.87 25.29 12.20
CA GLY K 57 -9.55 25.56 12.75
C GLY K 57 -9.31 24.87 14.07
N LEU K 58 -8.22 25.25 14.73
CA LEU K 58 -7.84 24.65 16.01
C LEU K 58 -8.46 25.44 17.16
N TRP K 59 -9.26 24.78 17.99
CA TRP K 59 -9.92 25.51 19.08
C TRP K 59 -9.72 25.00 20.50
N LEU K 60 -9.84 25.92 21.47
CA LEU K 60 -9.79 25.55 22.90
C LEU K 60 -11.27 25.34 23.14
N VAL K 61 -11.67 24.14 23.61
CA VAL K 61 -13.07 23.84 23.84
C VAL K 61 -13.38 23.22 25.20
N ASP K 62 -14.66 23.25 25.52
CA ASP K 62 -15.19 22.72 26.75
C ASP K 62 -16.33 21.84 26.30
N ILE K 63 -16.18 20.54 26.57
CA ILE K 63 -17.20 19.56 26.20
C ILE K 63 -17.67 18.87 27.48
N GLU K 64 -18.90 19.20 27.90
CA GLU K 64 -19.44 18.63 29.13
C GLU K 64 -18.42 18.75 30.31
N GLY K 65 -17.87 19.95 30.47
CA GLY K 65 -16.90 20.21 31.53
C GLY K 65 -15.43 19.98 31.21
N ALA K 66 -15.13 19.09 30.26
CA ALA K 66 -13.74 18.82 29.89
C ALA K 66 -13.13 19.92 28.99
N ILE K 67 -11.88 20.28 29.26
CA ILE K 67 -11.24 21.30 28.47
C ILE K 67 -10.15 20.71 27.60
N SER K 68 -10.22 20.98 26.30
CA SER K 68 -9.19 20.49 25.41
C SER K 68 -9.08 21.34 24.18
N ILE K 69 -8.01 21.09 23.44
CA ILE K 69 -7.68 21.76 22.21
C ILE K 69 -8.10 20.80 21.06
N ARG K 70 -9.08 21.20 20.25
CA ARG K 70 -9.53 20.34 19.14
C ARG K 70 -9.61 21.02 17.77
N GLU K 71 -9.47 20.23 16.71
CA GLU K 71 -9.57 20.74 15.35
C GLU K 71 -11.08 20.67 15.00
N LEU K 72 -11.71 21.81 14.72
CA LEU K 72 -13.14 21.84 14.40
C LEU K 72 -13.46 22.07 12.93
N THR K 73 -14.46 21.36 12.44
CA THR K 73 -14.85 21.54 11.07
C THR K 73 -16.35 21.48 10.97
N LYS K 74 -16.93 22.60 10.54
CA LYS K 74 -18.39 22.71 10.39
C LYS K 74 -18.94 21.79 9.31
N LEU K 75 -20.05 21.13 9.65
CA LEU K 75 -20.72 20.26 8.74
C LEU K 75 -22.12 20.79 8.56
N PRO K 76 -22.71 20.55 7.39
CA PRO K 76 -24.08 21.06 7.23
C PRO K 76 -25.00 20.61 8.38
N GLY K 77 -25.96 21.46 8.74
CA GLY K 77 -26.90 21.11 9.79
C GLY K 77 -26.41 21.47 11.18
N ARG K 78 -25.70 22.60 11.28
CA ARG K 78 -25.16 23.07 12.57
C ARG K 78 -24.43 21.88 13.25
N LYS K 79 -23.60 21.19 12.48
CA LYS K 79 -22.88 20.05 12.99
C LYS K 79 -21.39 20.33 13.01
N LEU K 80 -20.63 19.48 13.70
CA LEU K 80 -19.18 19.66 13.82
C LEU K 80 -18.43 18.36 13.81
N HIS K 81 -17.27 18.36 13.19
CA HIS K 81 -16.40 17.20 13.19
C HIS K 81 -15.35 17.61 14.23
N VAL K 82 -15.10 16.76 15.22
CA VAL K 82 -14.15 17.11 16.25
C VAL K 82 -12.97 16.14 16.24
N ALA K 83 -11.79 16.66 15.91
CA ALA K 83 -10.57 15.83 15.82
C ALA K 83 -9.55 16.31 16.82
N GLY K 84 -8.56 15.47 17.11
CA GLY K 84 -7.55 15.88 18.07
C GLY K 84 -7.36 14.90 19.21
N GLY K 85 -8.44 14.26 19.66
CA GLY K 85 -8.33 13.27 20.71
C GLY K 85 -8.12 11.90 20.06
N LYS K 86 -7.94 10.84 20.85
CA LYS K 86 -7.71 9.51 20.27
C LYS K 86 -8.68 9.06 19.16
N VAL K 87 -9.95 9.47 19.25
CA VAL K 87 -10.97 9.08 18.29
C VAL K 87 -11.84 10.26 17.88
N PRO K 88 -11.85 10.61 16.59
CA PRO K 88 -12.68 11.76 16.19
C PRO K 88 -14.16 11.46 16.29
N PHE K 89 -15.01 12.47 16.17
CA PHE K 89 -16.46 12.26 16.30
C PHE K 89 -17.23 13.47 15.82
N GLU K 90 -18.54 13.35 15.71
CA GLU K 90 -19.40 14.44 15.28
C GLU K 90 -20.33 14.80 16.42
N CYS K 91 -20.96 15.96 16.29
CA CYS K 91 -21.93 16.44 17.28
C CYS K 91 -22.43 17.79 16.80
N GLY K 92 -23.43 18.34 17.52
CA GLY K 92 -24.01 19.62 17.15
C GLY K 92 -23.14 20.74 17.72
N ILE K 93 -23.16 21.90 17.09
CA ILE K 93 -22.30 22.95 17.60
C ILE K 93 -22.78 23.36 18.98
N ASP K 94 -23.99 22.98 19.33
CA ASP K 94 -24.54 23.35 20.62
C ASP K 94 -24.17 22.38 21.71
N ASP K 95 -23.54 21.29 21.32
CA ASP K 95 -23.13 20.29 22.29
C ASP K 95 -21.75 20.64 22.83
N ILE K 96 -21.12 21.67 22.28
CA ILE K 96 -19.79 22.04 22.72
C ILE K 96 -19.64 23.53 22.92
N LYS K 97 -18.76 23.93 23.82
CA LYS K 97 -18.58 25.36 24.05
C LYS K 97 -17.18 25.75 23.58
N THR K 98 -17.10 26.79 22.77
CA THR K 98 -15.82 27.25 22.27
C THR K 98 -15.27 28.34 23.16
N LEU K 99 -14.03 28.23 23.57
CA LEU K 99 -13.50 29.27 24.44
C LEU K 99 -12.60 30.24 23.67
N GLY K 100 -12.07 29.77 22.55
CA GLY K 100 -11.20 30.62 21.75
C GLY K 100 -10.49 29.83 20.67
N ARG K 101 -9.99 30.53 19.67
CA ARG K 101 -9.30 29.88 18.56
C ARG K 101 -7.79 30.02 18.78
N VAL K 102 -7.06 28.94 18.49
CA VAL K 102 -5.62 28.97 18.63
C VAL K 102 -5.10 29.74 17.42
N VAL K 103 -4.32 30.79 17.68
CA VAL K 103 -3.75 31.59 16.61
C VAL K 103 -2.26 31.32 16.45
N GLY K 104 -1.68 30.61 17.42
CA GLY K 104 -0.28 30.30 17.29
C GLY K 104 0.16 29.27 18.31
N VAL K 105 1.27 28.60 18.04
CA VAL K 105 1.76 27.61 18.99
C VAL K 105 3.23 27.67 19.12
N TYR K 106 3.69 27.62 20.36
CA TYR K 106 5.11 27.57 20.62
C TYR K 106 5.40 26.16 21.09
N SER K 107 6.55 25.62 20.70
CA SER K 107 6.90 24.27 21.08
C SER K 107 8.37 24.16 21.26
N GLU K 108 8.80 23.50 22.34
CA GLU K 108 10.21 23.31 22.57
C GLU K 108 10.55 21.89 22.21
N VAL K 109 9.53 21.04 22.23
CA VAL K 109 9.68 19.62 21.89
C VAL K 109 9.37 19.34 20.40
N ASN K 110 10.41 19.14 19.58
CA ASN K 110 10.21 18.88 18.14
C ASN K 110 9.14 17.80 17.97
N SER L 1 -11.36 -48.36 -11.54
CA SER L 1 -11.20 -48.71 -12.99
C SER L 1 -9.75 -49.14 -13.35
N ASP L 2 -8.92 -48.18 -13.77
CA ASP L 2 -7.52 -48.47 -14.12
C ASP L 2 -6.55 -48.27 -12.93
N ALA L 3 -6.19 -49.36 -12.24
CA ALA L 3 -5.26 -49.27 -11.11
C ALA L 3 -3.79 -49.16 -11.59
N LYS L 4 -3.04 -48.25 -10.99
CA LYS L 4 -1.64 -48.03 -11.36
C LYS L 4 -0.82 -47.98 -10.08
N ARG L 5 0.32 -48.67 -10.07
CA ARG L 5 1.15 -48.69 -8.88
C ARG L 5 2.38 -47.77 -9.05
N ILE L 6 2.68 -46.98 -8.02
CA ILE L 6 3.84 -46.08 -8.07
C ILE L 6 4.69 -46.25 -6.85
N GLU L 7 6.00 -46.22 -7.05
CA GLU L 7 6.95 -46.36 -5.95
C GLU L 7 6.73 -45.18 -5.00
N GLY L 8 6.55 -45.47 -3.72
CA GLY L 8 6.32 -44.41 -2.75
C GLY L 8 7.53 -44.07 -1.90
N PHE L 9 7.56 -42.83 -1.44
CA PHE L 9 8.65 -42.35 -0.56
C PHE L 9 8.08 -41.30 0.39
N THR L 10 8.93 -40.83 1.27
CA THR L 10 8.54 -39.77 2.18
C THR L 10 9.78 -38.84 2.18
N LEU L 11 9.55 -37.54 2.26
CA LEU L 11 10.64 -36.60 2.26
C LEU L 11 10.52 -35.85 3.57
N SER L 12 11.57 -35.93 4.38
CA SER L 12 11.55 -35.29 5.68
C SER L 12 12.97 -34.93 6.08
N GLU L 13 13.12 -33.79 6.75
CA GLU L 13 14.44 -33.32 7.15
C GLU L 13 15.40 -33.44 5.96
N GLU L 14 14.88 -33.22 4.75
CA GLU L 14 15.67 -33.27 3.52
C GLU L 14 16.29 -34.61 3.18
N ILE L 15 15.72 -35.67 3.77
CA ILE L 15 16.15 -37.04 3.52
C ILE L 15 15.02 -37.79 2.78
N LEU L 16 15.36 -38.47 1.69
CA LEU L 16 14.37 -39.23 0.95
C LEU L 16 14.42 -40.71 1.40
N LYS L 17 13.28 -41.26 1.75
CA LYS L 17 13.22 -42.64 2.23
C LYS L 17 12.11 -43.40 1.51
N SER L 18 12.42 -44.60 1.05
CA SER L 18 11.46 -45.45 0.37
C SER L 18 10.32 -45.79 1.33
N ASP L 19 9.16 -46.09 0.78
CA ASP L 19 8.01 -46.40 1.61
C ASP L 19 7.02 -47.25 0.83
N LYS L 20 5.83 -47.42 1.41
CA LYS L 20 4.77 -48.20 0.79
C LYS L 20 4.47 -47.72 -0.63
N GLN L 21 4.12 -48.65 -1.51
CA GLN L 21 3.78 -48.30 -2.88
C GLN L 21 2.42 -47.59 -2.79
N LEU L 22 2.11 -46.79 -3.79
CA LEU L 22 0.85 -46.07 -3.78
C LEU L 22 0.07 -46.52 -4.98
N SER L 23 -1.24 -46.65 -4.82
CA SER L 23 -2.05 -47.07 -5.91
C SER L 23 -2.81 -45.87 -6.42
N VAL L 24 -2.56 -45.55 -7.68
CA VAL L 24 -3.17 -44.41 -8.32
C VAL L 24 -3.82 -44.82 -9.64
N ASP L 25 -4.64 -43.96 -10.19
CA ASP L 25 -5.27 -44.27 -11.46
C ASP L 25 -4.52 -43.52 -12.57
N ALA L 26 -4.43 -44.11 -13.77
CA ALA L 26 -3.76 -43.45 -14.90
C ALA L 26 -4.45 -42.16 -15.31
N GLN L 27 -5.70 -41.97 -14.91
CA GLN L 27 -6.48 -40.73 -15.21
C GLN L 27 -5.90 -39.49 -14.49
N PHE L 28 -5.01 -39.74 -13.53
CA PHE L 28 -4.36 -38.66 -12.79
C PHE L 28 -3.36 -37.91 -13.68
N PHE L 29 -2.81 -38.58 -14.68
CA PHE L 29 -1.79 -37.95 -15.51
C PHE L 29 -2.12 -37.82 -16.98
N THR L 30 -2.11 -36.60 -17.51
CA THR L 30 -2.42 -36.43 -18.92
C THR L 30 -1.34 -37.12 -19.75
N LYS L 31 -0.08 -36.91 -19.40
CA LYS L 31 0.99 -37.58 -20.14
C LYS L 31 1.24 -38.89 -19.39
N PRO L 32 1.60 -39.97 -20.09
CA PRO L 32 1.82 -41.20 -19.33
C PRO L 32 2.97 -41.04 -18.35
N LEU L 33 2.78 -41.51 -17.12
CA LEU L 33 3.85 -41.45 -16.13
C LEU L 33 4.34 -42.87 -15.96
N THR L 34 5.41 -43.21 -16.67
CA THR L 34 5.96 -44.55 -16.61
C THR L 34 6.88 -44.72 -15.40
N ASP L 35 8.02 -44.09 -15.34
CA ASP L 35 8.61 -44.36 -14.05
C ASP L 35 8.43 -43.18 -13.16
N GLY L 36 7.51 -43.39 -12.21
CA GLY L 36 7.16 -42.32 -11.32
C GLY L 36 7.37 -42.51 -9.85
N MET L 37 7.47 -41.39 -9.16
CA MET L 37 7.63 -41.43 -7.72
C MET L 37 6.45 -40.69 -7.10
N ALA L 38 6.05 -41.14 -5.93
CA ALA L 38 5.01 -40.49 -5.17
C ALA L 38 5.76 -40.16 -3.88
N ILE L 39 6.02 -38.87 -3.67
CA ILE L 39 6.74 -38.42 -2.49
C ILE L 39 5.81 -37.80 -1.47
N ARG L 40 5.66 -38.42 -0.29
CA ARG L 40 4.81 -37.82 0.71
C ARG L 40 5.67 -36.81 1.41
N SER L 41 5.26 -35.57 1.40
CA SER L 41 6.07 -34.53 2.03
C SER L 41 5.15 -33.45 2.59
N GLU L 42 5.17 -33.30 3.91
CA GLU L 42 4.38 -32.27 4.59
C GLU L 42 2.86 -32.25 4.23
N GLY L 43 2.22 -33.40 4.43
CA GLY L 43 0.80 -33.47 4.14
C GLY L 43 0.38 -33.41 2.70
N LYS L 44 1.34 -33.49 1.79
CA LYS L 44 0.98 -33.47 0.39
C LYS L 44 1.67 -34.66 -0.25
N ILE L 45 1.24 -35.04 -1.45
CA ILE L 45 1.90 -36.13 -2.19
C ILE L 45 2.32 -35.53 -3.54
N TYR L 46 3.62 -35.53 -3.79
CA TYR L 46 4.13 -35.03 -5.06
C TYR L 46 4.37 -36.17 -6.04
N PHE L 47 3.83 -36.06 -7.25
CA PHE L 47 4.08 -37.15 -8.21
C PHE L 47 5.15 -36.68 -9.16
N VAL L 48 6.25 -37.40 -9.12
CA VAL L 48 7.43 -37.06 -9.88
C VAL L 48 7.73 -37.94 -11.04
N ASP L 49 8.23 -37.32 -12.09
CA ASP L 49 8.55 -38.02 -13.30
C ASP L 49 10.05 -38.05 -13.43
N LYS L 50 10.64 -39.22 -13.21
CA LYS L 50 12.06 -39.34 -13.26
C LYS L 50 12.65 -39.21 -14.63
N GLN L 51 11.81 -39.31 -15.66
CA GLN L 51 12.32 -39.25 -17.04
C GLN L 51 12.36 -37.88 -17.68
N ALA L 52 11.77 -36.91 -17.00
CA ALA L 52 11.72 -35.55 -17.53
C ALA L 52 13.06 -34.94 -17.86
N SER L 53 13.05 -34.14 -18.90
CA SER L 53 14.25 -33.46 -19.32
C SER L 53 14.16 -32.06 -18.71
N LEU L 54 15.29 -31.46 -18.36
CA LEU L 54 15.28 -30.13 -17.75
C LEU L 54 14.39 -29.11 -18.49
N SER L 55 13.56 -28.39 -17.75
CA SER L 55 12.69 -27.36 -18.32
C SER L 55 12.17 -26.64 -17.10
N ASP L 56 11.89 -25.35 -17.23
CA ASP L 56 11.36 -24.57 -16.12
C ASP L 56 10.17 -25.30 -15.50
N GLY L 57 10.09 -25.32 -14.18
CA GLY L 57 8.99 -26.02 -13.52
C GLY L 57 9.33 -26.37 -12.08
N LEU L 58 8.55 -27.26 -11.49
CA LEU L 58 8.75 -27.68 -10.09
C LEU L 58 9.51 -29.04 -10.08
N TRP L 59 10.66 -29.09 -9.42
CA TRP L 59 11.45 -30.31 -9.44
C TRP L 59 11.86 -30.86 -8.11
N LEU L 60 12.11 -32.16 -8.13
CA LEU L 60 12.60 -32.86 -6.94
C LEU L 60 14.09 -32.76 -7.19
N VAL L 61 14.82 -32.18 -6.27
CA VAL L 61 16.23 -32.02 -6.48
C VAL L 61 17.08 -32.42 -5.31
N ASP L 62 18.37 -32.56 -5.61
CA ASP L 62 19.40 -32.99 -4.69
C ASP L 62 20.52 -31.94 -4.76
N ILE L 63 20.70 -31.19 -3.69
CA ILE L 63 21.73 -30.17 -3.67
C ILE L 63 22.72 -30.54 -2.60
N GLU L 64 23.93 -30.90 -3.02
CA GLU L 64 24.99 -31.31 -2.10
C GLU L 64 24.44 -32.27 -1.03
N GLY L 65 23.68 -33.25 -1.49
CA GLY L 65 23.13 -34.26 -0.59
C GLY L 65 21.71 -34.01 -0.08
N ALA L 66 21.33 -32.75 0.02
CA ALA L 66 20.00 -32.42 0.52
C ALA L 66 18.93 -32.64 -0.55
N ILE L 67 17.81 -33.24 -0.18
CA ILE L 67 16.77 -33.47 -1.15
C ILE L 67 15.61 -32.53 -0.88
N SER L 68 15.15 -31.84 -1.92
CA SER L 68 14.02 -30.95 -1.75
C SER L 68 13.24 -30.74 -3.02
N ILE L 69 12.15 -30.00 -2.92
CA ILE L 69 11.27 -29.70 -4.03
C ILE L 69 11.41 -28.20 -4.29
N ARG L 70 11.92 -27.84 -5.45
CA ARG L 70 12.12 -26.44 -5.78
C ARG L 70 11.61 -26.04 -7.17
N GLU L 71 11.39 -24.76 -7.33
CA GLU L 71 10.96 -24.25 -8.60
C GLU L 71 12.25 -23.88 -9.33
N LEU L 72 12.49 -24.45 -10.50
CA LEU L 72 13.72 -24.11 -11.21
C LEU L 72 13.41 -23.25 -12.43
N THR L 73 14.33 -22.33 -12.72
CA THR L 73 14.17 -21.45 -13.87
C THR L 73 15.54 -21.25 -14.48
N LYS L 74 15.67 -21.64 -15.74
CA LYS L 74 16.91 -21.52 -16.48
C LYS L 74 17.25 -20.10 -16.80
N LEU L 75 18.52 -19.77 -16.61
CA LEU L 75 19.02 -18.42 -16.91
C LEU L 75 20.18 -18.59 -17.87
N PRO L 76 20.44 -17.55 -18.69
CA PRO L 76 21.54 -17.63 -19.64
C PRO L 76 22.85 -17.96 -18.95
N GLY L 77 23.61 -18.87 -19.53
CA GLY L 77 24.89 -19.23 -18.95
C GLY L 77 24.81 -20.54 -18.19
N ARG L 78 23.88 -21.39 -18.62
CA ARG L 78 23.71 -22.66 -17.95
C ARG L 78 23.53 -22.39 -16.44
N LYS L 79 22.72 -21.40 -16.11
CA LYS L 79 22.47 -21.08 -14.70
C LYS L 79 21.03 -21.41 -14.27
N LEU L 80 20.78 -21.41 -12.97
CA LEU L 80 19.45 -21.67 -12.45
C LEU L 80 18.99 -20.76 -11.34
N HIS L 81 17.73 -20.40 -11.35
CA HIS L 81 17.19 -19.60 -10.26
C HIS L 81 16.49 -20.71 -9.51
N VAL L 82 16.68 -20.74 -8.20
CA VAL L 82 16.12 -21.80 -7.37
C VAL L 82 15.21 -21.25 -6.30
N ALA L 83 13.91 -21.48 -6.42
CA ALA L 83 13.00 -20.93 -5.45
C ALA L 83 12.26 -22.04 -4.71
N GLY L 84 11.57 -21.70 -3.63
CA GLY L 84 10.86 -22.70 -2.90
C GLY L 84 11.31 -22.75 -1.45
N GLY L 85 12.59 -22.48 -1.16
CA GLY L 85 13.08 -22.46 0.20
C GLY L 85 12.83 -21.08 0.79
N LYS L 86 13.28 -20.83 2.01
CA LYS L 86 13.04 -19.52 2.60
C LYS L 86 13.68 -18.41 1.82
N VAL L 87 14.75 -18.72 1.08
CA VAL L 87 15.38 -17.64 0.34
C VAL L 87 15.92 -18.15 -0.97
N PRO L 88 15.38 -17.65 -2.08
CA PRO L 88 15.82 -18.07 -3.42
C PRO L 88 17.27 -17.71 -3.67
N PHE L 89 17.90 -18.44 -4.58
CA PHE L 89 19.29 -18.25 -4.95
C PHE L 89 19.60 -18.76 -6.38
N GLU L 90 20.78 -18.47 -6.88
CA GLU L 90 21.16 -18.92 -8.22
C GLU L 90 22.36 -19.82 -8.13
N CYS L 91 22.64 -20.53 -9.21
CA CYS L 91 23.78 -21.42 -9.23
C CYS L 91 23.81 -22.04 -10.61
N GLY L 92 24.85 -22.84 -10.89
CA GLY L 92 24.96 -23.47 -12.19
C GLY L 92 24.15 -24.74 -12.25
N ILE L 93 23.64 -25.13 -13.43
CA ILE L 93 22.83 -26.35 -13.49
C ILE L 93 23.67 -27.57 -13.09
N ASP L 94 24.99 -27.42 -13.12
CA ASP L 94 25.87 -28.51 -12.72
C ASP L 94 26.12 -28.55 -11.24
N ASP L 95 25.61 -27.58 -10.49
CA ASP L 95 25.80 -27.56 -9.06
C ASP L 95 24.60 -28.26 -8.44
N ILE L 96 23.65 -28.69 -9.26
CA ILE L 96 22.45 -29.31 -8.72
C ILE L 96 22.12 -30.59 -9.46
N LYS L 97 21.48 -31.54 -8.79
CA LYS L 97 21.14 -32.80 -9.47
C LYS L 97 19.63 -32.89 -9.49
N THR L 98 19.06 -33.11 -10.66
CA THR L 98 17.62 -33.18 -10.73
C THR L 98 17.17 -34.63 -10.70
N LEU L 99 16.23 -34.95 -9.84
CA LEU L 99 15.75 -36.31 -9.75
C LEU L 99 14.47 -36.53 -10.58
N GLY L 100 13.71 -35.45 -10.80
CA GLY L 100 12.51 -35.58 -11.58
C GLY L 100 11.64 -34.33 -11.51
N ARG L 101 10.66 -34.25 -12.40
CA ARG L 101 9.78 -33.12 -12.44
C ARG L 101 8.47 -33.49 -11.76
N VAL L 102 7.91 -32.54 -11.03
CA VAL L 102 6.66 -32.78 -10.38
C VAL L 102 5.62 -32.64 -11.47
N VAL L 103 4.78 -33.66 -11.69
CA VAL L 103 3.74 -33.55 -12.71
C VAL L 103 2.41 -33.32 -12.05
N GLY L 104 2.31 -33.60 -10.76
CA GLY L 104 1.06 -33.36 -10.08
C GLY L 104 1.18 -33.39 -8.58
N VAL L 105 0.23 -32.73 -7.90
CA VAL L 105 0.23 -32.70 -6.45
C VAL L 105 -1.14 -32.95 -5.89
N TYR L 106 -1.17 -33.72 -4.81
CA TYR L 106 -2.37 -34.04 -4.09
C TYR L 106 -2.19 -33.48 -2.68
N SER L 107 -3.26 -32.90 -2.19
CA SER L 107 -3.21 -32.33 -0.86
C SER L 107 -4.49 -32.57 -0.15
N GLU L 108 -4.41 -32.67 1.16
CA GLU L 108 -5.62 -32.83 1.95
C GLU L 108 -5.81 -31.49 2.64
N VAL L 109 -4.68 -30.82 2.92
CA VAL L 109 -4.63 -29.53 3.64
C VAL L 109 -4.68 -28.28 2.75
N ASN L 110 -5.82 -27.60 2.83
CA ASN L 110 -6.08 -26.40 2.04
C ASN L 110 -4.98 -25.31 2.22
N SER M 1 4.95 47.47 -19.28
CA SER M 1 4.13 47.56 -20.52
C SER M 1 2.69 48.02 -20.23
N ASP M 2 1.76 47.07 -20.16
CA ASP M 2 0.33 47.34 -19.91
C ASP M 2 -0.05 47.25 -18.41
N ALA M 3 -0.16 48.39 -17.73
CA ALA M 3 -0.52 48.40 -16.31
C ALA M 3 -2.02 48.29 -16.14
N LYS M 4 -2.42 47.46 -15.18
CA LYS M 4 -3.83 47.23 -14.87
C LYS M 4 -3.97 47.29 -13.36
N ARG M 5 -5.01 47.97 -12.88
CA ARG M 5 -5.23 48.10 -11.44
C ARG M 5 -6.41 47.29 -11.02
N ILE M 6 -6.24 46.53 -9.95
CA ILE M 6 -7.33 45.69 -9.44
C ILE M 6 -7.51 45.97 -7.96
N GLU M 7 -8.76 45.97 -7.50
CA GLU M 7 -9.01 46.22 -6.08
C GLU M 7 -8.44 45.12 -5.23
N GLY M 8 -7.76 45.52 -4.18
CA GLY M 8 -7.13 44.53 -3.31
C GLY M 8 -7.91 44.27 -2.02
N PHE M 9 -7.74 43.06 -1.48
CA PHE M 9 -8.42 42.66 -0.27
C PHE M 9 -7.55 41.63 0.42
N THR M 10 -7.82 41.36 1.69
CA THR M 10 -7.10 40.29 2.36
C THR M 10 -8.21 39.42 2.95
N LEU M 11 -7.96 38.11 3.00
CA LEU M 11 -8.91 37.16 3.55
C LEU M 11 -8.23 36.46 4.74
N SER M 12 -8.79 36.67 5.92
CA SER M 12 -8.21 36.04 7.08
C SER M 12 -9.27 35.81 8.16
N GLU M 13 -9.17 34.64 8.81
CA GLU M 13 -10.15 34.23 9.83
C GLU M 13 -11.58 34.28 9.21
N GLU M 14 -11.67 33.95 7.90
CA GLU M 14 -12.92 33.95 7.16
C GLU M 14 -13.57 35.32 6.99
N ILE M 15 -12.77 36.37 7.12
CA ILE M 15 -13.31 37.70 6.95
C ILE M 15 -12.58 38.41 5.81
N LEU M 16 -13.35 39.02 4.91
CA LEU M 16 -12.78 39.70 3.77
C LEU M 16 -12.60 41.15 4.18
N LYS M 17 -11.47 41.75 3.83
CA LYS M 17 -11.16 43.13 4.23
C LYS M 17 -10.43 43.90 3.12
N SER M 18 -10.96 45.06 2.74
CA SER M 18 -10.39 45.83 1.65
C SER M 18 -8.95 46.16 1.96
N ASP M 19 -8.18 46.42 0.92
CA ASP M 19 -6.77 46.71 1.09
C ASP M 19 -6.19 47.45 -0.12
N LYS M 20 -4.87 47.57 -0.18
CA LYS M 20 -4.19 48.27 -1.26
C LYS M 20 -4.56 47.73 -2.63
N GLN M 21 -4.69 48.63 -3.59
CA GLN M 21 -5.01 48.28 -4.96
C GLN M 21 -3.76 47.55 -5.38
N LEU M 22 -3.91 46.66 -6.36
CA LEU M 22 -2.75 45.94 -6.85
C LEU M 22 -2.57 46.25 -8.32
N SER M 23 -1.33 46.41 -8.74
CA SER M 23 -1.06 46.68 -10.14
C SER M 23 -0.65 45.39 -10.82
N VAL M 24 -1.39 45.02 -11.84
CA VAL M 24 -1.14 43.79 -12.56
C VAL M 24 -1.16 44.10 -14.05
N ASP M 25 -0.59 43.22 -14.85
CA ASP M 25 -0.58 43.42 -16.30
C ASP M 25 -1.76 42.62 -16.88
N ALA M 26 -2.32 43.09 -17.98
CA ALA M 26 -3.44 42.38 -18.62
C ALA M 26 -3.03 41.01 -19.20
N GLN M 27 -1.74 40.83 -19.41
CA GLN M 27 -1.22 39.59 -19.94
C GLN M 27 -1.38 38.45 -18.94
N PHE M 28 -1.79 38.79 -17.73
CA PHE M 28 -2.00 37.78 -16.71
C PHE M 28 -3.25 36.95 -17.05
N PHE M 29 -4.21 37.59 -17.70
CA PHE M 29 -5.47 36.92 -17.98
C PHE M 29 -5.74 36.65 -19.44
N THR M 30 -6.06 35.42 -19.76
CA THR M 30 -6.35 35.08 -21.13
C THR M 30 -7.66 35.76 -21.48
N LYS M 31 -8.67 35.60 -20.63
CA LYS M 31 -9.95 36.27 -20.86
C LYS M 31 -9.85 37.61 -20.15
N PRO M 32 -10.54 38.62 -20.69
CA PRO M 32 -10.44 39.92 -20.01
C PRO M 32 -11.02 39.88 -18.59
N LEU M 33 -10.27 40.40 -17.62
CA LEU M 33 -10.76 40.46 -16.22
C LEU M 33 -11.16 41.91 -15.98
N THR M 34 -12.42 42.23 -16.21
CA THR M 34 -12.84 43.61 -16.04
C THR M 34 -13.12 43.93 -14.58
N ASP M 35 -14.10 43.26 -13.99
CA ASP M 35 -14.42 43.56 -12.60
C ASP M 35 -13.75 42.49 -11.75
N GLY M 36 -12.50 42.73 -11.37
CA GLY M 36 -11.80 41.74 -10.59
C GLY M 36 -11.37 42.12 -9.20
N MET M 37 -10.98 41.11 -8.44
CA MET M 37 -10.55 41.30 -7.08
C MET M 37 -9.25 40.55 -6.93
N ALA M 38 -8.35 41.09 -6.14
CA ALA M 38 -7.10 40.42 -5.87
C ALA M 38 -7.22 40.15 -4.38
N ILE M 39 -7.27 38.88 -4.00
CA ILE M 39 -7.40 38.49 -2.60
C ILE M 39 -6.13 37.89 -2.04
N ARG M 40 -5.54 38.60 -1.09
CA ARG M 40 -4.33 38.13 -0.40
C ARG M 40 -4.79 37.12 0.72
N SER M 41 -4.40 35.85 0.56
CA SER M 41 -4.82 34.84 1.53
C SER M 41 -3.79 33.73 1.67
N GLU M 42 -3.20 33.65 2.86
CA GLU M 42 -2.19 32.67 3.18
C GLU M 42 -1.02 32.62 2.24
N GLY M 43 -0.31 33.73 2.11
CA GLY M 43 0.86 33.77 1.26
C GLY M 43 0.63 33.62 -0.24
N LYS M 44 -0.62 33.71 -0.67
CA LYS M 44 -0.94 33.60 -2.08
C LYS M 44 -1.87 34.75 -2.45
N ILE M 45 -1.98 35.04 -3.73
CA ILE M 45 -2.88 36.10 -4.17
C ILE M 45 -3.77 35.50 -5.20
N TYR M 46 -5.07 35.50 -4.90
CA TYR M 46 -6.07 34.93 -5.77
C TYR M 46 -6.70 36.02 -6.61
N PHE M 47 -6.74 35.83 -7.92
CA PHE M 47 -7.41 36.82 -8.76
C PHE M 47 -8.80 36.26 -9.08
N VAL M 48 -9.81 37.06 -8.71
CA VAL M 48 -11.23 36.70 -8.81
C VAL M 48 -11.98 37.51 -9.84
N ASP M 49 -12.90 36.82 -10.51
CA ASP M 49 -13.76 37.40 -11.54
C ASP M 49 -15.19 37.45 -10.99
N LYS M 50 -15.59 38.61 -10.47
CA LYS M 50 -16.93 38.79 -9.93
C LYS M 50 -18.03 38.52 -10.96
N GLN M 51 -17.72 38.72 -12.25
CA GLN M 51 -18.74 38.52 -13.30
C GLN M 51 -19.01 37.09 -13.76
N ALA M 52 -18.11 36.18 -13.40
CA ALA M 52 -18.25 34.78 -13.76
C ALA M 52 -19.62 34.15 -13.46
N SER M 53 -20.05 33.28 -14.38
CA SER M 53 -21.34 32.57 -14.25
C SER M 53 -20.97 31.22 -13.61
N LEU M 54 -21.85 30.69 -12.75
CA LEU M 54 -21.60 29.44 -12.04
C LEU M 54 -21.15 28.39 -13.04
N SER M 55 -20.12 27.63 -12.67
CA SER M 55 -19.59 26.55 -13.51
C SER M 55 -18.55 25.92 -12.65
N ASP M 56 -18.38 24.60 -12.75
CA ASP M 56 -17.40 23.94 -11.88
C ASP M 56 -16.05 24.65 -11.86
N GLY M 57 -15.49 24.81 -10.67
CA GLY M 57 -14.21 25.51 -10.54
C GLY M 57 -13.92 25.95 -9.13
N LEU M 58 -12.90 26.79 -8.99
CA LEU M 58 -12.48 27.32 -7.69
C LEU M 58 -13.18 28.66 -7.48
N TRP M 59 -13.93 28.77 -6.41
CA TRP M 59 -14.64 30.03 -6.15
C TRP M 59 -14.39 30.71 -4.80
N LEU M 60 -14.66 32.02 -4.81
CA LEU M 60 -14.61 32.84 -3.60
C LEU M 60 -16.08 32.77 -3.20
N VAL M 61 -16.34 32.26 -2.00
CA VAL M 61 -17.70 32.12 -1.56
C VAL M 61 -17.99 32.69 -0.19
N ASP M 62 -19.28 32.77 0.05
CA ASP M 62 -19.81 33.27 1.29
C ASP M 62 -20.85 32.24 1.75
N ILE M 63 -20.55 31.56 2.86
CA ILE M 63 -21.48 30.60 3.39
C ILE M 63 -21.89 31.09 4.76
N GLU M 64 -23.15 31.53 4.85
CA GLU M 64 -23.69 32.01 6.12
C GLU M 64 -22.73 32.99 6.78
N GLY M 65 -22.23 33.90 5.95
CA GLY M 65 -21.33 34.90 6.44
C GLY M 65 -19.84 34.61 6.39
N ALA M 66 -19.44 33.35 6.45
CA ALA M 66 -18.02 33.03 6.37
C ALA M 66 -17.54 33.07 4.92
N ILE M 67 -16.41 33.73 4.71
CA ILE M 67 -15.85 33.87 3.39
C ILE M 67 -14.69 32.92 3.17
N SER M 68 -14.70 32.20 2.06
CA SER M 68 -13.60 31.30 1.78
C SER M 68 -13.50 31.00 0.30
N ILE M 69 -12.43 30.28 -0.07
CA ILE M 69 -12.15 29.87 -1.42
C ILE M 69 -12.43 28.37 -1.38
N ARG M 70 -13.32 27.88 -2.26
CA ARG M 70 -13.68 26.46 -2.31
C ARG M 70 -13.84 25.97 -3.73
N GLU M 71 -13.66 24.67 -3.91
CA GLU M 71 -13.79 24.03 -5.22
C GLU M 71 -15.24 23.54 -5.31
N LEU M 72 -16.01 24.14 -6.21
CA LEU M 72 -17.40 23.75 -6.34
C LEU M 72 -17.64 22.79 -7.49
N THR M 73 -18.59 21.87 -7.28
CA THR M 73 -18.98 20.93 -8.30
C THR M 73 -20.51 20.80 -8.26
N LYS M 74 -21.14 21.10 -9.40
CA LYS M 74 -22.56 20.99 -9.52
C LYS M 74 -22.97 19.53 -9.56
N LEU M 75 -24.02 19.20 -8.82
CA LEU M 75 -24.56 17.87 -8.78
C LEU M 75 -26.03 18.03 -9.14
N PRO M 76 -26.62 17.05 -9.85
CA PRO M 76 -28.03 17.13 -10.22
C PRO M 76 -28.93 17.44 -9.03
N GLY M 77 -29.87 18.33 -9.30
CA GLY M 77 -30.82 18.74 -8.27
C GLY M 77 -30.40 20.05 -7.65
N ARG M 78 -29.79 20.91 -8.46
CA ARG M 78 -29.34 22.21 -7.97
C ARG M 78 -28.51 22.05 -6.69
N LYS M 79 -27.73 20.98 -6.62
CA LYS M 79 -26.91 20.70 -5.44
C LYS M 79 -25.45 21.03 -5.73
N LEU M 80 -24.60 21.05 -4.70
CA LEU M 80 -23.17 21.36 -4.86
C LEU M 80 -22.24 20.57 -3.99
N HIS M 81 -21.14 20.15 -4.54
CA HIS M 81 -20.17 19.48 -3.72
C HIS M 81 -19.17 20.61 -3.36
N VAL M 82 -18.88 20.77 -2.08
CA VAL M 82 -17.98 21.83 -1.67
C VAL M 82 -16.72 21.28 -1.03
N ALA M 83 -15.58 21.51 -1.72
CA ALA M 83 -14.31 21.03 -1.22
C ALA M 83 -13.31 22.14 -0.95
N GLY M 84 -12.24 21.78 -0.25
CA GLY M 84 -11.22 22.75 0.05
C GLY M 84 -11.00 22.82 1.55
N GLY M 85 -12.08 22.66 2.31
CA GLY M 85 -12.01 22.73 3.75
C GLY M 85 -11.50 21.43 4.30
N LYS M 86 -11.35 21.31 5.61
CA LYS M 86 -10.83 20.07 6.17
C LYS M 86 -11.68 18.88 5.81
N VAL M 87 -12.97 19.10 5.59
CA VAL M 87 -13.91 18.03 5.26
C VAL M 87 -14.95 18.51 4.25
N PRO M 88 -14.96 17.91 3.08
CA PRO M 88 -15.91 18.31 2.04
C PRO M 88 -17.35 18.03 2.43
N PHE M 89 -18.29 18.62 1.70
CA PHE M 89 -19.70 18.44 2.00
C PHE M 89 -20.60 18.89 0.84
N GLU M 90 -21.87 18.56 0.93
CA GLU M 90 -22.81 18.94 -0.11
C GLU M 90 -23.85 19.88 0.46
N CYS M 91 -24.58 20.52 -0.44
CA CYS M 91 -25.65 21.42 -0.03
C CYS M 91 -26.26 21.95 -1.30
N GLY M 92 -27.29 22.78 -1.16
CA GLY M 92 -27.97 23.34 -2.34
C GLY M 92 -27.25 24.57 -2.79
N ILE M 93 -27.38 24.90 -4.07
CA ILE M 93 -26.68 26.06 -4.62
C ILE M 93 -27.20 27.30 -3.97
N ASP M 94 -28.40 27.21 -3.44
CA ASP M 94 -28.96 28.37 -2.80
C ASP M 94 -28.52 28.54 -1.36
N ASP M 95 -27.79 27.57 -0.83
CA ASP M 95 -27.31 27.67 0.54
C ASP M 95 -25.95 28.35 0.60
N ILE M 96 -25.45 28.75 -0.56
CA ILE M 96 -24.16 29.42 -0.60
C ILE M 96 -24.19 30.57 -1.59
N LYS M 97 -23.41 31.60 -1.32
CA LYS M 97 -23.37 32.72 -2.22
C LYS M 97 -21.98 32.76 -2.89
N THR M 98 -21.99 32.90 -4.21
CA THR M 98 -20.75 32.95 -4.96
C THR M 98 -20.37 34.40 -5.17
N LEU M 99 -19.13 34.75 -4.85
CA LEU M 99 -18.69 36.13 -5.03
C LEU M 99 -17.98 36.27 -6.36
N GLY M 100 -17.35 35.16 -6.77
CA GLY M 100 -16.62 35.20 -8.03
C GLY M 100 -15.75 33.99 -8.19
N ARG M 101 -15.25 33.77 -9.41
CA ARG M 101 -14.42 32.62 -9.67
C ARG M 101 -12.96 33.00 -9.74
N VAL M 102 -12.11 32.12 -9.21
CA VAL M 102 -10.68 32.33 -9.23
C VAL M 102 -10.21 32.06 -10.65
N VAL M 103 -9.58 33.04 -11.28
CA VAL M 103 -9.07 32.81 -12.63
C VAL M 103 -7.60 32.66 -12.64
N GLY M 104 -6.98 32.92 -11.49
CA GLY M 104 -5.54 32.78 -11.45
C GLY M 104 -4.99 32.86 -10.06
N VAL M 105 -3.79 32.31 -9.86
CA VAL M 105 -3.17 32.32 -8.56
C VAL M 105 -1.67 32.62 -8.58
N TYR M 106 -1.27 33.57 -7.74
CA TYR M 106 0.14 33.90 -7.64
C TYR M 106 0.63 33.47 -6.30
N SER M 107 1.77 32.81 -6.32
CA SER M 107 2.34 32.41 -5.08
C SER M 107 3.82 32.61 -5.04
N GLU M 108 4.34 32.78 -3.84
CA GLU M 108 5.78 32.90 -3.65
C GLU M 108 6.22 31.63 -2.95
N VAL M 109 5.29 31.03 -2.16
CA VAL M 109 5.51 29.82 -1.35
C VAL M 109 5.18 28.48 -2.08
N ASN M 110 6.23 27.79 -2.52
CA ASN M 110 6.10 26.51 -3.23
C ASN M 110 5.17 25.49 -2.51
N SER N 1 -16.82 -19.93 -44.28
CA SER N 1 -16.59 -19.12 -45.50
C SER N 1 -15.20 -19.39 -46.09
N ASP N 2 -14.18 -18.67 -45.63
CA ASP N 2 -12.80 -18.85 -46.11
C ASP N 2 -11.92 -19.73 -45.23
N ALA N 3 -11.79 -20.99 -45.62
CA ALA N 3 -10.96 -21.95 -44.90
C ALA N 3 -9.47 -21.74 -45.17
N LYS N 4 -8.68 -21.80 -44.11
CA LYS N 4 -7.23 -21.66 -44.19
C LYS N 4 -6.62 -22.76 -43.32
N ARG N 5 -5.61 -23.44 -43.82
CA ARG N 5 -4.98 -24.50 -43.04
C ARG N 5 -3.60 -24.07 -42.57
N ILE N 6 -3.28 -24.34 -41.30
CA ILE N 6 -1.99 -23.98 -40.73
C ILE N 6 -1.32 -25.19 -40.08
N GLU N 7 -0.01 -25.35 -40.29
CA GLU N 7 0.71 -26.47 -39.70
C GLU N 7 0.58 -26.35 -38.17
N GLY N 8 0.19 -27.42 -37.50
CA GLY N 8 0.00 -27.36 -36.05
C GLY N 8 1.08 -28.04 -35.22
N PHE N 9 1.23 -27.58 -33.98
CA PHE N 9 2.22 -28.12 -33.03
C PHE N 9 1.69 -28.03 -31.60
N THR N 10 2.36 -28.71 -30.69
CA THR N 10 2.02 -28.64 -29.27
C THR N 10 3.37 -28.28 -28.65
N LEU N 11 3.35 -27.50 -27.59
CA LEU N 11 4.56 -27.12 -26.92
C LEU N 11 4.39 -27.56 -25.48
N SER N 12 5.26 -28.45 -25.04
CA SER N 12 5.19 -28.92 -23.67
C SER N 12 6.58 -29.28 -23.17
N GLU N 13 6.79 -28.98 -21.90
CA GLU N 13 8.07 -29.24 -21.25
C GLU N 13 9.18 -28.61 -22.07
N GLU N 14 8.85 -27.50 -22.72
CA GLU N 14 9.80 -26.77 -23.58
C GLU N 14 10.24 -27.53 -24.87
N ILE N 15 9.43 -28.51 -25.25
CA ILE N 15 9.67 -29.32 -26.43
C ILE N 15 8.60 -29.04 -27.48
N LEU N 16 9.01 -28.71 -28.69
CA LEU N 16 8.02 -28.47 -29.75
C LEU N 16 7.80 -29.76 -30.52
N LYS N 17 6.54 -30.10 -30.73
CA LYS N 17 6.22 -31.35 -31.44
C LYS N 17 5.12 -31.11 -32.49
N SER N 18 5.33 -31.65 -33.69
CA SER N 18 4.37 -31.46 -34.79
C SER N 18 3.09 -32.18 -34.45
N ASP N 19 1.98 -31.71 -35.03
CA ASP N 19 0.67 -32.32 -34.76
C ASP N 19 -0.33 -32.08 -35.90
N LYS N 20 -1.59 -32.38 -35.62
CA LYS N 20 -2.67 -32.21 -36.58
C LYS N 20 -2.71 -30.78 -37.16
N GLN N 21 -3.05 -30.66 -38.45
CA GLN N 21 -3.16 -29.36 -39.05
C GLN N 21 -4.35 -28.67 -38.42
N LEU N 22 -4.37 -27.33 -38.42
CA LEU N 22 -5.49 -26.63 -37.80
C LEU N 22 -6.18 -25.76 -38.81
N SER N 23 -7.50 -25.86 -38.87
CA SER N 23 -8.24 -25.08 -39.83
C SER N 23 -8.72 -23.77 -39.25
N VAL N 24 -8.23 -22.68 -39.82
CA VAL N 24 -8.61 -21.35 -39.36
C VAL N 24 -9.08 -20.48 -40.53
N ASP N 25 -9.78 -19.40 -40.24
CA ASP N 25 -10.28 -18.50 -41.29
C ASP N 25 -9.32 -17.30 -41.42
N ALA N 26 -9.10 -16.82 -42.63
CA ALA N 26 -8.18 -15.69 -42.85
C ALA N 26 -8.60 -14.41 -42.11
N GLN N 27 -9.87 -14.32 -41.75
CA GLN N 27 -10.37 -13.15 -41.03
C GLN N 27 -9.73 -13.03 -39.66
N PHE N 28 -9.03 -14.08 -39.23
CA PHE N 28 -8.37 -14.11 -37.92
C PHE N 28 -7.18 -13.20 -37.90
N PHE N 29 -6.59 -12.99 -39.07
CA PHE N 29 -5.40 -12.19 -39.17
C PHE N 29 -5.54 -10.96 -40.04
N THR N 30 -5.22 -9.80 -39.46
CA THR N 30 -5.28 -8.52 -40.16
C THR N 30 -4.27 -8.57 -41.29
N LYS N 31 -3.03 -8.90 -40.92
CA LYS N 31 -1.97 -9.02 -41.91
C LYS N 31 -2.04 -10.45 -42.38
N PRO N 32 -1.75 -10.68 -43.64
CA PRO N 32 -1.79 -12.04 -44.15
C PRO N 32 -0.76 -12.90 -43.43
N LEU N 33 -1.18 -14.10 -43.00
CA LEU N 33 -0.29 -15.03 -42.32
C LEU N 33 -0.01 -16.17 -43.30
N THR N 34 1.03 -16.00 -44.10
CA THR N 34 1.38 -17.01 -45.09
C THR N 34 2.06 -18.22 -44.47
N ASP N 35 3.24 -18.03 -43.92
CA ASP N 35 3.91 -19.17 -43.31
C ASP N 35 3.65 -19.14 -41.79
N GLY N 36 2.60 -19.81 -41.34
CA GLY N 36 2.31 -19.77 -39.93
C GLY N 36 2.30 -21.08 -39.17
N MET N 37 2.31 -20.96 -37.84
CA MET N 37 2.27 -22.12 -36.98
C MET N 37 1.10 -21.92 -36.04
N ALA N 38 0.51 -23.01 -35.61
CA ALA N 38 -0.56 -22.95 -34.65
C ALA N 38 0.05 -23.75 -33.50
N ILE N 39 0.45 -23.09 -32.42
CA ILE N 39 1.06 -23.83 -31.33
C ILE N 39 0.13 -24.03 -30.17
N ARG N 40 -0.16 -25.27 -29.84
CA ARG N 40 -1.02 -25.57 -28.69
C ARG N 40 -0.11 -25.60 -27.43
N SER N 41 -0.37 -24.70 -26.48
CA SER N 41 0.42 -24.63 -25.24
C SER N 41 -0.45 -24.23 -24.06
N GLU N 42 -0.46 -25.10 -23.05
CA GLU N 42 -1.24 -24.88 -21.84
C GLU N 42 -2.64 -24.31 -22.04
N GLY N 43 -3.48 -25.07 -22.75
CA GLY N 43 -4.85 -24.66 -22.98
C GLY N 43 -5.06 -23.41 -23.83
N LYS N 44 -4.04 -23.01 -24.59
CA LYS N 44 -4.15 -21.86 -25.47
C LYS N 44 -3.58 -22.22 -26.85
N ILE N 45 -3.94 -21.44 -27.84
CA ILE N 45 -3.40 -21.71 -29.16
C ILE N 45 -2.83 -20.43 -29.67
N TYR N 46 -1.51 -20.42 -29.78
CA TYR N 46 -0.73 -19.29 -30.27
C TYR N 46 -0.54 -19.43 -31.78
N PHE N 47 -0.81 -18.36 -32.52
CA PHE N 47 -0.65 -18.35 -33.96
C PHE N 47 0.63 -17.56 -34.22
N VAL N 48 1.58 -18.21 -34.84
CA VAL N 48 2.88 -17.61 -35.06
C VAL N 48 3.27 -17.37 -36.50
N ASP N 49 3.95 -16.26 -36.75
CA ASP N 49 4.40 -15.87 -38.06
C ASP N 49 5.91 -16.08 -38.14
N LYS N 50 6.31 -17.15 -38.81
CA LYS N 50 7.72 -17.52 -38.98
C LYS N 50 8.52 -16.51 -39.79
N GLN N 51 7.84 -15.64 -40.56
CA GLN N 51 8.51 -14.67 -41.40
C GLN N 51 8.77 -13.32 -40.77
N ALA N 52 8.12 -13.06 -39.63
CA ALA N 52 8.28 -11.79 -38.92
C ALA N 52 9.72 -11.41 -38.64
N SER N 53 10.00 -10.10 -38.76
CA SER N 53 11.35 -9.50 -38.51
C SER N 53 11.33 -9.13 -37.06
N LEU N 54 12.49 -9.19 -36.41
CA LEU N 54 12.58 -8.87 -34.98
C LEU N 54 11.97 -7.53 -34.68
N SER N 55 11.09 -7.48 -33.70
CA SER N 55 10.51 -6.22 -33.26
C SER N 55 9.93 -6.51 -31.87
N ASP N 56 9.94 -5.52 -30.97
CA ASP N 56 9.43 -5.75 -29.61
C ASP N 56 8.05 -6.45 -29.69
N GLY N 57 7.83 -7.47 -28.86
CA GLY N 57 6.57 -8.19 -28.90
C GLY N 57 6.64 -9.59 -28.30
N LEU N 58 5.63 -10.43 -28.53
CA LEU N 58 5.61 -11.79 -28.00
C LEU N 58 6.17 -12.76 -29.05
N TRP N 59 7.22 -13.50 -28.72
CA TRP N 59 7.77 -14.43 -29.69
C TRP N 59 7.87 -15.87 -29.24
N LEU N 60 8.04 -16.73 -30.25
CA LEU N 60 8.28 -18.16 -30.05
C LEU N 60 9.80 -18.21 -30.17
N VAL N 61 10.51 -18.60 -29.12
CA VAL N 61 11.95 -18.63 -29.17
C VAL N 61 12.57 -19.96 -28.78
N ASP N 62 13.86 -20.07 -29.06
CA ASP N 62 14.65 -21.26 -28.79
C ASP N 62 15.89 -20.77 -28.08
N ILE N 63 15.98 -21.08 -26.80
CA ILE N 63 17.12 -20.66 -26.01
C ILE N 63 17.90 -21.88 -25.62
N GLU N 64 19.10 -22.01 -26.17
CA GLU N 64 19.94 -23.16 -25.86
C GLU N 64 19.11 -24.44 -25.94
N GLY N 65 18.30 -24.58 -27.00
CA GLY N 65 17.50 -25.79 -27.18
C GLY N 65 16.10 -25.78 -26.58
N ALA N 66 15.87 -24.96 -25.56
CA ALA N 66 14.55 -24.90 -24.94
C ALA N 66 13.60 -24.01 -25.78
N ILE N 67 12.41 -24.51 -26.06
CA ILE N 67 11.45 -23.72 -26.82
C ILE N 67 10.40 -23.13 -25.88
N SER N 68 10.13 -21.84 -26.04
CA SER N 68 9.14 -21.17 -25.22
C SER N 68 8.64 -19.90 -25.88
N ILE N 69 7.56 -19.36 -25.33
CA ILE N 69 6.97 -18.12 -25.81
C ILE N 69 7.39 -17.02 -24.84
N ARG N 70 8.09 -16.01 -25.34
CA ARG N 70 8.54 -14.95 -24.48
C ARG N 70 8.25 -13.54 -25.00
N GLU N 71 8.32 -12.56 -24.11
CA GLU N 71 8.11 -11.18 -24.51
C GLU N 71 9.53 -10.66 -24.71
N LEU N 72 9.83 -10.18 -25.92
CA LEU N 72 11.16 -9.66 -26.20
C LEU N 72 11.17 -8.15 -26.33
N THR N 73 12.17 -7.50 -25.76
CA THR N 73 12.27 -6.05 -25.84
C THR N 73 13.70 -5.73 -26.13
N LYS N 74 13.92 -4.98 -27.21
CA LYS N 74 15.27 -4.59 -27.62
C LYS N 74 15.90 -3.54 -26.72
N LEU N 75 17.13 -3.78 -26.34
CA LEU N 75 17.88 -2.82 -25.55
C LEU N 75 19.10 -2.40 -26.36
N PRO N 76 19.57 -1.18 -26.14
CA PRO N 76 20.73 -0.71 -26.88
C PRO N 76 21.89 -1.68 -26.73
N GLY N 77 22.57 -1.95 -27.84
CA GLY N 77 23.72 -2.85 -27.78
C GLY N 77 23.43 -4.25 -28.25
N ARG N 78 22.47 -4.37 -29.16
CA ARG N 78 22.09 -5.68 -29.68
C ARG N 78 21.68 -6.56 -28.51
N LYS N 79 21.01 -5.98 -27.51
CA LYS N 79 20.60 -6.76 -26.35
C LYS N 79 19.10 -6.94 -26.26
N LEU N 80 18.69 -7.87 -25.40
CA LEU N 80 17.28 -8.18 -25.25
C LEU N 80 16.79 -8.41 -23.84
N HIS N 81 15.62 -7.89 -23.54
CA HIS N 81 15.04 -8.16 -22.25
C HIS N 81 14.08 -9.31 -22.59
N VAL N 82 14.11 -10.39 -21.81
CA VAL N 82 13.28 -11.55 -22.06
C VAL N 82 12.40 -11.82 -20.85
N ALA N 83 11.12 -11.61 -21.03
CA ALA N 83 10.12 -11.80 -19.99
C ALA N 83 9.16 -12.93 -20.36
N GLY N 84 8.39 -13.39 -19.38
CA GLY N 84 7.43 -14.45 -19.65
C GLY N 84 7.63 -15.63 -18.78
N GLY N 85 8.87 -15.90 -18.38
CA GLY N 85 9.17 -17.02 -17.49
C GLY N 85 9.06 -16.49 -16.05
N LYS N 86 9.32 -17.34 -15.06
CA LYS N 86 9.24 -16.92 -13.66
C LYS N 86 10.15 -15.76 -13.38
N VAL N 87 11.33 -15.70 -13.97
CA VAL N 87 12.18 -14.53 -13.72
C VAL N 87 12.80 -13.96 -15.04
N PRO N 88 12.50 -12.69 -15.35
CA PRO N 88 13.02 -12.08 -16.57
C PRO N 88 14.53 -11.98 -16.51
N PHE N 89 15.14 -11.75 -17.67
CA PHE N 89 16.58 -11.61 -17.76
C PHE N 89 16.98 -10.93 -19.05
N GLU N 90 18.29 -10.68 -19.17
CA GLU N 90 18.82 -10.02 -20.35
C GLU N 90 19.86 -10.86 -21.01
N CYS N 91 20.09 -10.61 -22.29
CA CYS N 91 21.11 -11.34 -23.02
C CYS N 91 21.18 -10.69 -24.37
N GLY N 92 22.18 -11.08 -25.18
CA GLY N 92 22.35 -10.52 -26.49
C GLY N 92 21.37 -11.14 -27.45
N ILE N 93 21.06 -10.47 -28.56
CA ILE N 93 20.09 -11.04 -29.49
C ILE N 93 20.67 -12.28 -30.15
N ASP N 94 22.00 -12.42 -30.10
CA ASP N 94 22.63 -13.60 -30.68
C ASP N 94 22.68 -14.80 -29.76
N ASP N 95 22.22 -14.65 -28.52
CA ASP N 95 22.22 -15.77 -27.59
C ASP N 95 20.89 -16.50 -27.69
N ILE N 96 19.98 -15.97 -28.50
CA ILE N 96 18.66 -16.58 -28.64
C ILE N 96 18.29 -16.71 -30.11
N LYS N 97 17.44 -17.68 -30.42
CA LYS N 97 16.98 -17.92 -31.79
C LYS N 97 15.47 -17.68 -31.85
N THR N 98 15.04 -16.76 -32.70
CA THR N 98 13.60 -16.49 -32.80
C THR N 98 12.95 -17.36 -33.86
N LEU N 99 11.87 -18.03 -33.50
CA LEU N 99 11.22 -18.87 -34.48
C LEU N 99 10.09 -18.16 -35.21
N GLY N 100 9.46 -17.19 -34.56
CA GLY N 100 8.37 -16.47 -35.18
C GLY N 100 7.70 -15.58 -34.16
N ARG N 101 6.87 -14.66 -34.64
CA ARG N 101 6.19 -13.76 -33.72
C ARG N 101 4.72 -14.17 -33.56
N VAL N 102 4.23 -14.13 -32.32
CA VAL N 102 2.84 -14.46 -32.03
C VAL N 102 2.00 -13.33 -32.61
N VAL N 103 1.03 -13.64 -33.46
CA VAL N 103 0.23 -12.57 -34.03
C VAL N 103 -1.18 -12.62 -33.46
N GLY N 104 -1.49 -13.68 -32.74
CA GLY N 104 -2.82 -13.76 -32.18
C GLY N 104 -2.90 -14.89 -31.18
N VAL N 105 -3.92 -14.89 -30.32
CA VAL N 105 -4.04 -15.93 -29.32
C VAL N 105 -5.46 -16.37 -29.08
N TYR N 106 -5.70 -17.68 -29.07
CA TYR N 106 -7.01 -18.18 -28.79
C TYR N 106 -6.97 -18.90 -27.44
N SER N 107 -7.98 -18.67 -26.62
CA SER N 107 -8.03 -19.33 -25.33
C SER N 107 -9.44 -19.73 -25.00
N GLU N 108 -9.55 -20.85 -24.30
CA GLU N 108 -10.86 -21.31 -23.85
C GLU N 108 -10.93 -20.94 -22.36
N VAL N 109 -9.76 -20.96 -21.71
CA VAL N 109 -9.59 -20.67 -20.26
C VAL N 109 -9.29 -19.19 -19.92
N ASN N 110 -10.29 -18.57 -19.30
CA ASN N 110 -10.23 -17.16 -18.94
C ASN N 110 -9.17 -16.80 -17.90
#